data_8JVI
#
_entry.id   8JVI
#
_cell.length_a   1.00
_cell.length_b   1.00
_cell.length_c   1.00
_cell.angle_alpha   90.00
_cell.angle_beta   90.00
_cell.angle_gamma   90.00
#
_symmetry.space_group_name_H-M   'P 1'
#
loop_
_entity.id
_entity.type
_entity.pdbx_description
1 polymer 'Transient receptor potential cation channel subfamily V member 4,3C-GFP'
2 non-polymer [6-[[4-(2,4-dimethyl-1,3-thiazol-5-yl)-1,3-thiazol-2-yl]amino]pyridin-3-yl]-[(1~{S},5~{R})-3-[5-(trifluoromethyl)pyrimidin-2-yl]-3,8-diazabicyclo[3.2.1]octan-8-yl]methanone
#
_entity_poly.entity_id   1
_entity_poly.type   'polypeptide(L)'
_entity_poly.pdbx_seq_one_letter_code
;MADSSEGPRAGPGEVAELPGDESGTPGGEAFPLSSLANLFEGEDGSLSPSPADASRPAGPGDGRPNLRMKFQGAFRKGVP
NPIDLLESTLYESSVVPGPKKAPMDSLFDYGTYRHHSSDNKRWRKKIIEKQPQSPKAPAPQPPPILKVFNRPILFDIVSR
GSTADLDGLLPFLLTHKKRLTDEEFREPSTGKTCLPKALLNLSNGRNDTIPVLLDIAERTGNMREFINSPFRDIYYRGQT
ALHIAIERRCKHYVELLVAQGADVHAQARGRFFQPKDEGGYFYFGELPLSLAACTNQPHIVNYLTENPHKKADMRRQDSR
GNTVLHALVAIADNTRENTKFVTKMYDLLLLKCARLFPDSNLEAVLNNDGLSPLMMAAKTGKIGIFQHIIRREVTDEDTR
HLSRKFKDWAYGPVYSSLYDLSSLDTCGEEASVLEILVYNSKIENRHEMLAVEPINELLRDKWRKFGAVSFYINVVSYLC
AMVIFTLTAYYQPLEGTPPYPYRTTVDYLRLAGEVITLFTGVLFFFTNIKDLFMKKCPGVNSLFIDGSFQLLYFIYSVLV
IVSAALYLAGIEAYLAVMVFALVLGWMNALYFTRGLKLTGTYSIMIQKILFKDLFRFLLVYLLFMIGYASALVSLLNPCA
NMKVCNEDQTNCTVPTYPSCRDSETFSTFLLDLFKLTIGMGDLEMLSSTKYPVVFIILLVTYIILTFVLLLNMLIALMGE
TVGQVSKESKHIWKLQWATTILDIERSFPVFLRKAFRSGEMVTVGKSSDGTPDRRWCFRVDEVNWSHWNQNLGIINEDPG
KNETYQYYGFSHTVGRLRRDRWSSVVPRVVELNKNSNPDEVVVPLDSMGNPRCDGHQQGYPRKWRTDDAPLAAALEVLFQ
GPSKGEELFTGVVPILVELDGDVNGHKFSVRGEGEGDATNGKLTLKFICTTGKLPVPWPTLVTTLTYGVQCFSRYPDHMK
RHDFFKSAMPEGYVQERTISFKDDGTYKTRAEVKFEGDTLVNRIELKGIDFKEDGNILGHKLEYNFNSHNVYITADKQKN
GIKANFKIRHNVEDGSVQLADHYQQNTPIGDGPVLLPDNHYLSTQSVLSKDPNEKRDHMVLLEFVTAAGITHGMDEWSHP
QFEKGGGSGGGSGGSAWSHPQFEK
;
_entity_poly.pdbx_strand_id   B,C,D,A
#
loop_
_chem_comp.id
_chem_comp.type
_chem_comp.name
_chem_comp.formula
F9M non-polymer [6-[[4-(2,4-dimethyl-1,3-thiazol-5-yl)-1,3-thiazol-2-yl]amino]pyridin-3-yl]-[(1~{S},5~{R})-3-[5-(trifluoromethyl)pyrimidin-2-yl]-3,8-diazabicyclo[3.2.1]octan-8-yl]methanone 'C25 H23 F3 N8 O S2'
#
# COMPACT_ATOMS: atom_id res chain seq x y z
N VAL A 148 51.52 47.18 30.26
CA VAL A 148 51.12 47.51 28.91
C VAL A 148 50.18 46.43 28.36
N PHE A 149 50.55 45.17 28.56
CA PHE A 149 49.76 44.03 28.10
C PHE A 149 49.16 43.33 29.31
N ASN A 150 47.84 43.16 29.30
CA ASN A 150 47.12 42.44 30.34
C ASN A 150 46.27 41.34 29.69
N ARG A 151 45.63 40.53 30.53
CA ARG A 151 44.85 39.41 30.02
C ARG A 151 43.70 39.85 29.13
N PRO A 152 42.82 40.78 29.52
CA PRO A 152 41.72 41.15 28.62
C PRO A 152 42.20 41.80 27.33
N ILE A 153 43.20 42.68 27.42
CA ILE A 153 43.71 43.36 26.22
C ILE A 153 44.33 42.36 25.26
N LEU A 154 45.18 41.45 25.79
CA LEU A 154 45.80 40.45 24.94
C LEU A 154 44.76 39.52 24.33
N PHE A 155 43.76 39.11 25.12
CA PHE A 155 42.72 38.24 24.59
C PHE A 155 41.95 38.91 23.48
N ASP A 156 41.57 40.18 23.65
CA ASP A 156 40.86 40.90 22.61
C ASP A 156 41.72 41.05 21.37
N ILE A 157 43.00 41.36 21.54
CA ILE A 157 43.90 41.56 20.41
C ILE A 157 44.04 40.27 19.61
N VAL A 158 44.25 39.15 20.31
CA VAL A 158 44.44 37.89 19.59
C VAL A 158 43.13 37.40 18.98
N SER A 159 41.99 37.72 19.61
CA SER A 159 40.71 37.38 19.01
C SER A 159 40.46 38.19 17.74
N ARG A 160 40.91 39.44 17.72
CA ARG A 160 40.76 40.26 16.51
C ARG A 160 41.58 39.74 15.34
N GLY A 161 42.54 38.86 15.60
CA GLY A 161 43.33 38.26 14.54
C GLY A 161 44.19 39.24 13.76
N SER A 162 44.87 40.14 14.48
CA SER A 162 45.75 41.11 13.85
C SER A 162 47.10 41.08 14.57
N THR A 163 48.15 40.73 13.83
CA THR A 163 49.49 40.66 14.40
C THR A 163 50.21 42.00 14.28
N ALA A 164 49.54 43.07 14.70
CA ALA A 164 50.11 44.41 14.71
C ALA A 164 50.11 45.04 16.08
N ASP A 165 49.01 44.92 16.83
CA ASP A 165 48.92 45.49 18.17
C ASP A 165 49.63 44.64 19.21
N LEU A 166 49.95 43.38 18.89
CA LEU A 166 50.66 42.51 19.82
C LEU A 166 52.17 42.67 19.73
N ASP A 167 52.66 43.53 18.83
CA ASP A 167 54.10 43.76 18.73
C ASP A 167 54.61 44.42 20.01
N GLY A 168 55.81 44.02 20.42
CA GLY A 168 56.39 44.49 21.67
C GLY A 168 55.98 43.70 22.89
N LEU A 169 55.12 42.68 22.74
CA LEU A 169 54.75 41.86 23.88
C LEU A 169 55.94 41.07 24.41
N LEU A 170 56.77 40.53 23.51
CA LEU A 170 57.92 39.74 23.94
C LEU A 170 58.92 40.54 24.76
N PRO A 171 59.39 41.73 24.34
CA PRO A 171 60.32 42.47 25.20
C PRO A 171 59.71 42.89 26.53
N PHE A 172 58.46 43.35 26.52
CA PHE A 172 57.82 43.75 27.78
C PHE A 172 57.67 42.56 28.72
N LEU A 173 57.40 41.39 28.16
CA LEU A 173 57.24 40.20 29.00
C LEU A 173 58.58 39.71 29.54
N LEU A 174 59.64 39.79 28.74
CA LEU A 174 60.94 39.29 29.19
C LEU A 174 61.59 40.25 30.19
N THR A 175 61.38 41.56 30.03
CA THR A 175 61.96 42.51 30.98
C THR A 175 61.34 42.34 32.38
N HIS A 176 60.06 42.04 32.45
CA HIS A 176 59.37 41.88 33.73
C HIS A 176 59.51 40.48 34.30
N LYS A 177 60.21 39.58 33.60
CA LYS A 177 60.42 38.20 34.05
C LYS A 177 59.08 37.49 34.27
N LYS A 178 58.30 37.41 33.19
CA LYS A 178 56.99 36.78 33.20
C LYS A 178 56.98 35.60 32.23
N ARG A 179 55.83 34.94 32.16
CA ARG A 179 55.63 33.84 31.23
C ARG A 179 54.18 33.85 30.74
N LEU A 180 53.97 33.25 29.57
CA LEU A 180 52.62 33.18 29.01
C LEU A 180 51.71 32.24 29.77
N THR A 181 52.27 31.37 30.62
CA THR A 181 51.49 30.36 31.33
C THR A 181 51.24 30.71 32.78
N ASP A 182 51.53 31.94 33.20
CA ASP A 182 51.29 32.33 34.59
C ASP A 182 49.79 32.38 34.88
N GLU A 183 49.43 32.00 36.11
CA GLU A 183 48.01 31.93 36.49
C GLU A 183 47.35 33.31 36.43
N GLU A 184 48.04 34.34 36.89
CA GLU A 184 47.52 35.70 36.86
C GLU A 184 47.52 36.29 35.46
N PHE A 185 47.88 35.50 34.44
CA PHE A 185 47.94 35.96 33.06
C PHE A 185 46.96 35.24 32.15
N ARG A 186 46.51 34.05 32.53
CA ARG A 186 45.58 33.25 31.75
C ARG A 186 44.17 33.38 32.32
N GLU A 187 43.20 32.84 31.57
CA GLU A 187 41.82 32.88 32.00
C GLU A 187 41.64 32.10 33.29
N PRO A 188 41.03 32.68 34.33
CA PRO A 188 40.98 32.00 35.64
C PRO A 188 39.97 30.87 35.72
N SER A 189 38.82 31.03 35.06
CA SER A 189 37.74 30.06 35.21
C SER A 189 38.12 28.70 34.64
N THR A 190 38.66 28.69 33.42
CA THR A 190 39.02 27.44 32.76
C THR A 190 40.52 27.18 32.81
N GLY A 191 41.31 28.14 32.33
CA GLY A 191 42.74 27.94 32.21
C GLY A 191 43.19 28.20 30.79
N LYS A 192 42.26 28.67 29.96
CA LYS A 192 42.55 28.98 28.58
C LYS A 192 43.64 30.04 28.47
N THR A 193 44.58 29.84 27.56
CA THR A 193 45.64 30.78 27.30
C THR A 193 45.46 31.40 25.91
N CYS A 194 46.45 32.18 25.49
CA CYS A 194 46.33 32.92 24.23
C CYS A 194 46.21 31.99 23.03
N LEU A 195 46.93 30.86 23.04
CA LEU A 195 46.89 29.95 21.89
C LEU A 195 45.51 29.32 21.68
N PRO A 196 44.86 28.73 22.70
CA PRO A 196 43.49 28.25 22.47
C PRO A 196 42.51 29.35 22.09
N LYS A 197 42.70 30.56 22.62
CA LYS A 197 41.84 31.67 22.22
C LYS A 197 42.01 32.00 20.75
N ALA A 198 43.26 31.98 20.26
CA ALA A 198 43.51 32.21 18.84
C ALA A 198 42.88 31.11 18.00
N LEU A 199 43.02 29.86 18.43
CA LEU A 199 42.49 28.75 17.64
C LEU A 199 40.97 28.77 17.59
N LEU A 200 40.32 29.07 18.72
CA LEU A 200 38.86 29.12 18.76
C LEU A 200 38.33 30.28 17.92
N ASN A 201 38.98 31.44 17.99
CA ASN A 201 38.55 32.63 17.26
C ASN A 201 39.08 32.67 15.83
N LEU A 202 39.47 31.52 15.28
CA LEU A 202 39.96 31.47 13.92
C LEU A 202 38.87 31.86 12.93
N SER A 203 39.27 32.58 11.89
CA SER A 203 38.35 33.04 10.85
C SER A 203 38.96 32.82 9.48
N ASN A 204 38.11 32.44 8.52
CA ASN A 204 38.46 32.26 7.12
C ASN A 204 39.52 31.19 6.90
N GLY A 205 39.71 30.28 7.85
CA GLY A 205 40.62 29.17 7.69
C GLY A 205 42.06 29.42 8.13
N ARG A 206 42.41 30.65 8.47
CA ARG A 206 43.77 30.97 8.88
C ARG A 206 43.74 32.14 9.86
N ASN A 207 44.73 32.15 10.74
CA ASN A 207 44.89 33.23 11.72
C ASN A 207 46.37 33.45 11.92
N ASP A 208 46.88 34.60 11.47
CA ASP A 208 48.31 34.85 11.44
C ASP A 208 48.91 35.07 12.82
N THR A 209 48.10 35.18 13.86
CA THR A 209 48.62 35.45 15.20
C THR A 209 49.44 34.28 15.73
N ILE A 210 49.00 33.04 15.47
CA ILE A 210 49.62 31.87 16.08
C ILE A 210 51.12 31.76 15.80
N PRO A 211 51.61 31.94 14.56
CA PRO A 211 53.06 31.87 14.37
C PRO A 211 53.84 32.86 15.21
N VAL A 212 53.36 34.11 15.32
CA VAL A 212 54.06 35.10 16.13
C VAL A 212 53.97 34.76 17.61
N LEU A 213 52.82 34.23 18.04
CA LEU A 213 52.65 33.82 19.43
C LEU A 213 53.63 32.72 19.79
N LEU A 214 53.80 31.73 18.91
CA LEU A 214 54.77 30.66 19.15
C LEU A 214 56.20 31.18 19.08
N ASP A 215 56.45 32.15 18.20
CA ASP A 215 57.78 32.76 18.13
C ASP A 215 58.12 33.45 19.43
N ILE A 216 57.16 34.15 20.03
CA ILE A 216 57.39 34.74 21.35
C ILE A 216 57.56 33.65 22.40
N ALA A 217 56.74 32.61 22.34
CA ALA A 217 56.75 31.58 23.37
C ALA A 217 58.08 30.86 23.44
N GLU A 218 58.70 30.58 22.28
CA GLU A 218 59.98 29.87 22.32
C GLU A 218 61.07 30.73 22.96
N ARG A 219 61.03 32.05 22.77
CA ARG A 219 61.96 32.90 23.51
C ARG A 219 61.63 32.96 24.99
N THR A 220 60.35 32.84 25.34
CA THR A 220 60.00 32.82 26.76
C THR A 220 60.49 31.58 27.48
N GLY A 221 60.97 30.58 26.74
CA GLY A 221 61.48 29.36 27.34
C GLY A 221 60.44 28.49 28.00
N ASN A 222 59.26 28.38 27.39
CA ASN A 222 58.21 27.49 27.88
C ASN A 222 57.49 26.80 26.73
N MET A 223 58.21 26.50 25.65
CA MET A 223 57.57 25.95 24.45
C MET A 223 56.90 24.62 24.75
N ARG A 224 57.56 23.75 25.51
CA ARG A 224 56.92 22.50 25.91
C ARG A 224 55.68 22.75 26.75
N GLU A 225 55.75 23.71 27.67
CA GLU A 225 54.61 24.03 28.52
C GLU A 225 53.60 24.93 27.83
N PHE A 226 54.02 25.71 26.82
CA PHE A 226 53.10 26.65 26.19
C PHE A 226 51.95 25.92 25.49
N ILE A 227 52.27 24.93 24.66
CA ILE A 227 51.22 24.15 23.98
C ILE A 227 50.89 23.00 24.92
N ASN A 228 50.13 23.32 25.95
CA ASN A 228 49.54 22.37 26.90
C ASN A 228 48.57 23.16 27.76
N SER A 229 47.33 22.69 27.88
CA SER A 229 46.29 23.45 28.58
C SER A 229 45.25 22.49 29.13
N PRO A 230 45.53 21.85 30.26
CA PRO A 230 44.50 21.07 30.93
C PRO A 230 43.50 21.98 31.63
N PHE A 231 42.50 22.44 30.88
CA PHE A 231 41.49 23.37 31.41
C PHE A 231 40.97 22.87 32.75
N ARG A 232 41.17 23.67 33.79
CA ARG A 232 40.75 23.29 35.13
C ARG A 232 39.24 23.16 35.25
N ASP A 233 38.48 23.72 34.29
CA ASP A 233 37.04 23.61 34.33
C ASP A 233 36.63 22.15 34.20
N ILE A 234 35.55 21.78 34.90
CA ILE A 234 35.08 20.40 34.87
C ILE A 234 34.63 20.02 33.47
N TYR A 235 33.95 20.92 32.77
CA TYR A 235 33.40 20.60 31.45
C TYR A 235 34.48 20.41 30.39
N TYR A 236 35.63 21.06 30.51
CA TYR A 236 36.63 21.05 29.46
C TYR A 236 37.96 20.51 29.97
N ARG A 237 37.90 19.62 30.96
CA ARG A 237 39.10 19.10 31.61
C ARG A 237 39.98 18.38 30.60
N GLY A 238 41.23 18.82 30.49
CA GLY A 238 42.25 18.14 29.71
C GLY A 238 42.35 18.57 28.26
N GLN A 239 41.38 19.30 27.74
CA GLN A 239 41.39 19.68 26.33
C GLN A 239 42.52 20.69 26.04
N THR A 240 43.56 20.24 25.33
CA THR A 240 44.67 21.10 24.99
C THR A 240 44.41 21.80 23.66
N ALA A 241 45.44 22.49 23.15
CA ALA A 241 45.28 23.24 21.91
C ALA A 241 45.22 22.33 20.69
N LEU A 242 45.82 21.14 20.77
CA LEU A 242 45.77 20.22 19.64
C LEU A 242 44.34 19.74 19.39
N HIS A 243 43.58 19.50 20.46
CA HIS A 243 42.18 19.11 20.29
C HIS A 243 41.41 20.19 19.54
N ILE A 244 41.61 21.45 19.91
CA ILE A 244 40.93 22.56 19.24
C ILE A 244 41.37 22.65 17.78
N ALA A 245 42.67 22.49 17.52
CA ALA A 245 43.15 22.56 16.15
C ALA A 245 42.59 21.43 15.30
N ILE A 246 42.39 20.26 15.89
CA ILE A 246 41.89 19.13 15.12
C ILE A 246 40.38 19.26 14.87
N GLU A 247 39.62 19.66 15.89
CA GLU A 247 38.18 19.80 15.69
C GLU A 247 37.82 21.01 14.83
N ARG A 248 38.77 21.91 14.59
CA ARG A 248 38.60 23.01 13.66
C ARG A 248 38.95 22.63 12.23
N ARG A 249 39.43 21.41 12.02
CA ARG A 249 39.76 20.89 10.68
C ARG A 249 40.85 21.73 10.01
N CYS A 250 41.81 22.19 10.80
CA CYS A 250 42.93 22.98 10.29
C CYS A 250 44.17 22.08 10.27
N LYS A 251 44.46 21.51 9.09
CA LYS A 251 45.60 20.62 8.97
C LYS A 251 46.92 21.34 9.21
N HIS A 252 47.06 22.55 8.66
CA HIS A 252 48.32 23.28 8.77
C HIS A 252 48.63 23.61 10.22
N TYR A 253 47.63 24.01 10.99
CA TYR A 253 47.88 24.34 12.39
C TYR A 253 48.18 23.10 13.23
N VAL A 254 47.55 21.97 12.90
CA VAL A 254 47.90 20.72 13.56
C VAL A 254 49.35 20.37 13.28
N GLU A 255 49.77 20.49 12.02
CA GLU A 255 51.17 20.23 11.67
C GLU A 255 52.10 21.16 12.43
N LEU A 256 51.76 22.45 12.51
CA LEU A 256 52.60 23.41 13.20
C LEU A 256 52.72 23.09 14.68
N LEU A 257 51.58 22.77 15.33
CA LEU A 257 51.60 22.52 16.76
C LEU A 257 52.32 21.22 17.10
N VAL A 258 52.17 20.19 16.27
CA VAL A 258 52.87 18.94 16.55
C VAL A 258 54.34 19.07 16.17
N ALA A 259 54.69 20.02 15.29
CA ALA A 259 56.09 20.24 14.95
C ALA A 259 56.88 20.76 16.14
N GLN A 260 56.26 21.58 16.99
CA GLN A 260 56.91 22.04 18.21
C GLN A 260 57.04 20.95 19.26
N GLY A 261 56.41 19.80 19.05
CA GLY A 261 56.51 18.68 19.97
C GLY A 261 55.83 18.91 21.30
N ALA A 262 54.51 19.05 21.28
CA ALA A 262 53.75 19.26 22.51
C ALA A 262 53.22 17.95 23.08
N ASP A 263 52.33 17.29 22.34
CA ASP A 263 51.72 16.04 22.78
C ASP A 263 50.85 15.47 21.67
N VAL A 264 50.70 14.14 21.64
CA VAL A 264 49.79 13.48 20.70
C VAL A 264 48.93 12.48 21.46
N HIS A 265 48.98 12.55 22.80
CA HIS A 265 48.24 11.61 23.64
C HIS A 265 47.51 12.35 24.77
N ALA A 266 47.14 13.60 24.54
CA ALA A 266 46.43 14.36 25.56
C ALA A 266 45.03 13.78 25.77
N GLN A 267 44.56 13.83 27.02
CA GLN A 267 43.28 13.24 27.40
C GLN A 267 42.25 14.35 27.56
N ALA A 268 41.11 14.20 26.87
CA ALA A 268 39.99 15.12 27.00
C ALA A 268 39.00 14.50 27.98
N ARG A 269 39.23 14.77 29.26
CA ARG A 269 38.47 14.14 30.34
C ARG A 269 37.27 14.95 30.80
N GLY A 270 36.99 16.08 30.15
CA GLY A 270 35.94 16.97 30.63
C GLY A 270 34.56 16.37 30.51
N ARG A 271 33.63 16.95 31.27
CA ARG A 271 32.24 16.48 31.25
C ARG A 271 31.60 16.71 29.90
N PHE A 272 32.04 17.71 29.15
CA PHE A 272 31.57 17.90 27.79
C PHE A 272 31.96 16.72 26.91
N PHE A 273 33.16 16.18 27.12
CA PHE A 273 33.69 15.10 26.29
C PHE A 273 33.34 13.73 26.86
N GLN A 274 32.06 13.52 27.13
CA GLN A 274 31.55 12.30 27.73
C GLN A 274 30.37 11.80 26.92
N PRO A 275 30.06 10.50 27.01
CA PRO A 275 28.90 9.97 26.29
C PRO A 275 27.61 10.64 26.77
N LYS A 276 26.63 10.71 25.86
CA LYS A 276 25.37 11.37 26.17
C LYS A 276 24.67 10.73 27.37
N ASP A 277 24.93 9.45 27.63
CA ASP A 277 24.35 8.80 28.80
C ASP A 277 24.91 9.37 30.10
N GLU A 278 26.14 9.87 30.08
CA GLU A 278 26.78 10.41 31.27
C GLU A 278 26.58 11.92 31.41
N GLY A 279 25.85 12.55 30.49
CA GLY A 279 25.62 13.97 30.58
C GLY A 279 26.60 14.80 29.77
N GLY A 280 27.05 14.26 28.65
CA GLY A 280 27.96 14.99 27.78
C GLY A 280 27.31 15.36 26.46
N TYR A 281 28.11 15.83 25.51
CA TYR A 281 27.59 16.21 24.20
C TYR A 281 28.32 15.56 23.04
N PHE A 282 29.58 15.15 23.20
CA PHE A 282 30.32 14.53 22.10
C PHE A 282 31.43 13.67 22.70
N TYR A 283 31.28 12.35 22.60
CA TYR A 283 32.32 11.42 23.02
C TYR A 283 33.00 10.86 21.79
N PHE A 284 34.29 11.18 21.64
CA PHE A 284 35.10 10.75 20.50
C PHE A 284 36.26 9.88 20.96
N GLY A 285 36.15 9.26 22.12
CA GLY A 285 37.33 8.80 22.81
C GLY A 285 37.90 9.95 23.62
N GLU A 286 39.20 9.86 23.90
CA GLU A 286 39.84 10.93 24.67
C GLU A 286 41.23 11.27 24.14
N LEU A 287 41.50 11.05 22.86
CA LEU A 287 42.83 11.32 22.32
C LEU A 287 42.72 12.15 21.05
N PRO A 288 43.77 12.93 20.73
CA PRO A 288 43.75 13.69 19.48
C PRO A 288 43.58 12.82 18.25
N LEU A 289 44.21 11.65 18.22
CA LEU A 289 44.00 10.73 17.11
C LEU A 289 42.57 10.23 17.06
N SER A 290 42.00 9.92 18.22
CA SER A 290 40.60 9.52 18.27
C SER A 290 39.68 10.65 17.84
N LEU A 291 40.02 11.89 18.22
CA LEU A 291 39.22 13.04 17.79
C LEU A 291 39.28 13.20 16.27
N ALA A 292 40.47 13.06 15.69
CA ALA A 292 40.61 13.18 14.24
C ALA A 292 39.85 12.07 13.53
N ALA A 293 39.88 10.86 14.09
CA ALA A 293 39.18 9.75 13.46
C ALA A 293 37.67 9.91 13.57
N CYS A 294 37.18 10.45 14.68
CA CYS A 294 35.75 10.56 14.93
C CYS A 294 35.12 11.78 14.28
N THR A 295 35.91 12.72 13.76
CA THR A 295 35.39 13.89 13.07
C THR A 295 35.56 13.80 11.55
N ASN A 296 35.88 12.62 11.03
CA ASN A 296 36.04 12.39 9.59
C ASN A 296 37.09 13.31 8.99
N GLN A 297 38.32 13.15 9.47
CA GLN A 297 39.48 13.89 8.99
C GLN A 297 40.58 12.89 8.65
N PRO A 298 40.48 12.23 7.49
CA PRO A 298 41.50 11.22 7.14
C PRO A 298 42.90 11.80 7.03
N HIS A 299 43.04 13.04 6.55
CA HIS A 299 44.36 13.65 6.41
C HIS A 299 45.02 13.85 7.76
N ILE A 300 44.25 14.29 8.76
CA ILE A 300 44.80 14.48 10.10
C ILE A 300 45.24 13.14 10.68
N VAL A 301 44.43 12.10 10.48
CA VAL A 301 44.80 10.77 10.99
C VAL A 301 46.08 10.29 10.33
N ASN A 302 46.18 10.45 9.01
CA ASN A 302 47.37 10.03 8.29
C ASN A 302 48.60 10.80 8.77
N TYR A 303 48.48 12.12 8.94
CA TYR A 303 49.61 12.91 9.38
C TYR A 303 50.04 12.55 10.80
N LEU A 304 49.07 12.35 11.70
CA LEU A 304 49.40 12.00 13.07
C LEU A 304 49.99 10.60 13.19
N THR A 305 49.59 9.68 12.31
CA THR A 305 50.13 8.32 12.38
C THR A 305 51.56 8.26 11.85
N GLU A 306 51.84 8.97 10.76
CA GLU A 306 53.16 8.95 10.14
C GLU A 306 53.68 10.39 10.01
N ASN A 307 54.40 10.81 11.05
CA ASN A 307 55.09 12.09 11.04
C ASN A 307 56.44 11.96 11.71
N PRO A 308 57.42 12.77 11.30
CA PRO A 308 58.77 12.63 11.89
C PRO A 308 58.83 13.06 13.35
N HIS A 309 58.13 14.12 13.73
CA HIS A 309 58.28 14.67 15.08
C HIS A 309 57.80 13.69 16.14
N LYS A 310 56.50 13.38 16.14
CA LYS A 310 55.92 12.50 17.15
C LYS A 310 54.62 11.93 16.63
N LYS A 311 54.46 10.61 16.75
CA LYS A 311 53.28 9.91 16.24
C LYS A 311 52.55 9.24 17.39
N ALA A 312 51.22 9.27 17.31
CA ALA A 312 50.37 8.64 18.32
C ALA A 312 50.06 7.22 17.91
N ASP A 313 50.46 6.26 18.73
CA ASP A 313 50.19 4.86 18.42
C ASP A 313 48.70 4.58 18.47
N MET A 314 48.23 3.78 17.51
CA MET A 314 46.81 3.45 17.44
C MET A 314 46.37 2.52 18.56
N ARG A 315 47.30 1.92 19.30
CA ARG A 315 46.97 0.99 20.37
C ARG A 315 46.65 1.68 21.69
N ARG A 316 46.85 2.99 21.78
CA ARG A 316 46.68 3.67 23.06
C ARG A 316 45.22 3.67 23.49
N GLN A 317 45.00 3.50 24.79
CA GLN A 317 43.67 3.44 25.37
C GLN A 317 43.44 4.63 26.27
N ASP A 318 42.22 5.15 26.25
CA ASP A 318 41.85 6.30 27.07
C ASP A 318 41.46 5.83 28.48
N SER A 319 40.83 6.72 29.24
CA SER A 319 40.43 6.38 30.61
C SER A 319 39.45 5.22 30.64
N ARG A 320 38.50 5.21 29.70
CA ARG A 320 37.52 4.13 29.62
C ARG A 320 38.09 2.85 29.04
N GLY A 321 39.34 2.88 28.55
CA GLY A 321 39.93 1.75 27.88
C GLY A 321 39.64 1.70 26.39
N ASN A 322 38.85 2.62 25.87
CA ASN A 322 38.48 2.60 24.46
C ASN A 322 39.67 3.00 23.60
N THR A 323 39.96 2.20 22.58
CA THR A 323 40.93 2.57 21.56
C THR A 323 40.24 3.42 20.50
N VAL A 324 40.91 3.63 19.37
CA VAL A 324 40.33 4.46 18.31
C VAL A 324 39.11 3.77 17.70
N LEU A 325 39.17 2.44 17.55
CA LEU A 325 38.04 1.72 16.96
C LEU A 325 36.83 1.68 17.90
N HIS A 326 37.07 1.59 19.21
CA HIS A 326 35.95 1.68 20.14
C HIS A 326 35.26 3.04 20.05
N ALA A 327 36.05 4.11 19.92
CA ALA A 327 35.47 5.44 19.75
C ALA A 327 34.70 5.54 18.44
N LEU A 328 35.25 4.97 17.36
CA LEU A 328 34.55 4.98 16.08
C LEU A 328 33.23 4.24 16.16
N VAL A 329 33.19 3.15 16.92
CA VAL A 329 31.94 2.44 17.13
C VAL A 329 30.98 3.29 17.95
N ALA A 330 31.49 3.98 18.97
CA ALA A 330 30.64 4.77 19.85
C ALA A 330 29.97 5.92 19.11
N ILE A 331 30.72 6.61 18.25
CA ILE A 331 30.16 7.77 17.55
C ILE A 331 29.18 7.36 16.45
N ALA A 332 29.23 6.12 15.98
CA ALA A 332 28.46 5.71 14.83
C ALA A 332 26.99 5.50 15.22
N ASP A 333 26.09 6.13 14.48
CA ASP A 333 24.67 5.82 14.56
C ASP A 333 24.21 5.20 13.24
N ASN A 334 23.03 4.58 13.29
CA ASN A 334 22.52 3.79 12.17
C ASN A 334 21.92 4.69 11.09
N THR A 335 22.77 5.54 10.53
CA THR A 335 22.44 6.38 9.39
C THR A 335 23.34 6.00 8.22
N ARG A 336 23.22 6.76 7.13
CA ARG A 336 23.99 6.47 5.91
C ARG A 336 25.27 7.27 5.85
N GLU A 337 25.16 8.61 5.89
CA GLU A 337 26.33 9.46 5.77
C GLU A 337 27.30 9.30 6.93
N ASN A 338 26.83 8.81 8.07
CA ASN A 338 27.71 8.55 9.21
C ASN A 338 28.43 7.21 9.04
N THR A 339 27.65 6.14 8.87
CA THR A 339 28.24 4.81 8.75
C THR A 339 29.19 4.72 7.56
N LYS A 340 28.96 5.54 6.52
CA LYS A 340 29.87 5.54 5.38
C LYS A 340 31.32 5.78 5.82
N PHE A 341 31.58 6.97 6.38
CA PHE A 341 32.96 7.25 6.77
C PHE A 341 33.36 6.48 8.01
N VAL A 342 32.40 6.07 8.85
CA VAL A 342 32.75 5.26 10.01
C VAL A 342 33.37 3.94 9.56
N THR A 343 32.71 3.24 8.64
CA THR A 343 33.26 2.00 8.11
C THR A 343 34.55 2.25 7.32
N LYS A 344 34.57 3.31 6.51
CA LYS A 344 35.76 3.59 5.70
C LYS A 344 36.98 3.80 6.59
N MET A 345 36.84 4.59 7.65
CA MET A 345 37.98 4.90 8.49
C MET A 345 38.28 3.78 9.47
N TYR A 346 37.28 2.99 9.86
CA TYR A 346 37.56 1.78 10.61
C TYR A 346 38.45 0.84 9.81
N ASP A 347 38.09 0.64 8.53
CA ASP A 347 38.95 -0.12 7.63
C ASP A 347 40.35 0.49 7.59
N LEU A 348 40.45 1.74 7.14
CA LEU A 348 41.71 2.47 7.06
C LEU A 348 42.60 2.25 8.28
N LEU A 349 42.07 2.46 9.48
CA LEU A 349 42.88 2.37 10.68
C LEU A 349 43.27 0.93 10.99
N LEU A 350 42.36 -0.03 10.78
CA LEU A 350 42.72 -1.43 11.00
C LEU A 350 43.83 -1.87 10.05
N LEU A 351 43.73 -1.49 8.78
CA LEU A 351 44.76 -1.82 7.81
C LEU A 351 46.08 -1.14 8.17
N LYS A 352 46.03 0.13 8.61
CA LYS A 352 47.24 0.84 8.96
C LYS A 352 47.94 0.21 10.15
N CYS A 353 47.16 -0.20 11.16
CA CYS A 353 47.77 -0.91 12.28
C CYS A 353 48.16 -2.34 11.93
N ALA A 354 47.64 -2.88 10.83
CA ALA A 354 48.14 -4.16 10.35
C ALA A 354 49.49 -4.01 9.65
N ARG A 355 49.68 -2.92 8.91
CA ARG A 355 50.97 -2.67 8.26
C ARG A 355 52.08 -2.58 9.29
N LEU A 356 52.02 -1.57 10.15
CA LEU A 356 52.97 -1.46 11.25
C LEU A 356 52.71 -2.55 12.28
N PHE A 357 53.77 -3.00 12.94
CA PHE A 357 53.70 -4.01 13.98
C PHE A 357 52.96 -5.26 13.53
N PRO A 358 53.57 -6.14 12.71
CA PRO A 358 52.89 -7.40 12.37
C PRO A 358 52.70 -8.26 13.60
N ASP A 359 51.73 -7.89 14.42
CA ASP A 359 51.54 -8.49 15.74
C ASP A 359 50.03 -8.69 15.94
N SER A 360 49.63 -8.92 17.20
CA SER A 360 48.23 -9.13 17.52
C SER A 360 47.37 -7.98 17.00
N ASN A 361 46.20 -8.32 16.49
CA ASN A 361 45.33 -7.36 15.82
C ASN A 361 44.88 -6.27 16.79
N LEU A 362 44.70 -5.06 16.26
CA LEU A 362 44.21 -3.96 17.07
C LEU A 362 42.81 -4.26 17.59
N GLU A 363 41.98 -4.89 16.77
CA GLU A 363 40.62 -5.21 17.18
C GLU A 363 40.57 -6.17 18.37
N ALA A 364 41.69 -6.84 18.67
CA ALA A 364 41.75 -7.79 19.77
C ALA A 364 41.85 -7.12 21.14
N VAL A 365 42.16 -5.82 21.20
CA VAL A 365 42.28 -5.14 22.49
C VAL A 365 40.88 -5.02 23.10
N LEU A 366 40.85 -4.81 24.41
CA LEU A 366 39.59 -4.74 25.14
C LEU A 366 39.56 -3.49 26.00
N ASN A 367 38.37 -2.93 26.15
CA ASN A 367 38.18 -1.74 26.98
C ASN A 367 38.08 -2.18 28.44
N ASN A 368 37.71 -1.26 29.32
CA ASN A 368 37.61 -1.57 30.74
C ASN A 368 36.38 -2.40 31.09
N ASP A 369 35.60 -2.83 30.10
CA ASP A 369 34.43 -3.67 30.33
C ASP A 369 34.53 -5.01 29.61
N GLY A 370 35.67 -5.30 29.00
CA GLY A 370 35.87 -6.56 28.31
C GLY A 370 35.34 -6.61 26.90
N LEU A 371 34.64 -5.57 26.44
CA LEU A 371 34.07 -5.58 25.10
C LEU A 371 35.12 -5.26 24.04
N SER A 372 34.98 -5.89 22.89
CA SER A 372 35.76 -5.56 21.70
C SER A 372 34.97 -4.61 20.82
N PRO A 373 35.59 -4.02 19.80
CA PRO A 373 34.80 -3.16 18.89
C PRO A 373 33.61 -3.87 18.29
N LEU A 374 33.76 -5.14 17.90
CA LEU A 374 32.62 -5.91 17.43
C LEU A 374 31.62 -6.16 18.55
N MET A 375 32.11 -6.54 19.73
CA MET A 375 31.23 -6.75 20.87
C MET A 375 30.54 -5.47 21.29
N MET A 376 31.27 -4.35 21.28
CA MET A 376 30.67 -3.07 21.64
C MET A 376 29.61 -2.66 20.62
N ALA A 377 29.87 -2.88 19.33
CA ALA A 377 28.88 -2.56 18.32
C ALA A 377 27.63 -3.43 18.48
N ALA A 378 27.82 -4.71 18.82
CA ALA A 378 26.67 -5.58 19.06
C ALA A 378 25.89 -5.12 20.29
N LYS A 379 26.58 -4.72 21.35
CA LYS A 379 25.90 -4.37 22.59
C LYS A 379 25.15 -3.05 22.48
N THR A 380 25.77 -2.04 21.86
CA THR A 380 25.18 -0.71 21.78
C THR A 380 24.32 -0.53 20.54
N GLY A 381 24.06 -1.60 19.78
CA GLY A 381 23.13 -1.54 18.67
C GLY A 381 23.52 -0.67 17.50
N LYS A 382 24.79 -0.75 17.08
CA LYS A 382 25.26 -0.02 15.90
C LYS A 382 25.28 -1.01 14.74
N ILE A 383 24.22 -0.98 13.93
CA ILE A 383 24.02 -2.02 12.92
C ILE A 383 25.04 -1.90 11.80
N GLY A 384 25.31 -0.68 11.33
CA GLY A 384 26.15 -0.53 10.15
C GLY A 384 27.57 -1.03 10.37
N ILE A 385 28.22 -0.56 11.45
CA ILE A 385 29.59 -0.95 11.70
C ILE A 385 29.68 -2.43 12.07
N PHE A 386 28.69 -2.92 12.82
CA PHE A 386 28.66 -4.33 13.17
C PHE A 386 28.58 -5.20 11.92
N GLN A 387 27.66 -4.86 11.01
CA GLN A 387 27.52 -5.61 9.76
C GLN A 387 28.80 -5.53 8.93
N HIS A 388 29.41 -4.34 8.85
CA HIS A 388 30.63 -4.20 8.07
C HIS A 388 31.76 -5.05 8.64
N ILE A 389 31.90 -5.08 9.97
CA ILE A 389 32.94 -5.89 10.59
C ILE A 389 32.67 -7.37 10.38
N ILE A 390 31.41 -7.80 10.49
CA ILE A 390 31.10 -9.23 10.45
C ILE A 390 31.48 -9.83 9.10
N ARG A 391 31.02 -9.22 8.01
CA ARG A 391 31.34 -9.70 6.67
C ARG A 391 32.48 -8.89 6.06
N ARG A 392 33.63 -8.92 6.73
CA ARG A 392 34.80 -8.16 6.31
C ARG A 392 35.74 -9.09 5.53
N GLU A 393 36.04 -8.71 4.29
CA GLU A 393 36.98 -9.43 3.45
C GLU A 393 38.02 -8.46 2.90
N VAL A 394 39.29 -8.82 3.02
CA VAL A 394 40.40 -8.01 2.52
C VAL A 394 41.22 -8.87 1.56
N THR A 395 41.57 -8.29 0.41
CA THR A 395 42.20 -9.05 -0.66
C THR A 395 43.72 -9.14 -0.52
N ASP A 396 44.37 -8.08 -0.06
CA ASP A 396 45.83 -8.06 0.00
C ASP A 396 46.34 -9.17 0.90
N GLU A 397 47.35 -9.90 0.40
CA GLU A 397 47.84 -11.08 1.11
C GLU A 397 48.50 -10.72 2.43
N ASP A 398 49.28 -9.63 2.46
CA ASP A 398 50.02 -9.27 3.67
C ASP A 398 49.07 -9.00 4.83
N THR A 399 48.11 -8.11 4.63
CA THR A 399 47.07 -7.86 5.64
C THR A 399 45.79 -8.59 5.24
N ARG A 400 45.87 -9.93 5.26
CA ARG A 400 44.74 -10.78 4.93
C ARG A 400 44.13 -11.47 6.14
N HIS A 401 44.88 -11.60 7.24
CA HIS A 401 44.34 -12.23 8.43
C HIS A 401 43.24 -11.42 9.10
N LEU A 402 43.08 -10.14 8.74
CA LEU A 402 42.03 -9.32 9.32
C LEU A 402 40.65 -9.71 8.82
N SER A 403 40.56 -10.36 7.67
CA SER A 403 39.27 -10.66 7.06
C SER A 403 38.51 -11.70 7.89
N ARG A 404 37.18 -11.66 7.74
CA ARG A 404 36.31 -12.61 8.42
C ARG A 404 35.39 -13.35 7.47
N LYS A 405 35.46 -13.07 6.17
CA LYS A 405 34.71 -13.79 5.15
C LYS A 405 35.68 -14.23 4.07
N PHE A 406 35.63 -15.51 3.72
CA PHE A 406 36.60 -16.10 2.80
C PHE A 406 35.91 -16.65 1.56
N LYS A 407 36.70 -17.33 0.73
CA LYS A 407 36.31 -17.78 -0.61
C LYS A 407 36.70 -19.24 -0.81
N ASP A 408 36.25 -20.10 0.10
CA ASP A 408 36.70 -21.48 0.21
C ASP A 408 36.91 -22.18 -1.13
N TRP A 409 35.86 -22.25 -1.96
CA TRP A 409 36.00 -22.86 -3.28
C TRP A 409 34.92 -22.32 -4.19
N ALA A 410 35.09 -22.59 -5.48
CA ALA A 410 34.15 -22.13 -6.50
C ALA A 410 34.19 -23.09 -7.69
N TYR A 411 33.01 -23.54 -8.13
CA TYR A 411 32.88 -24.39 -9.30
C TYR A 411 31.77 -23.80 -10.17
N GLY A 412 32.14 -22.97 -11.12
CA GLY A 412 31.18 -22.27 -11.94
C GLY A 412 30.30 -21.35 -11.11
N PRO A 413 28.99 -21.44 -11.29
CA PRO A 413 28.04 -20.55 -10.59
C PRO A 413 27.62 -21.06 -9.23
N VAL A 414 28.59 -21.47 -8.41
CA VAL A 414 28.36 -21.78 -7.01
C VAL A 414 29.59 -21.34 -6.22
N TYR A 415 29.38 -20.57 -5.16
CA TYR A 415 30.46 -19.97 -4.39
C TYR A 415 30.27 -20.35 -2.93
N SER A 416 31.32 -20.90 -2.32
CA SER A 416 31.29 -21.25 -0.91
C SER A 416 32.02 -20.19 -0.11
N SER A 417 31.26 -19.39 0.63
CA SER A 417 31.80 -18.35 1.50
C SER A 417 32.02 -18.93 2.88
N LEU A 418 33.16 -18.60 3.48
CA LEU A 418 33.60 -19.17 4.75
C LEU A 418 33.68 -18.05 5.78
N TYR A 419 32.57 -17.83 6.50
CA TYR A 419 32.55 -16.81 7.53
C TYR A 419 33.38 -17.25 8.73
N ASP A 420 33.82 -16.27 9.51
CA ASP A 420 34.63 -16.53 10.70
C ASP A 420 33.78 -16.43 11.95
N LEU A 421 34.13 -17.25 12.94
CA LEU A 421 33.41 -17.34 14.20
C LEU A 421 34.36 -17.15 15.37
N SER A 422 35.28 -16.19 15.22
CA SER A 422 36.26 -15.94 16.27
C SER A 422 35.60 -15.42 17.55
N SER A 423 34.46 -14.74 17.42
CA SER A 423 33.77 -14.20 18.58
C SER A 423 32.26 -14.43 18.56
N LEU A 424 31.69 -14.95 17.47
CA LEU A 424 30.25 -15.16 17.41
C LEU A 424 29.82 -16.35 18.25
N ASP A 425 30.64 -17.40 18.28
CA ASP A 425 30.33 -18.63 19.00
C ASP A 425 31.54 -19.01 19.84
N THR A 426 31.42 -18.86 21.16
CA THR A 426 32.50 -19.19 22.09
C THR A 426 31.90 -19.98 23.24
N CYS A 427 32.60 -21.04 23.67
CA CYS A 427 32.09 -21.92 24.72
C CYS A 427 32.72 -21.56 26.05
N GLY A 428 31.95 -20.84 26.87
CA GLY A 428 32.27 -20.66 28.27
C GLY A 428 33.33 -19.62 28.60
N GLU A 429 34.57 -19.88 28.23
CA GLU A 429 35.68 -19.04 28.70
C GLU A 429 35.98 -17.89 27.74
N GLU A 430 34.94 -17.19 27.32
CA GLU A 430 34.99 -16.00 26.47
C GLU A 430 33.65 -15.30 26.58
N ALA A 431 33.60 -14.07 26.08
CA ALA A 431 32.35 -13.39 25.82
C ALA A 431 32.03 -13.49 24.33
N SER A 432 30.76 -13.71 24.01
CA SER A 432 30.33 -13.98 22.65
C SER A 432 29.40 -12.89 22.15
N VAL A 433 29.48 -12.64 20.84
CA VAL A 433 28.61 -11.65 20.21
C VAL A 433 27.17 -12.11 20.23
N LEU A 434 26.92 -13.42 20.14
CA LEU A 434 25.54 -13.91 20.04
C LEU A 434 24.80 -13.75 21.35
N GLU A 435 25.43 -14.13 22.47
CA GLU A 435 24.77 -13.99 23.77
C GLU A 435 24.50 -12.52 24.10
N ILE A 436 25.47 -11.65 23.79
CA ILE A 436 25.24 -10.22 23.99
C ILE A 436 24.11 -9.72 23.09
N LEU A 437 24.10 -10.17 21.84
CA LEU A 437 23.11 -9.70 20.87
C LEU A 437 21.71 -10.16 21.23
N VAL A 438 21.59 -11.28 21.94
CA VAL A 438 20.26 -11.80 22.29
C VAL A 438 19.82 -11.30 23.66
N TYR A 439 20.71 -11.24 24.64
CA TYR A 439 20.34 -10.87 26.00
C TYR A 439 20.50 -9.37 26.25
N ASN A 440 21.72 -8.85 26.13
CA ASN A 440 22.05 -7.48 26.51
C ASN A 440 22.41 -6.69 25.25
N SER A 441 21.40 -6.12 24.60
CA SER A 441 21.62 -5.34 23.39
C SER A 441 20.63 -4.18 23.37
N LYS A 442 20.75 -3.34 22.35
CA LYS A 442 19.89 -2.18 22.19
C LYS A 442 18.64 -2.64 21.45
N ILE A 443 17.50 -2.64 22.16
CA ILE A 443 16.35 -3.44 21.76
C ILE A 443 15.65 -2.91 20.51
N GLU A 444 15.49 -1.59 20.38
CA GLU A 444 14.57 -1.05 19.38
C GLU A 444 14.96 -1.46 17.96
N ASN A 445 16.25 -1.71 17.72
CA ASN A 445 16.69 -2.24 16.43
C ASN A 445 17.65 -3.41 16.65
N ARG A 446 17.29 -4.31 17.57
CA ARG A 446 18.07 -5.52 17.78
C ARG A 446 17.85 -6.56 16.69
N HIS A 447 16.66 -6.57 16.09
CA HIS A 447 16.27 -7.66 15.19
C HIS A 447 17.08 -7.63 13.90
N GLU A 448 17.47 -6.46 13.42
CA GLU A 448 18.28 -6.39 12.20
C GLU A 448 19.64 -7.04 12.42
N MET A 449 20.24 -6.83 13.59
CA MET A 449 21.55 -7.40 13.89
C MET A 449 21.49 -8.90 14.08
N LEU A 450 20.33 -9.46 14.41
CA LEU A 450 20.16 -10.90 14.45
C LEU A 450 19.84 -11.49 13.09
N ALA A 451 19.74 -10.65 12.06
CA ALA A 451 19.40 -11.05 10.70
C ALA A 451 20.54 -10.75 9.75
N VAL A 452 21.77 -10.92 10.21
CA VAL A 452 22.94 -10.74 9.37
C VAL A 452 23.41 -12.10 8.89
N GLU A 453 24.34 -12.09 7.93
CA GLU A 453 24.62 -13.29 7.14
C GLU A 453 24.99 -14.51 7.97
N PRO A 454 25.94 -14.45 8.93
CA PRO A 454 26.28 -15.67 9.67
C PRO A 454 25.35 -15.96 10.84
N ILE A 455 24.79 -14.91 11.46
CA ILE A 455 24.07 -15.09 12.71
C ILE A 455 22.80 -15.90 12.51
N ASN A 456 22.02 -15.58 11.48
CA ASN A 456 20.78 -16.31 11.23
C ASN A 456 21.06 -17.77 10.88
N GLU A 457 22.03 -18.00 9.99
CA GLU A 457 22.38 -19.37 9.63
C GLU A 457 23.04 -20.10 10.79
N LEU A 458 23.80 -19.38 11.63
CA LEU A 458 24.36 -20.01 12.83
C LEU A 458 23.25 -20.46 13.77
N LEU A 459 22.22 -19.63 13.95
CA LEU A 459 21.11 -20.01 14.80
C LEU A 459 20.35 -21.20 14.22
N ARG A 460 20.14 -21.21 12.90
CA ARG A 460 19.47 -22.35 12.29
C ARG A 460 20.28 -23.63 12.42
N ASP A 461 21.60 -23.54 12.27
CA ASP A 461 22.46 -24.70 12.44
C ASP A 461 22.40 -25.20 13.88
N LYS A 462 22.44 -24.30 14.85
CA LYS A 462 22.34 -24.69 16.25
C LYS A 462 20.99 -25.35 16.52
N TRP A 463 19.93 -24.81 15.93
CA TRP A 463 18.60 -25.41 16.06
C TRP A 463 18.62 -26.84 15.56
N ARG A 464 19.03 -27.04 14.30
CA ARG A 464 19.05 -28.38 13.71
C ARG A 464 19.94 -29.33 14.49
N LYS A 465 21.01 -28.81 15.10
CA LYS A 465 21.92 -29.69 15.82
C LYS A 465 21.32 -30.15 17.14
N PHE A 466 21.01 -29.22 18.04
CA PHE A 466 20.49 -29.70 19.34
C PHE A 466 19.22 -28.94 19.75
N GLY A 467 19.15 -27.65 19.46
CA GLY A 467 18.00 -26.87 19.96
C GLY A 467 16.66 -27.39 19.47
N ALA A 468 16.52 -27.74 18.19
CA ALA A 468 15.19 -28.20 17.76
C ALA A 468 14.82 -29.49 18.48
N VAL A 469 15.72 -30.47 18.51
CA VAL A 469 15.44 -31.79 19.16
C VAL A 469 15.36 -31.66 20.69
N SER A 470 16.24 -30.85 21.30
CA SER A 470 16.25 -30.69 22.77
C SER A 470 14.96 -30.02 23.25
N PHE A 471 14.42 -29.09 22.45
CA PHE A 471 13.18 -28.38 22.80
C PHE A 471 11.99 -29.35 22.85
N TYR A 472 11.90 -30.27 21.89
CA TYR A 472 10.78 -31.26 21.86
C TYR A 472 10.82 -32.13 23.12
N ILE A 473 12.02 -32.52 23.57
CA ILE A 473 12.15 -33.34 24.81
C ILE A 473 11.56 -32.54 25.99
N ASN A 474 11.81 -31.23 26.06
CA ASN A 474 11.22 -30.40 27.12
C ASN A 474 9.70 -30.40 26.98
N VAL A 475 9.20 -30.33 25.75
CA VAL A 475 7.72 -30.27 25.52
C VAL A 475 7.05 -31.59 25.92
N VAL A 476 7.69 -32.75 25.69
CA VAL A 476 7.04 -34.01 26.06
C VAL A 476 7.23 -34.29 27.55
N SER A 477 8.41 -33.96 28.10
CA SER A 477 8.61 -34.13 29.53
C SER A 477 7.67 -33.23 30.33
N TYR A 478 7.47 -31.99 29.88
CA TYR A 478 6.61 -31.08 30.61
C TYR A 478 5.15 -31.51 30.54
N LEU A 479 4.70 -31.99 29.38
CA LEU A 479 3.34 -32.50 29.27
C LEU A 479 3.14 -33.72 30.17
N CYS A 480 4.12 -34.63 30.20
CA CYS A 480 4.01 -35.79 31.08
C CYS A 480 3.97 -35.37 32.54
N ALA A 481 4.83 -34.43 32.93
CA ALA A 481 4.83 -33.95 34.31
C ALA A 481 3.50 -33.29 34.66
N MET A 482 2.95 -32.50 33.73
CA MET A 482 1.69 -31.81 34.00
C MET A 482 0.54 -32.80 34.14
N VAL A 483 0.47 -33.82 33.27
CA VAL A 483 -0.62 -34.78 33.38
C VAL A 483 -0.48 -35.61 34.65
N ILE A 484 0.76 -35.94 35.03
CA ILE A 484 0.96 -36.62 36.30
C ILE A 484 0.52 -35.74 37.46
N PHE A 485 0.79 -34.44 37.38
CA PHE A 485 0.38 -33.52 38.43
C PHE A 485 -1.14 -33.44 38.53
N THR A 486 -1.84 -33.41 37.40
CA THR A 486 -3.31 -33.42 37.44
C THR A 486 -3.83 -34.73 38.02
N LEU A 487 -3.22 -35.86 37.67
CA LEU A 487 -3.64 -37.14 38.24
C LEU A 487 -3.45 -37.16 39.75
N THR A 488 -2.33 -36.64 40.24
CA THR A 488 -2.03 -36.63 41.66
C THR A 488 -2.81 -35.57 42.44
N ALA A 489 -3.30 -34.52 41.77
CA ALA A 489 -4.04 -33.48 42.48
C ALA A 489 -5.37 -34.02 43.01
N TYR A 490 -6.04 -34.89 42.26
CA TYR A 490 -7.33 -35.44 42.67
C TYR A 490 -7.23 -36.31 43.91
N TYR A 491 -6.05 -36.84 44.22
CA TYR A 491 -5.90 -37.74 45.37
C TYR A 491 -5.41 -36.98 46.59
N THR A 505 -1.13 -51.18 44.37
CA THR A 505 0.01 -50.33 44.09
C THR A 505 -0.41 -48.88 43.90
N VAL A 506 -1.63 -48.56 44.34
CA VAL A 506 -2.11 -47.19 44.26
C VAL A 506 -1.26 -46.26 45.10
N ASP A 507 -0.84 -46.73 46.28
CA ASP A 507 0.04 -45.93 47.12
C ASP A 507 1.38 -45.67 46.44
N TYR A 508 1.93 -46.70 45.80
CA TYR A 508 3.19 -46.51 45.07
C TYR A 508 3.02 -45.52 43.92
N LEU A 509 1.90 -45.62 43.19
CA LEU A 509 1.66 -44.72 42.07
C LEU A 509 1.54 -43.27 42.54
N ARG A 510 0.75 -43.03 43.60
CA ARG A 510 0.60 -41.67 44.09
C ARG A 510 1.90 -41.14 44.70
N LEU A 511 2.68 -41.99 45.36
CA LEU A 511 3.97 -41.57 45.88
C LEU A 511 4.91 -41.18 44.75
N ALA A 512 4.95 -41.97 43.68
CA ALA A 512 5.80 -41.64 42.54
C ALA A 512 5.36 -40.33 41.91
N GLY A 513 4.06 -40.14 41.72
CA GLY A 513 3.58 -38.88 41.17
C GLY A 513 3.92 -37.69 42.04
N GLU A 514 3.77 -37.84 43.36
CA GLU A 514 4.05 -36.74 44.27
C GLU A 514 5.54 -36.39 44.28
N VAL A 515 6.41 -37.41 44.28
CA VAL A 515 7.84 -37.11 44.29
C VAL A 515 8.28 -36.51 42.96
N ILE A 516 7.68 -36.94 41.85
CA ILE A 516 7.98 -36.32 40.56
C ILE A 516 7.57 -34.86 40.55
N THR A 517 6.37 -34.57 41.07
CA THR A 517 5.91 -33.19 41.12
C THR A 517 6.80 -32.34 42.01
N LEU A 518 7.20 -32.86 43.18
CA LEU A 518 8.07 -32.12 44.07
C LEU A 518 9.43 -31.87 43.43
N PHE A 519 9.97 -32.87 42.74
CA PHE A 519 11.25 -32.69 42.06
C PHE A 519 11.16 -31.62 40.98
N THR A 520 10.08 -31.65 40.18
CA THR A 520 9.92 -30.63 39.15
C THR A 520 9.80 -29.24 39.77
N GLY A 521 9.03 -29.12 40.85
CA GLY A 521 8.87 -27.81 41.50
C GLY A 521 10.17 -27.28 42.06
N VAL A 522 10.93 -28.12 42.76
CA VAL A 522 12.18 -27.66 43.35
C VAL A 522 13.20 -27.35 42.26
N LEU A 523 13.23 -28.15 41.20
CA LEU A 523 14.14 -27.87 40.10
C LEU A 523 13.82 -26.55 39.43
N PHE A 524 12.54 -26.28 39.19
CA PHE A 524 12.15 -25.01 38.59
C PHE A 524 12.49 -23.84 39.50
N PHE A 525 12.25 -23.99 40.80
CA PHE A 525 12.61 -22.92 41.74
C PHE A 525 14.11 -22.65 41.69
N PHE A 526 14.93 -23.70 41.69
CA PHE A 526 16.37 -23.50 41.65
C PHE A 526 16.81 -22.86 40.35
N THR A 527 16.22 -23.27 39.22
CA THR A 527 16.60 -22.68 37.94
C THR A 527 16.24 -21.20 37.88
N ASN A 528 15.06 -20.83 38.38
CA ASN A 528 14.68 -19.41 38.35
C ASN A 528 15.50 -18.59 39.35
N ILE A 529 15.84 -19.18 40.49
CA ILE A 529 16.63 -18.45 41.49
C ILE A 529 18.10 -18.37 41.09
N LYS A 530 18.56 -19.24 40.18
CA LYS A 530 19.92 -19.14 39.70
C LYS A 530 20.12 -17.88 38.86
N ASP A 531 19.08 -17.46 38.13
CA ASP A 531 19.18 -16.20 37.39
C ASP A 531 19.28 -15.00 38.31
N LEU A 532 18.72 -15.11 39.53
CA LEU A 532 18.87 -14.03 40.50
C LEU A 532 20.32 -13.87 40.93
N PHE A 533 21.01 -14.98 41.18
CA PHE A 533 22.44 -14.92 41.49
C PHE A 533 23.26 -14.52 40.27
N MET A 534 22.85 -14.95 39.10
CA MET A 534 23.52 -14.62 37.85
C MET A 534 22.95 -13.30 37.32
N LYS A 535 23.22 -12.99 36.04
CA LYS A 535 22.72 -11.79 35.38
C LYS A 535 21.22 -11.63 35.62
N LYS A 536 20.83 -10.44 36.07
CA LYS A 536 19.43 -10.11 36.34
C LYS A 536 19.33 -8.59 36.45
N CYS A 537 18.16 -8.13 36.88
CA CYS A 537 17.80 -6.72 37.03
C CYS A 537 17.96 -5.92 35.75
N PRO A 538 17.29 -6.29 34.64
CA PRO A 538 17.12 -5.32 33.56
C PRO A 538 15.94 -4.40 33.85
N GLY A 539 15.56 -3.55 32.90
CA GLY A 539 14.32 -2.83 33.00
C GLY A 539 13.14 -3.73 32.65
N VAL A 540 12.90 -4.74 33.48
CA VAL A 540 11.91 -5.78 33.18
C VAL A 540 10.67 -5.50 34.03
N ASN A 541 9.60 -5.04 33.36
CA ASN A 541 8.30 -4.94 34.01
C ASN A 541 7.24 -5.65 33.16
N SER A 542 7.34 -5.51 31.84
CA SER A 542 6.39 -6.14 30.93
C SER A 542 7.04 -6.65 29.65
N LEU A 543 8.33 -6.95 29.68
CA LEU A 543 9.04 -7.32 28.46
C LEU A 543 8.58 -8.67 27.94
N PHE A 544 8.72 -8.86 26.62
CA PHE A 544 8.42 -10.12 25.96
C PHE A 544 9.68 -10.95 25.70
N ILE A 545 10.72 -10.75 26.50
CA ILE A 545 12.02 -11.36 26.25
C ILE A 545 12.27 -12.31 27.42
N ASP A 546 11.20 -12.92 27.93
CA ASP A 546 11.18 -13.76 29.12
C ASP A 546 11.59 -12.99 30.38
N GLY A 547 11.59 -11.66 30.33
CA GLY A 547 11.85 -10.86 31.51
C GLY A 547 10.65 -10.68 32.42
N SER A 548 9.47 -11.15 31.99
CA SER A 548 8.28 -11.10 32.80
C SER A 548 7.53 -12.43 32.86
N PHE A 549 7.79 -13.36 31.93
CA PHE A 549 7.14 -14.66 31.96
C PHE A 549 7.76 -15.60 32.98
N GLN A 550 8.99 -15.33 33.42
CA GLN A 550 9.61 -16.12 34.47
C GLN A 550 8.85 -16.01 35.80
N LEU A 551 8.09 -14.93 35.97
CA LEU A 551 7.30 -14.76 37.20
C LEU A 551 6.25 -15.86 37.35
N LEU A 552 5.63 -16.28 36.25
CA LEU A 552 4.64 -17.35 36.32
C LEU A 552 5.27 -18.64 36.84
N TYR A 553 6.45 -19.00 36.31
CA TYR A 553 7.13 -20.20 36.77
C TYR A 553 7.61 -20.06 38.20
N PHE A 554 8.06 -18.87 38.58
CA PHE A 554 8.48 -18.65 39.96
C PHE A 554 7.31 -18.84 40.93
N ILE A 555 6.14 -18.28 40.59
CA ILE A 555 4.96 -18.44 41.42
C ILE A 555 4.54 -19.91 41.47
N TYR A 556 4.59 -20.59 40.34
CA TYR A 556 4.25 -22.01 40.31
C TYR A 556 5.16 -22.82 41.25
N SER A 557 6.47 -22.59 41.16
CA SER A 557 7.41 -23.31 42.01
C SER A 557 7.18 -22.99 43.48
N VAL A 558 6.96 -21.72 43.81
CA VAL A 558 6.73 -21.33 45.20
C VAL A 558 5.47 -22.00 45.73
N LEU A 559 4.39 -22.01 44.93
CA LEU A 559 3.14 -22.60 45.37
C LEU A 559 3.28 -24.10 45.57
N VAL A 560 3.97 -24.79 44.65
CA VAL A 560 4.17 -26.23 44.82
C VAL A 560 5.00 -26.51 46.07
N ILE A 561 6.02 -25.71 46.32
CA ILE A 561 6.85 -25.91 47.52
C ILE A 561 6.03 -25.69 48.78
N VAL A 562 5.20 -24.65 48.79
CA VAL A 562 4.35 -24.38 49.96
C VAL A 562 3.37 -25.52 50.18
N SER A 563 2.78 -26.03 49.09
CA SER A 563 1.85 -27.14 49.21
C SER A 563 2.55 -28.39 49.75
N ALA A 564 3.76 -28.67 49.27
CA ALA A 564 4.51 -29.81 49.77
C ALA A 564 4.84 -29.65 51.25
N ALA A 565 5.26 -28.45 51.66
CA ALA A 565 5.57 -28.20 53.06
C ALA A 565 4.34 -28.38 53.93
N LEU A 566 3.19 -27.89 53.48
CA LEU A 566 1.95 -28.10 54.23
C LEU A 566 1.57 -29.57 54.29
N TYR A 567 1.82 -30.32 53.20
CA TYR A 567 1.54 -31.75 53.21
C TYR A 567 2.44 -32.47 54.21
N LEU A 568 3.68 -32.02 54.37
CA LEU A 568 4.57 -32.61 55.37
C LEU A 568 3.98 -32.47 56.76
N ALA A 569 3.43 -31.29 57.08
CA ALA A 569 2.79 -31.11 58.38
C ALA A 569 1.45 -31.81 58.44
N GLY A 570 0.81 -32.05 57.29
CA GLY A 570 -0.49 -32.70 57.25
C GLY A 570 -1.68 -31.77 57.27
N ILE A 571 -1.48 -30.48 57.01
CA ILE A 571 -2.59 -29.54 57.03
C ILE A 571 -3.60 -29.89 55.94
N GLU A 572 -4.89 -29.84 56.28
CA GLU A 572 -5.95 -30.22 55.36
C GLU A 572 -6.12 -29.22 54.21
N ALA A 573 -5.53 -28.04 54.30
CA ALA A 573 -5.72 -27.00 53.30
C ALA A 573 -4.66 -27.03 52.19
N TYR A 574 -3.75 -28.00 52.20
CA TYR A 574 -2.71 -28.04 51.19
C TYR A 574 -3.27 -28.36 49.82
N LEU A 575 -4.38 -29.12 49.76
CA LEU A 575 -4.94 -29.51 48.48
C LEU A 575 -5.45 -28.30 47.70
N ALA A 576 -6.01 -27.31 48.40
CA ALA A 576 -6.52 -26.12 47.73
C ALA A 576 -5.40 -25.36 47.04
N VAL A 577 -4.29 -25.11 47.75
CA VAL A 577 -3.18 -24.39 47.13
C VAL A 577 -2.52 -25.25 46.06
N MET A 578 -2.49 -26.58 46.24
CA MET A 578 -1.94 -27.46 45.21
C MET A 578 -2.74 -27.34 43.90
N VAL A 579 -4.07 -27.39 44.00
CA VAL A 579 -4.90 -27.28 42.81
C VAL A 579 -4.82 -25.88 42.20
N PHE A 580 -4.73 -24.85 43.06
CA PHE A 580 -4.55 -23.50 42.54
C PHE A 580 -3.24 -23.37 41.78
N ALA A 581 -2.16 -23.97 42.31
CA ALA A 581 -0.90 -23.98 41.59
C ALA A 581 -1.02 -24.73 40.27
N LEU A 582 -1.75 -25.84 40.26
CA LEU A 582 -1.94 -26.60 39.03
C LEU A 582 -2.64 -25.76 37.96
N VAL A 583 -3.75 -25.13 38.33
CA VAL A 583 -4.52 -24.36 37.35
C VAL A 583 -3.77 -23.12 36.92
N LEU A 584 -2.97 -22.52 37.81
CA LEU A 584 -2.20 -21.36 37.42
C LEU A 584 -0.99 -21.73 36.56
N GLY A 585 -0.41 -22.90 36.79
CA GLY A 585 0.71 -23.37 35.99
C GLY A 585 0.35 -24.03 34.69
N TRP A 586 -0.93 -24.38 34.49
CA TRP A 586 -1.36 -24.77 33.16
C TRP A 586 -1.24 -23.63 32.16
N MET A 587 -1.26 -22.38 32.63
CA MET A 587 -0.90 -21.24 31.79
C MET A 587 0.55 -21.30 31.34
N ASN A 588 1.42 -21.92 32.14
CA ASN A 588 2.84 -22.00 31.80
C ASN A 588 3.12 -22.96 30.64
N ALA A 589 2.12 -23.73 30.21
CA ALA A 589 2.31 -24.59 29.05
C ALA A 589 2.51 -23.80 27.77
N LEU A 590 2.12 -22.52 27.76
CA LEU A 590 2.34 -21.68 26.59
C LEU A 590 3.81 -21.26 26.47
N TYR A 591 4.62 -21.50 27.49
CA TYR A 591 6.06 -21.25 27.41
C TYR A 591 6.73 -22.12 26.37
N PHE A 592 6.08 -23.21 25.97
CA PHE A 592 6.65 -24.14 25.00
C PHE A 592 6.13 -23.89 23.58
N THR A 593 5.48 -22.75 23.36
CA THR A 593 5.05 -22.34 22.03
C THR A 593 6.15 -21.62 21.26
N ARG A 594 7.31 -21.39 21.88
CA ARG A 594 8.38 -20.65 21.23
C ARG A 594 8.93 -21.40 20.02
N GLY A 595 9.05 -22.73 20.13
CA GLY A 595 9.64 -23.50 19.05
C GLY A 595 8.76 -23.68 17.84
N LEU A 596 7.47 -23.38 17.95
CA LEU A 596 6.54 -23.47 16.83
C LEU A 596 6.12 -22.06 16.42
N LYS A 597 6.29 -21.74 15.14
CA LYS A 597 6.03 -20.39 14.67
C LYS A 597 4.56 -20.01 14.83
N LEU A 598 3.65 -20.88 14.39
CA LEU A 598 2.23 -20.57 14.43
C LEU A 598 1.72 -20.40 15.85
N THR A 599 2.32 -21.11 16.81
CA THR A 599 1.96 -20.96 18.21
C THR A 599 2.73 -19.86 18.91
N GLY A 600 4.00 -19.63 18.53
CA GLY A 600 4.75 -18.53 19.12
C GLY A 600 4.15 -17.18 18.78
N THR A 601 3.80 -16.98 17.51
CA THR A 601 3.15 -15.72 17.12
C THR A 601 1.80 -15.57 17.82
N TYR A 602 1.03 -16.66 17.91
CA TYR A 602 -0.23 -16.67 18.64
C TYR A 602 -0.04 -16.19 20.07
N SER A 603 0.91 -16.80 20.79
CA SER A 603 1.16 -16.41 22.18
C SER A 603 1.61 -14.96 22.28
N ILE A 604 2.46 -14.52 21.36
CA ILE A 604 2.92 -13.13 21.38
C ILE A 604 1.75 -12.17 21.24
N MET A 605 0.83 -12.47 20.31
CA MET A 605 -0.37 -11.66 20.18
C MET A 605 -1.22 -11.71 21.45
N ILE A 606 -1.28 -12.87 22.11
CA ILE A 606 -2.05 -12.97 23.34
C ILE A 606 -1.50 -12.03 24.40
N GLN A 607 -0.18 -12.05 24.62
CA GLN A 607 0.40 -11.18 25.64
C GLN A 607 0.27 -9.71 25.23
N LYS A 608 0.41 -9.41 23.95
CA LYS A 608 0.27 -8.02 23.50
C LYS A 608 -1.14 -7.51 23.76
N ILE A 609 -2.15 -8.32 23.44
CA ILE A 609 -3.54 -7.93 23.69
C ILE A 609 -3.79 -7.78 25.18
N LEU A 610 -3.26 -8.70 25.99
CA LEU A 610 -3.46 -8.62 27.43
C LEU A 610 -2.83 -7.35 28.01
N PHE A 611 -1.67 -6.96 27.50
CA PHE A 611 -1.00 -5.77 28.04
C PHE A 611 -1.66 -4.49 27.56
N LYS A 612 -1.66 -4.25 26.25
CA LYS A 612 -2.03 -2.92 25.76
C LYS A 612 -3.54 -2.71 25.78
N ASP A 613 -4.32 -3.75 25.51
CA ASP A 613 -5.75 -3.62 25.26
C ASP A 613 -6.63 -4.08 26.40
N LEU A 614 -6.27 -5.18 27.07
CA LEU A 614 -7.13 -5.72 28.12
C LEU A 614 -7.30 -4.75 29.28
N PHE A 615 -6.21 -4.07 29.66
CA PHE A 615 -6.29 -3.13 30.78
C PHE A 615 -7.20 -1.95 30.47
N ARG A 616 -7.12 -1.42 29.26
CA ARG A 616 -7.98 -0.28 28.91
C ARG A 616 -9.44 -0.69 28.85
N PHE A 617 -9.73 -1.84 28.24
CA PHE A 617 -11.10 -2.34 28.19
C PHE A 617 -11.67 -2.54 29.58
N LEU A 618 -10.90 -3.18 30.45
CA LEU A 618 -11.36 -3.42 31.83
C LEU A 618 -11.54 -2.11 32.57
N LEU A 619 -10.62 -1.16 32.38
CA LEU A 619 -10.71 0.13 33.07
C LEU A 619 -11.99 0.86 32.66
N VAL A 620 -12.26 0.94 31.35
CA VAL A 620 -13.46 1.64 30.89
C VAL A 620 -14.71 0.92 31.35
N TYR A 621 -14.72 -0.41 31.27
CA TYR A 621 -15.90 -1.17 31.68
C TYR A 621 -16.20 -0.96 33.16
N LEU A 622 -15.17 -1.05 34.01
CA LEU A 622 -15.37 -0.84 35.44
C LEU A 622 -15.77 0.60 35.74
N LEU A 623 -15.18 1.57 35.04
CA LEU A 623 -15.56 2.97 35.26
C LEU A 623 -17.04 3.18 34.98
N PHE A 624 -17.50 2.75 33.80
CA PHE A 624 -18.91 2.91 33.44
C PHE A 624 -19.80 2.13 34.41
N MET A 625 -19.42 0.90 34.75
CA MET A 625 -20.26 0.08 35.62
C MET A 625 -20.40 0.71 37.00
N ILE A 626 -19.27 1.15 37.59
CA ILE A 626 -19.31 1.72 38.93
C ILE A 626 -20.11 3.02 38.92
N GLY A 627 -19.86 3.89 37.94
CA GLY A 627 -20.58 5.15 37.90
C GLY A 627 -22.08 4.94 37.75
N TYR A 628 -22.49 4.10 36.81
CA TYR A 628 -23.91 3.91 36.57
C TYR A 628 -24.58 3.17 37.72
N ALA A 629 -23.88 2.19 38.32
CA ALA A 629 -24.43 1.48 39.47
C ALA A 629 -24.62 2.41 40.66
N SER A 630 -23.65 3.28 40.92
CA SER A 630 -23.82 4.26 42.00
C SER A 630 -24.99 5.20 41.69
N ALA A 631 -25.12 5.62 40.44
CA ALA A 631 -26.23 6.48 40.06
C ALA A 631 -27.57 5.79 40.29
N LEU A 632 -27.65 4.50 39.96
CA LEU A 632 -28.89 3.76 40.15
C LEU A 632 -29.19 3.54 41.64
N VAL A 633 -28.16 3.21 42.41
CA VAL A 633 -28.34 3.04 43.86
C VAL A 633 -28.77 4.36 44.49
N SER A 634 -28.40 5.49 43.90
CA SER A 634 -28.87 6.79 44.38
C SER A 634 -30.39 6.90 44.40
N LEU A 635 -31.11 5.96 43.78
CA LEU A 635 -32.56 5.91 43.78
C LEU A 635 -33.08 4.75 44.62
N LEU A 636 -32.41 4.47 45.74
CA LEU A 636 -32.73 3.32 46.55
C LEU A 636 -33.93 3.60 47.45
N ASN A 637 -34.50 2.51 47.98
CA ASN A 637 -35.58 2.59 48.97
C ASN A 637 -35.31 1.51 50.01
N PRO A 638 -35.01 1.89 51.27
CA PRO A 638 -34.73 0.92 52.34
C PRO A 638 -35.93 0.03 52.66
N SER A 663 -29.44 -1.18 51.79
CA SER A 663 -28.16 -0.86 52.40
C SER A 663 -27.06 -1.80 51.91
N GLU A 664 -27.37 -3.11 51.93
CA GLU A 664 -26.45 -4.14 51.48
C GLU A 664 -26.73 -4.61 50.06
N THR A 665 -27.61 -3.92 49.34
CA THR A 665 -28.03 -4.34 48.01
C THR A 665 -26.96 -4.13 46.94
N PHE A 666 -25.76 -3.70 47.31
CA PHE A 666 -24.73 -3.42 46.31
C PHE A 666 -24.39 -4.67 45.50
N SER A 667 -24.06 -5.77 46.18
CA SER A 667 -23.62 -6.97 45.49
C SER A 667 -24.73 -7.56 44.64
N THR A 668 -25.93 -7.68 45.20
CA THR A 668 -27.05 -8.25 44.45
C THR A 668 -27.42 -7.39 43.25
N PHE A 669 -27.41 -6.07 43.43
CA PHE A 669 -27.78 -5.17 42.35
C PHE A 669 -26.73 -5.20 41.24
N LEU A 670 -25.45 -5.24 41.61
CA LEU A 670 -24.41 -5.37 40.60
C LEU A 670 -24.52 -6.70 39.86
N LEU A 671 -24.83 -7.77 40.58
CA LEU A 671 -24.99 -9.07 39.93
C LEU A 671 -26.16 -9.06 38.96
N ASP A 672 -27.28 -8.45 39.35
CA ASP A 672 -28.43 -8.42 38.45
C ASP A 672 -28.17 -7.54 37.23
N LEU A 673 -27.42 -6.44 37.41
CA LEU A 673 -27.03 -5.61 36.28
C LEU A 673 -26.12 -6.38 35.32
N PHE A 674 -25.16 -7.12 35.87
CA PHE A 674 -24.28 -7.93 35.02
C PHE A 674 -25.06 -8.99 34.28
N LYS A 675 -26.02 -9.64 34.95
CA LYS A 675 -26.86 -10.62 34.27
C LYS A 675 -27.70 -9.98 33.17
N LEU A 676 -28.24 -8.79 33.44
CA LEU A 676 -29.04 -8.09 32.44
C LEU A 676 -28.20 -7.58 31.28
N THR A 677 -26.89 -7.43 31.48
CA THR A 677 -26.02 -6.98 30.38
C THR A 677 -26.08 -7.97 29.21
N ILE A 678 -26.02 -9.26 29.49
CA ILE A 678 -26.17 -10.26 28.45
C ILE A 678 -27.64 -10.55 28.15
N GLY A 679 -28.52 -10.40 29.12
CA GLY A 679 -29.93 -10.65 28.94
C GLY A 679 -30.51 -11.77 29.79
N MET A 680 -29.77 -12.27 30.76
CA MET A 680 -30.23 -13.34 31.64
C MET A 680 -30.69 -12.85 32.99
N GLY A 681 -30.82 -11.53 33.18
CA GLY A 681 -31.18 -10.98 34.48
C GLY A 681 -32.67 -10.78 34.64
N ASP A 682 -33.04 -10.35 35.85
CA ASP A 682 -34.41 -10.08 36.22
C ASP A 682 -34.57 -8.60 36.57
N LEU A 683 -35.67 -8.01 36.12
CA LEU A 683 -35.97 -6.59 36.35
C LEU A 683 -37.02 -6.39 37.44
N GLU A 684 -37.05 -7.29 38.43
CA GLU A 684 -38.05 -7.19 39.49
C GLU A 684 -37.85 -5.93 40.33
N MET A 685 -36.61 -5.59 40.64
CA MET A 685 -36.33 -4.42 41.48
C MET A 685 -36.52 -3.10 40.74
N LEU A 686 -36.69 -3.13 39.42
CA LEU A 686 -36.87 -1.90 38.67
C LEU A 686 -38.17 -1.19 39.04
N SER A 687 -39.24 -1.96 39.25
CA SER A 687 -40.53 -1.36 39.56
C SER A 687 -40.58 -0.75 40.96
N SER A 688 -39.63 -1.11 41.83
CA SER A 688 -39.64 -0.57 43.20
C SER A 688 -39.18 0.88 43.26
N THR A 689 -38.59 1.40 42.18
CA THR A 689 -38.09 2.76 42.18
C THR A 689 -39.24 3.76 42.06
N LYS A 690 -38.98 4.99 42.49
CA LYS A 690 -40.00 6.03 42.46
C LYS A 690 -40.36 6.41 41.03
N TYR A 691 -39.35 6.65 40.19
CA TYR A 691 -39.58 7.06 38.81
C TYR A 691 -39.20 5.93 37.87
N PRO A 692 -40.15 5.30 37.19
CA PRO A 692 -39.80 4.18 36.31
C PRO A 692 -39.22 4.64 34.97
N VAL A 693 -39.69 5.77 34.47
CA VAL A 693 -39.32 6.21 33.12
C VAL A 693 -37.82 6.49 33.04
N VAL A 694 -37.31 7.30 33.98
CA VAL A 694 -35.90 7.68 33.93
C VAL A 694 -35.01 6.47 34.21
N PHE A 695 -35.44 5.60 35.13
CA PHE A 695 -34.65 4.41 35.44
C PHE A 695 -34.56 3.48 34.23
N ILE A 696 -35.68 3.25 33.54
CA ILE A 696 -35.67 2.41 32.35
C ILE A 696 -34.83 3.04 31.25
N ILE A 697 -34.96 4.36 31.06
CA ILE A 697 -34.17 5.03 30.02
C ILE A 697 -32.69 4.92 30.33
N LEU A 698 -32.31 5.11 31.59
CA LEU A 698 -30.90 5.05 31.96
C LEU A 698 -30.35 3.64 31.81
N LEU A 699 -31.16 2.62 32.14
CA LEU A 699 -30.74 1.24 31.90
C LEU A 699 -30.54 0.96 30.42
N VAL A 700 -31.45 1.47 29.58
CA VAL A 700 -31.32 1.28 28.14
C VAL A 700 -30.04 1.92 27.63
N THR A 701 -29.78 3.15 28.08
CA THR A 701 -28.55 3.83 27.67
C THR A 701 -27.32 3.08 28.14
N TYR A 702 -27.32 2.60 29.38
CA TYR A 702 -26.20 1.81 29.89
C TYR A 702 -25.95 0.61 28.99
N ILE A 703 -26.99 -0.17 28.72
CA ILE A 703 -26.83 -1.40 27.95
C ILE A 703 -26.27 -1.08 26.57
N ILE A 704 -26.92 -0.15 25.86
CA ILE A 704 -26.53 0.12 24.48
C ILE A 704 -25.12 0.69 24.42
N LEU A 705 -24.82 1.68 25.27
CA LEU A 705 -23.51 2.31 25.22
C LEU A 705 -22.41 1.31 25.57
N THR A 706 -22.53 0.63 26.71
CA THR A 706 -21.49 -0.31 27.10
C THR A 706 -21.30 -1.39 26.04
N PHE A 707 -22.37 -2.08 25.65
CA PHE A 707 -22.22 -3.18 24.71
C PHE A 707 -21.63 -2.71 23.40
N VAL A 708 -22.26 -1.72 22.75
CA VAL A 708 -21.84 -1.31 21.43
C VAL A 708 -20.44 -0.73 21.47
N LEU A 709 -20.20 0.24 22.36
CA LEU A 709 -18.90 0.91 22.39
C LEU A 709 -17.78 -0.07 22.71
N LEU A 710 -17.96 -0.92 23.71
CA LEU A 710 -16.87 -1.80 24.13
C LEU A 710 -16.60 -2.88 23.09
N LEU A 711 -17.66 -3.47 22.51
CA LEU A 711 -17.44 -4.46 21.47
C LEU A 711 -16.77 -3.83 20.25
N ASN A 712 -17.21 -2.63 19.86
CA ASN A 712 -16.62 -1.96 18.70
C ASN A 712 -15.15 -1.63 18.94
N MET A 713 -14.81 -1.14 20.14
CA MET A 713 -13.42 -0.80 20.41
C MET A 713 -12.54 -2.05 20.47
N LEU A 714 -13.03 -3.14 21.08
CA LEU A 714 -12.30 -4.40 21.01
C LEU A 714 -12.02 -4.80 19.57
N ILE A 715 -13.06 -4.83 18.73
CA ILE A 715 -12.91 -5.30 17.37
C ILE A 715 -11.95 -4.41 16.59
N ALA A 716 -12.13 -3.09 16.71
CA ALA A 716 -11.29 -2.16 15.96
C ALA A 716 -9.84 -2.26 16.40
N LEU A 717 -9.58 -2.30 17.72
CA LEU A 717 -8.21 -2.36 18.20
C LEU A 717 -7.53 -3.67 17.79
N MET A 718 -8.23 -4.79 17.92
CA MET A 718 -7.60 -6.06 17.54
C MET A 718 -7.34 -6.10 16.03
N GLY A 719 -8.28 -5.61 15.23
CA GLY A 719 -8.06 -5.59 13.79
C GLY A 719 -6.89 -4.72 13.39
N GLU A 720 -6.82 -3.52 13.98
CA GLU A 720 -5.71 -2.62 13.68
C GLU A 720 -4.38 -3.23 14.10
N THR A 721 -4.34 -3.84 15.29
CA THR A 721 -3.10 -4.46 15.76
C THR A 721 -2.66 -5.58 14.82
N VAL A 722 -3.59 -6.46 14.45
CA VAL A 722 -3.20 -7.60 13.63
C VAL A 722 -2.91 -7.19 12.19
N GLY A 723 -3.42 -6.05 11.74
CA GLY A 723 -3.10 -5.56 10.41
C GLY A 723 -1.85 -4.70 10.38
N GLN A 724 -1.40 -4.24 11.54
CA GLN A 724 -0.25 -3.34 11.61
C GLN A 724 1.03 -4.02 12.08
N VAL A 725 1.00 -4.76 13.20
CA VAL A 725 2.24 -5.21 13.82
C VAL A 725 2.45 -6.71 13.64
N SER A 726 1.87 -7.28 12.58
CA SER A 726 2.16 -8.67 12.27
C SER A 726 3.63 -8.88 11.94
N LYS A 727 4.21 -7.96 11.17
CA LYS A 727 5.64 -8.03 10.87
C LYS A 727 6.48 -7.84 12.13
N GLU A 728 6.05 -6.97 13.04
CA GLU A 728 6.78 -6.78 14.29
C GLU A 728 6.72 -8.03 15.15
N SER A 729 5.58 -8.71 15.18
CA SER A 729 5.49 -9.98 15.90
C SER A 729 6.38 -11.04 15.27
N LYS A 730 6.44 -11.05 13.93
CA LYS A 730 7.36 -11.94 13.23
C LYS A 730 8.80 -11.66 13.67
N HIS A 731 9.18 -10.38 13.71
CA HIS A 731 10.51 -10.01 14.18
C HIS A 731 10.74 -10.44 15.62
N ILE A 732 9.70 -10.31 16.46
CA ILE A 732 9.84 -10.65 17.87
C ILE A 732 10.09 -12.15 18.05
N TRP A 733 9.29 -12.99 17.38
CA TRP A 733 9.36 -14.43 17.64
C TRP A 733 10.78 -14.97 17.51
N LYS A 734 11.53 -14.46 16.52
CA LYS A 734 12.92 -14.84 16.35
C LYS A 734 13.72 -14.61 17.62
N LEU A 735 13.38 -13.55 18.37
CA LEU A 735 14.18 -13.18 19.53
C LEU A 735 14.10 -14.23 20.63
N GLN A 736 12.88 -14.64 21.02
CA GLN A 736 12.83 -15.69 22.03
C GLN A 736 13.14 -17.06 21.47
N TRP A 737 13.03 -17.27 20.15
CA TRP A 737 13.54 -18.52 19.59
C TRP A 737 15.04 -18.64 19.82
N ALA A 738 15.79 -17.59 19.46
CA ALA A 738 17.22 -17.57 19.72
C ALA A 738 17.52 -17.61 21.21
N THR A 739 16.69 -16.96 22.02
CA THR A 739 16.87 -17.01 23.47
C THR A 739 16.75 -18.42 24.00
N THR A 740 15.73 -19.15 23.55
CA THR A 740 15.55 -20.54 23.96
C THR A 740 16.75 -21.39 23.54
N ILE A 741 17.21 -21.21 22.30
CA ILE A 741 18.38 -21.94 21.84
C ILE A 741 19.58 -21.65 22.73
N LEU A 742 19.75 -20.38 23.12
CA LEU A 742 20.92 -20.02 23.91
C LEU A 742 20.84 -20.52 25.35
N ASP A 743 19.64 -20.53 25.94
CA ASP A 743 19.53 -21.11 27.28
C ASP A 743 19.70 -22.63 27.25
N ILE A 744 19.28 -23.27 26.15
CA ILE A 744 19.58 -24.69 26.00
C ILE A 744 21.09 -24.91 25.91
N GLU A 745 21.78 -24.08 25.12
CA GLU A 745 23.22 -24.23 24.99
C GLU A 745 23.95 -23.96 26.30
N ARG A 746 23.52 -22.92 27.04
CA ARG A 746 24.24 -22.50 28.24
C ARG A 746 24.22 -23.58 29.31
N SER A 747 23.07 -24.26 29.49
CA SER A 747 22.95 -25.27 30.52
C SER A 747 23.84 -26.48 30.26
N PHE A 748 24.28 -26.67 29.02
CA PHE A 748 25.09 -27.82 28.68
C PHE A 748 26.46 -27.72 29.36
N PRO A 749 27.09 -28.85 29.65
CA PRO A 749 28.46 -28.83 30.15
C PRO A 749 29.42 -28.28 29.11
N VAL A 750 30.53 -27.73 29.59
CA VAL A 750 31.46 -27.01 28.72
C VAL A 750 32.00 -27.94 27.63
N PHE A 751 32.41 -29.15 28.03
CA PHE A 751 32.88 -30.12 27.03
C PHE A 751 31.75 -30.54 26.10
N LEU A 752 30.54 -30.74 26.65
CA LEU A 752 29.40 -31.04 25.79
C LEU A 752 29.02 -29.85 24.94
N ARG A 753 29.17 -28.63 25.48
CA ARG A 753 28.93 -27.43 24.71
C ARG A 753 29.87 -27.34 23.51
N LYS A 754 31.13 -27.75 23.70
CA LYS A 754 32.06 -27.82 22.58
C LYS A 754 31.80 -29.01 21.68
N ALA A 755 31.13 -30.06 22.18
CA ALA A 755 30.89 -31.25 21.37
C ALA A 755 29.94 -30.95 20.23
N PHE A 756 28.85 -30.25 20.50
CA PHE A 756 27.87 -29.87 19.48
C PHE A 756 28.16 -28.50 18.88
N ARG A 757 29.42 -28.07 18.88
CA ARG A 757 29.77 -26.74 18.41
C ARG A 757 29.69 -26.69 16.89
N SER A 758 28.90 -25.75 16.37
CA SER A 758 28.71 -25.62 14.94
C SER A 758 29.98 -25.07 14.29
N GLY A 759 29.99 -25.07 12.96
CA GLY A 759 31.16 -24.68 12.21
C GLY A 759 32.15 -25.81 12.08
N GLU A 760 33.27 -25.51 11.43
CA GLU A 760 34.31 -26.50 11.18
C GLU A 760 35.68 -25.87 11.36
N MET A 761 36.65 -26.71 11.74
CA MET A 761 38.04 -26.30 11.86
C MET A 761 38.67 -26.29 10.47
N VAL A 762 39.07 -25.11 10.00
CA VAL A 762 39.61 -24.95 8.66
C VAL A 762 40.83 -24.03 8.73
N THR A 763 41.78 -24.26 7.83
CA THR A 763 42.96 -23.41 7.70
C THR A 763 42.68 -22.39 6.59
N VAL A 764 42.32 -21.17 6.98
CA VAL A 764 41.97 -20.15 6.00
C VAL A 764 43.20 -19.49 5.38
N GLY A 765 44.38 -19.69 5.95
CA GLY A 765 45.58 -19.11 5.39
C GLY A 765 46.75 -19.23 6.34
N LYS A 766 47.87 -18.67 5.93
CA LYS A 766 49.10 -18.66 6.70
C LYS A 766 49.23 -17.36 7.48
N SER A 767 50.20 -17.35 8.40
CA SER A 767 50.49 -16.18 9.22
C SER A 767 52.00 -16.04 9.32
N SER A 768 52.44 -15.17 10.22
CA SER A 768 53.87 -14.99 10.46
C SER A 768 54.47 -16.27 11.02
N ASP A 769 55.71 -16.54 10.61
CA ASP A 769 56.48 -17.73 11.03
C ASP A 769 55.81 -19.03 10.57
N GLY A 770 54.91 -18.95 9.60
CA GLY A 770 54.30 -20.15 9.04
C GLY A 770 53.22 -20.78 9.87
N THR A 771 52.74 -20.11 10.91
CA THR A 771 51.67 -20.67 11.74
C THR A 771 50.36 -20.60 10.98
N PRO A 772 49.68 -21.73 10.76
CA PRO A 772 48.41 -21.70 10.03
C PRO A 772 47.32 -21.00 10.82
N ASP A 773 46.41 -20.37 10.09
CA ASP A 773 45.25 -19.69 10.70
C ASP A 773 44.17 -20.74 10.94
N ARG A 774 44.24 -21.38 12.10
CA ARG A 774 43.27 -22.41 12.48
C ARG A 774 42.08 -21.73 13.14
N ARG A 775 41.08 -21.38 12.32
CA ARG A 775 39.90 -20.66 12.79
C ARG A 775 38.67 -21.53 12.62
N TRP A 776 37.86 -21.62 13.67
CA TRP A 776 36.54 -22.21 13.53
C TRP A 776 35.68 -21.32 12.63
N CYS A 777 35.19 -21.90 11.53
CA CYS A 777 34.53 -21.11 10.49
C CYS A 777 33.21 -21.77 10.11
N PHE A 778 32.29 -20.95 9.65
CA PHE A 778 30.96 -21.39 9.22
C PHE A 778 30.84 -21.19 7.71
N ARG A 779 30.40 -22.23 7.01
CA ARG A 779 30.34 -22.23 5.56
C ARG A 779 28.91 -21.98 5.08
N VAL A 780 28.75 -21.01 4.18
CA VAL A 780 27.50 -20.75 3.49
C VAL A 780 27.75 -20.92 2.00
N ASP A 781 26.77 -21.49 1.29
CA ASP A 781 26.88 -21.75 -0.13
C ASP A 781 26.07 -20.72 -0.91
N GLU A 782 26.73 -20.06 -1.86
CA GLU A 782 26.12 -19.02 -2.66
C GLU A 782 26.06 -19.45 -4.11
N VAL A 783 24.97 -19.10 -4.80
CA VAL A 783 24.79 -19.39 -6.21
C VAL A 783 24.42 -18.10 -6.91
N ASN A 784 25.14 -17.77 -7.98
CA ASN A 784 24.95 -16.49 -8.66
C ASN A 784 25.42 -16.61 -10.11
N TRP A 785 24.49 -16.48 -11.04
CA TRP A 785 24.83 -16.41 -12.47
C TRP A 785 25.02 -14.98 -12.94
N SER A 786 25.82 -14.20 -12.24
CA SER A 786 26.07 -12.83 -12.66
C SER A 786 27.54 -12.50 -12.78
N HIS A 787 28.38 -12.99 -11.87
CA HIS A 787 29.82 -12.77 -11.90
C HIS A 787 30.52 -14.11 -11.85
N TRP A 788 31.48 -14.30 -12.75
CA TRP A 788 32.16 -15.59 -12.88
C TRP A 788 33.60 -15.51 -12.42
N VAL B 148 64.23 -38.99 -7.87
CA VAL B 148 64.50 -37.56 -8.01
C VAL B 148 63.21 -36.76 -7.92
N PHE B 149 62.22 -37.17 -8.71
CA PHE B 149 60.91 -36.51 -8.76
C PHE B 149 59.90 -37.39 -8.03
N ASN B 150 59.47 -36.91 -6.86
CA ASN B 150 58.40 -37.58 -6.12
C ASN B 150 57.06 -36.93 -6.45
N ARG B 151 55.98 -37.58 -6.01
CA ARG B 151 54.65 -37.02 -6.26
C ARG B 151 54.46 -35.65 -5.61
N PRO B 152 54.75 -35.43 -4.31
CA PRO B 152 54.62 -34.07 -3.78
C PRO B 152 55.54 -33.07 -4.45
N ILE B 153 56.76 -33.48 -4.80
CA ILE B 153 57.71 -32.54 -5.41
C ILE B 153 57.20 -32.07 -6.76
N LEU B 154 56.80 -33.01 -7.63
CA LEU B 154 56.30 -32.63 -8.94
C LEU B 154 54.99 -31.87 -8.83
N PHE B 155 54.12 -32.27 -7.91
CA PHE B 155 52.86 -31.55 -7.74
C PHE B 155 53.10 -30.11 -7.32
N ASP B 156 54.02 -29.88 -6.38
CA ASP B 156 54.34 -28.52 -5.97
C ASP B 156 54.99 -27.74 -7.11
N ILE B 157 55.87 -28.38 -7.88
CA ILE B 157 56.52 -27.71 -9.00
C ILE B 157 55.50 -27.25 -10.02
N VAL B 158 54.54 -28.12 -10.35
CA VAL B 158 53.51 -27.76 -11.33
C VAL B 158 52.58 -26.69 -10.76
N SER B 159 52.24 -26.79 -9.47
CA SER B 159 51.35 -25.81 -8.85
C SER B 159 51.99 -24.43 -8.77
N ARG B 160 53.32 -24.37 -8.63
CA ARG B 160 54.01 -23.09 -8.58
C ARG B 160 53.94 -22.32 -9.89
N GLY B 161 53.57 -22.97 -10.99
CA GLY B 161 53.49 -22.31 -12.27
C GLY B 161 54.82 -21.83 -12.80
N SER B 162 55.87 -22.62 -12.63
CA SER B 162 57.21 -22.29 -13.11
C SER B 162 57.73 -23.45 -13.95
N THR B 163 57.91 -23.22 -15.24
CA THR B 163 58.39 -24.26 -16.15
C THR B 163 59.91 -24.28 -16.25
N ALA B 164 60.56 -24.28 -15.09
CA ALA B 164 62.01 -24.38 -15.02
C ALA B 164 62.48 -25.48 -14.10
N ASP B 165 61.79 -25.72 -12.98
CA ASP B 165 62.19 -26.78 -12.07
C ASP B 165 61.87 -28.17 -12.64
N LEU B 166 60.80 -28.28 -13.43
CA LEU B 166 60.39 -29.56 -13.97
C LEU B 166 61.22 -29.98 -15.20
N ASP B 167 62.07 -29.09 -15.70
CA ASP B 167 62.87 -29.43 -16.88
C ASP B 167 63.81 -30.59 -16.56
N GLY B 168 63.82 -31.59 -17.43
CA GLY B 168 64.69 -32.74 -17.29
C GLY B 168 64.07 -33.93 -16.57
N LEU B 169 62.75 -33.95 -16.46
CA LEU B 169 62.06 -35.09 -15.79
C LEU B 169 61.74 -36.17 -16.83
N LEU B 170 61.65 -35.79 -18.12
CA LEU B 170 61.31 -36.75 -19.19
C LEU B 170 62.39 -37.83 -19.28
N PRO B 171 63.69 -37.48 -19.25
CA PRO B 171 64.76 -38.49 -19.31
C PRO B 171 64.73 -39.45 -18.13
N PHE B 172 64.49 -38.93 -16.92
CA PHE B 172 64.48 -39.73 -15.67
C PHE B 172 63.34 -40.77 -15.73
N LEU B 173 62.13 -40.30 -15.99
CA LEU B 173 60.91 -41.08 -16.07
C LEU B 173 61.03 -42.20 -17.10
N LEU B 174 61.77 -41.96 -18.19
CA LEU B 174 61.97 -43.00 -19.19
C LEU B 174 62.91 -44.09 -18.69
N THR B 175 63.97 -43.69 -17.95
CA THR B 175 64.97 -44.67 -17.53
C THR B 175 64.42 -45.68 -16.53
N HIS B 176 63.53 -45.25 -15.63
CA HIS B 176 63.05 -46.12 -14.57
C HIS B 176 61.77 -46.85 -14.97
N LYS B 177 61.34 -46.72 -16.23
CA LYS B 177 60.20 -47.45 -16.77
C LYS B 177 58.90 -47.08 -16.05
N LYS B 178 58.66 -45.78 -15.94
CA LYS B 178 57.46 -45.24 -15.31
C LYS B 178 56.62 -44.49 -16.34
N ARG B 179 55.48 -43.98 -15.87
CA ARG B 179 54.60 -43.16 -16.68
C ARG B 179 53.94 -42.12 -15.79
N LEU B 180 53.41 -41.07 -16.41
CA LEU B 180 52.75 -40.01 -15.65
C LEU B 180 51.44 -40.45 -15.03
N THR B 181 50.91 -41.62 -15.41
CA THR B 181 49.63 -42.11 -14.90
C THR B 181 49.81 -43.31 -13.98
N ASP B 182 50.96 -43.44 -13.34
CA ASP B 182 51.20 -44.57 -12.45
C ASP B 182 50.35 -44.44 -11.19
N GLU B 183 49.99 -45.60 -10.63
CA GLU B 183 49.14 -45.62 -9.43
C GLU B 183 49.84 -44.95 -8.26
N GLU B 184 51.13 -45.24 -8.07
CA GLU B 184 51.91 -44.64 -6.99
C GLU B 184 52.34 -43.21 -7.29
N PHE B 185 51.86 -42.62 -8.38
CA PHE B 185 52.25 -41.28 -8.76
C PHE B 185 51.12 -40.26 -8.63
N ARG B 186 49.87 -40.70 -8.65
CA ARG B 186 48.73 -39.82 -8.46
C ARG B 186 48.30 -39.81 -7.00
N GLU B 187 47.49 -38.82 -6.64
CA GLU B 187 47.01 -38.71 -5.27
C GLU B 187 46.12 -39.90 -4.95
N PRO B 188 46.36 -40.60 -3.84
CA PRO B 188 45.55 -41.79 -3.52
C PRO B 188 44.08 -41.49 -3.27
N SER B 189 43.73 -40.27 -2.89
CA SER B 189 42.34 -39.96 -2.57
C SER B 189 41.49 -39.89 -3.84
N THR B 190 41.82 -38.99 -4.75
CA THR B 190 41.05 -38.78 -5.97
C THR B 190 41.64 -39.47 -7.18
N GLY B 191 42.96 -39.47 -7.32
CA GLY B 191 43.60 -39.90 -8.55
C GLY B 191 44.03 -38.78 -9.46
N LYS B 192 43.96 -37.53 -8.99
CA LYS B 192 44.36 -36.38 -9.79
C LYS B 192 45.80 -36.51 -10.26
N THR B 193 46.02 -36.26 -11.54
CA THR B 193 47.35 -36.28 -12.13
C THR B 193 47.87 -34.86 -12.29
N CYS B 194 49.00 -34.72 -12.97
CA CYS B 194 49.65 -33.41 -13.10
C CYS B 194 48.77 -32.42 -13.86
N LEU B 195 48.11 -32.88 -14.93
CA LEU B 195 47.34 -31.95 -15.76
C LEU B 195 46.15 -31.34 -15.02
N PRO B 196 45.31 -32.10 -14.30
CA PRO B 196 44.25 -31.44 -13.52
C PRO B 196 44.80 -30.49 -12.47
N LYS B 197 45.94 -30.82 -11.86
CA LYS B 197 46.53 -29.92 -10.88
C LYS B 197 46.97 -28.61 -11.54
N ALA B 198 47.56 -28.70 -12.73
CA ALA B 198 47.95 -27.50 -13.45
C ALA B 198 46.73 -26.67 -13.85
N LEU B 199 45.67 -27.33 -14.32
CA LEU B 199 44.49 -26.60 -14.78
C LEU B 199 43.73 -25.97 -13.62
N LEU B 200 43.76 -26.61 -12.45
CA LEU B 200 43.08 -26.05 -11.28
C LEU B 200 43.78 -24.78 -10.79
N ASN B 201 45.12 -24.75 -10.86
CA ASN B 201 45.90 -23.65 -10.32
C ASN B 201 46.34 -22.67 -11.41
N LEU B 202 45.46 -22.37 -12.36
CA LEU B 202 45.77 -21.37 -13.37
C LEU B 202 45.93 -20.01 -12.73
N SER B 203 46.98 -19.29 -13.15
CA SER B 203 47.25 -17.94 -12.67
C SER B 203 47.30 -16.99 -13.85
N ASN B 204 46.54 -15.89 -13.74
CA ASN B 204 46.42 -14.88 -14.79
C ASN B 204 45.89 -15.47 -16.10
N GLY B 205 45.22 -16.62 -16.02
CA GLY B 205 44.61 -17.23 -17.19
C GLY B 205 45.52 -18.12 -18.01
N ARG B 206 46.80 -18.23 -17.66
CA ARG B 206 47.72 -19.05 -18.44
C ARG B 206 48.80 -19.62 -17.53
N ASN B 207 49.00 -20.93 -17.61
CA ASN B 207 50.16 -21.61 -17.03
C ASN B 207 50.91 -22.30 -18.17
N ASP B 208 52.22 -22.11 -18.22
CA ASP B 208 53.02 -22.67 -19.31
C ASP B 208 53.40 -24.12 -19.07
N THR B 209 53.03 -24.70 -17.93
CA THR B 209 53.42 -26.07 -17.64
C THR B 209 52.61 -27.08 -18.45
N ILE B 210 51.38 -26.73 -18.83
CA ILE B 210 50.52 -27.70 -19.54
C ILE B 210 51.12 -28.16 -20.86
N PRO B 211 51.59 -27.29 -21.76
CA PRO B 211 52.19 -27.79 -23.00
C PRO B 211 53.42 -28.67 -22.76
N VAL B 212 54.24 -28.32 -21.78
CA VAL B 212 55.43 -29.11 -21.49
C VAL B 212 55.03 -30.49 -20.98
N LEU B 213 54.07 -30.55 -20.06
CA LEU B 213 53.62 -31.84 -19.55
C LEU B 213 53.01 -32.69 -20.66
N LEU B 214 52.25 -32.08 -21.56
CA LEU B 214 51.70 -32.84 -22.68
C LEU B 214 52.80 -33.35 -23.60
N ASP B 215 53.85 -32.55 -23.79
CA ASP B 215 54.99 -33.00 -24.59
C ASP B 215 55.68 -34.20 -23.96
N ILE B 216 55.89 -34.15 -22.64
CA ILE B 216 56.47 -35.30 -21.95
C ILE B 216 55.57 -36.52 -22.08
N ALA B 217 54.26 -36.31 -21.96
CA ALA B 217 53.32 -37.43 -22.08
C ALA B 217 53.38 -38.07 -23.47
N GLU B 218 53.44 -37.24 -24.52
CA GLU B 218 53.51 -37.79 -25.87
C GLU B 218 54.86 -38.42 -26.13
N ARG B 219 55.92 -37.96 -25.46
CA ARG B 219 57.20 -38.67 -25.51
C ARG B 219 57.09 -40.04 -24.87
N THR B 220 56.38 -40.14 -23.75
CA THR B 220 56.23 -41.39 -23.03
C THR B 220 55.27 -42.36 -23.72
N GLY B 221 54.51 -41.90 -24.71
CA GLY B 221 53.59 -42.77 -25.42
C GLY B 221 52.44 -43.28 -24.58
N ASN B 222 51.85 -42.42 -23.75
CA ASN B 222 50.65 -42.72 -22.98
C ASN B 222 49.66 -41.58 -23.06
N MET B 223 49.63 -40.89 -24.21
CA MET B 223 48.90 -39.64 -24.31
C MET B 223 47.40 -39.85 -24.18
N ARG B 224 46.88 -40.98 -24.70
CA ARG B 224 45.47 -41.28 -24.55
C ARG B 224 45.09 -41.41 -23.08
N GLU B 225 45.91 -42.11 -22.30
CA GLU B 225 45.62 -42.32 -20.88
C GLU B 225 46.15 -41.19 -19.99
N PHE B 226 47.05 -40.35 -20.51
CA PHE B 226 47.53 -39.23 -19.71
C PHE B 226 46.44 -38.17 -19.55
N ILE B 227 45.98 -37.60 -20.66
CA ILE B 227 44.94 -36.59 -20.57
C ILE B 227 43.61 -37.32 -20.60
N ASN B 228 43.26 -37.90 -19.45
CA ASN B 228 41.97 -38.47 -19.12
C ASN B 228 42.02 -38.76 -17.64
N SER B 229 41.10 -38.20 -16.85
CA SER B 229 41.23 -38.20 -15.39
C SER B 229 39.93 -38.64 -14.75
N PRO B 230 39.62 -39.93 -14.80
CA PRO B 230 38.47 -40.43 -14.05
C PRO B 230 38.78 -40.50 -12.56
N PHE B 231 38.69 -39.36 -11.87
CA PHE B 231 38.91 -39.33 -10.43
C PHE B 231 38.09 -40.42 -9.74
N ARG B 232 38.78 -41.37 -9.11
CA ARG B 232 38.07 -42.44 -8.43
C ARG B 232 37.41 -41.98 -7.14
N ASP B 233 37.67 -40.75 -6.70
CA ASP B 233 36.98 -40.19 -5.56
C ASP B 233 35.48 -40.15 -5.83
N ILE B 234 34.70 -40.59 -4.84
CA ILE B 234 33.25 -40.65 -4.99
C ILE B 234 32.64 -39.28 -5.26
N TYR B 235 33.29 -38.21 -4.80
CA TYR B 235 32.77 -36.87 -5.04
C TYR B 235 33.02 -36.41 -6.47
N TYR B 236 34.12 -36.82 -7.09
CA TYR B 236 34.52 -36.36 -8.41
C TYR B 236 34.62 -37.52 -9.40
N ARG B 237 33.67 -38.45 -9.34
CA ARG B 237 33.77 -39.67 -10.14
C ARG B 237 33.55 -39.39 -11.63
N GLY B 238 34.62 -39.04 -12.33
CA GLY B 238 34.54 -38.87 -13.77
C GLY B 238 35.04 -37.56 -14.30
N GLN B 239 35.23 -36.58 -13.42
CA GLN B 239 35.67 -35.26 -13.86
C GLN B 239 37.09 -35.32 -14.41
N THR B 240 37.22 -35.22 -15.72
CA THR B 240 38.51 -35.25 -16.39
C THR B 240 39.08 -33.85 -16.51
N ALA B 241 40.16 -33.71 -17.27
CA ALA B 241 40.81 -32.41 -17.42
C ALA B 241 39.99 -31.46 -18.27
N LEU B 242 39.20 -31.98 -19.22
CA LEU B 242 38.40 -31.12 -20.06
C LEU B 242 37.34 -30.37 -19.26
N HIS B 243 36.72 -31.05 -18.28
CA HIS B 243 35.74 -30.39 -17.44
C HIS B 243 36.37 -29.24 -16.68
N ILE B 244 37.56 -29.46 -16.11
CA ILE B 244 38.24 -28.40 -15.36
C ILE B 244 38.61 -27.25 -16.29
N ALA B 245 39.09 -27.57 -17.50
CA ALA B 245 39.44 -26.50 -18.43
C ALA B 245 38.22 -25.68 -18.82
N ILE B 246 37.08 -26.32 -19.04
CA ILE B 246 35.89 -25.59 -19.46
C ILE B 246 35.32 -24.75 -18.32
N GLU B 247 35.26 -25.32 -17.11
CA GLU B 247 34.61 -24.60 -16.01
C GLU B 247 35.43 -23.42 -15.52
N ARG B 248 36.69 -23.30 -15.95
CA ARG B 248 37.52 -22.16 -15.60
C ARG B 248 37.36 -20.99 -16.55
N ARG B 249 36.36 -21.04 -17.44
CA ARG B 249 36.09 -19.97 -18.40
C ARG B 249 37.31 -19.68 -19.27
N CYS B 250 37.92 -20.74 -19.79
CA CYS B 250 39.14 -20.62 -20.61
C CYS B 250 38.87 -21.24 -21.98
N LYS B 251 39.20 -20.49 -23.03
CA LYS B 251 38.97 -20.97 -24.40
C LYS B 251 40.22 -21.59 -25.00
N HIS B 252 41.36 -20.91 -24.87
CA HIS B 252 42.57 -21.39 -25.54
C HIS B 252 43.04 -22.72 -24.96
N TYR B 253 42.98 -22.90 -23.64
CA TYR B 253 43.34 -24.21 -23.08
C TYR B 253 42.36 -25.30 -23.48
N VAL B 254 41.05 -25.01 -23.50
CA VAL B 254 40.14 -26.10 -23.87
C VAL B 254 40.37 -26.49 -25.33
N GLU B 255 40.64 -25.51 -26.20
CA GLU B 255 41.00 -25.83 -27.58
C GLU B 255 42.29 -26.66 -27.64
N LEU B 256 43.28 -26.29 -26.81
CA LEU B 256 44.56 -27.00 -26.85
C LEU B 256 44.40 -28.45 -26.39
N LEU B 257 43.68 -28.67 -25.29
CA LEU B 257 43.45 -30.04 -24.82
C LEU B 257 42.61 -30.86 -25.80
N VAL B 258 41.58 -30.26 -26.39
CA VAL B 258 40.76 -31.02 -27.34
C VAL B 258 41.47 -31.20 -28.67
N ALA B 259 42.57 -30.48 -28.90
CA ALA B 259 43.28 -30.61 -30.17
C ALA B 259 43.83 -32.02 -30.38
N GLN B 260 44.39 -32.62 -29.32
CA GLN B 260 44.95 -33.96 -29.44
C GLN B 260 43.90 -35.05 -29.28
N GLY B 261 42.64 -34.68 -29.06
CA GLY B 261 41.57 -35.65 -29.00
C GLY B 261 41.65 -36.58 -27.80
N ALA B 262 41.45 -36.02 -26.60
CA ALA B 262 41.44 -36.82 -25.38
C ALA B 262 40.08 -37.48 -25.17
N ASP B 263 39.05 -36.68 -24.97
CA ASP B 263 37.67 -37.14 -24.82
C ASP B 263 36.77 -35.91 -24.77
N VAL B 264 35.57 -36.05 -25.32
CA VAL B 264 34.60 -34.96 -25.34
C VAL B 264 33.26 -35.37 -24.73
N HIS B 265 33.07 -36.65 -24.44
CA HIS B 265 31.85 -37.14 -23.82
C HIS B 265 32.12 -37.77 -22.46
N ALA B 266 33.03 -37.17 -21.68
CA ALA B 266 33.39 -37.72 -20.38
C ALA B 266 32.26 -37.50 -19.39
N GLN B 267 31.87 -38.58 -18.69
CA GLN B 267 30.76 -38.55 -17.75
C GLN B 267 31.26 -38.11 -16.38
N ALA B 268 30.84 -36.93 -15.95
CA ALA B 268 31.18 -36.42 -14.62
C ALA B 268 30.14 -36.93 -13.61
N ARG B 269 30.22 -38.23 -13.36
CA ARG B 269 29.26 -38.95 -12.51
C ARG B 269 29.49 -38.71 -11.01
N GLY B 270 30.33 -37.74 -10.64
CA GLY B 270 30.63 -37.55 -9.23
C GLY B 270 29.44 -37.06 -8.43
N ARG B 271 29.47 -37.38 -7.13
CA ARG B 271 28.39 -36.95 -6.25
C ARG B 271 28.36 -35.43 -6.11
N PHE B 272 29.50 -34.77 -6.33
CA PHE B 272 29.50 -33.30 -6.35
C PHE B 272 28.73 -32.77 -7.56
N PHE B 273 28.76 -33.49 -8.67
CA PHE B 273 28.04 -33.09 -9.89
C PHE B 273 26.65 -33.73 -9.96
N GLN B 274 25.87 -33.54 -8.91
CA GLN B 274 24.52 -34.06 -8.82
C GLN B 274 23.58 -32.94 -8.39
N PRO B 275 22.29 -33.07 -8.70
CA PRO B 275 21.34 -32.03 -8.30
C PRO B 275 21.30 -31.85 -6.78
N LYS B 276 21.03 -30.61 -6.36
CA LYS B 276 21.07 -30.28 -4.93
C LYS B 276 20.11 -31.14 -4.12
N ASP B 277 19.04 -31.62 -4.73
CA ASP B 277 18.11 -32.49 -4.02
C ASP B 277 18.71 -33.86 -3.70
N GLU B 278 19.66 -34.33 -4.51
CA GLU B 278 20.27 -35.63 -4.30
C GLU B 278 21.51 -35.56 -3.40
N GLY B 279 21.96 -34.35 -3.06
CA GLY B 279 23.13 -34.19 -2.23
C GLY B 279 24.35 -33.65 -2.94
N GLY B 280 24.18 -32.99 -4.08
CA GLY B 280 25.27 -32.34 -4.78
C GLY B 280 25.17 -30.83 -4.67
N TYR B 281 26.05 -30.16 -5.40
CA TYR B 281 26.11 -28.70 -5.38
C TYR B 281 25.96 -28.06 -6.75
N PHE B 282 26.16 -28.81 -7.84
CA PHE B 282 26.00 -28.26 -9.18
C PHE B 282 25.75 -29.39 -10.15
N TYR B 283 24.53 -29.45 -10.69
CA TYR B 283 24.21 -30.39 -11.75
C TYR B 283 24.14 -29.64 -13.08
N PHE B 284 24.91 -30.11 -14.06
CA PHE B 284 25.00 -29.48 -15.37
C PHE B 284 24.83 -30.50 -16.48
N GLY B 285 24.17 -31.61 -16.21
CA GLY B 285 24.35 -32.79 -17.03
C GLY B 285 25.64 -33.49 -16.62
N GLU B 286 26.14 -34.32 -17.52
CA GLU B 286 27.39 -35.02 -17.24
C GLU B 286 28.31 -35.03 -18.45
N LEU B 287 28.31 -33.96 -19.24
CA LEU B 287 29.14 -33.88 -20.42
C LEU B 287 29.88 -32.55 -20.46
N PRO B 288 31.07 -32.52 -21.07
CA PRO B 288 31.75 -31.23 -21.27
C PRO B 288 30.93 -30.25 -22.08
N LEU B 289 30.20 -30.72 -23.09
CA LEU B 289 29.32 -29.85 -23.85
C LEU B 289 28.21 -29.29 -22.98
N SER B 290 27.58 -30.15 -22.17
CA SER B 290 26.54 -29.68 -21.26
C SER B 290 27.12 -28.77 -20.18
N LEU B 291 28.35 -29.05 -19.73
CA LEU B 291 28.98 -28.17 -18.74
C LEU B 291 29.22 -26.79 -19.33
N ALA B 292 29.71 -26.72 -20.56
CA ALA B 292 29.93 -25.44 -21.22
C ALA B 292 28.62 -24.71 -21.44
N ALA B 293 27.56 -25.45 -21.77
CA ALA B 293 26.26 -24.81 -22.00
C ALA B 293 25.62 -24.35 -20.71
N CYS B 294 25.95 -24.97 -19.58
CA CYS B 294 25.35 -24.62 -18.30
C CYS B 294 26.14 -23.57 -17.53
N THR B 295 27.22 -23.04 -18.10
CA THR B 295 28.00 -21.99 -17.47
C THR B 295 28.05 -20.72 -18.33
N ASN B 296 27.14 -20.59 -19.29
CA ASN B 296 27.05 -19.41 -20.15
C ASN B 296 28.36 -19.16 -20.89
N GLN B 297 28.72 -20.12 -21.74
CA GLN B 297 29.96 -20.07 -22.52
C GLN B 297 29.62 -20.32 -23.98
N PRO B 298 29.09 -19.30 -24.67
CA PRO B 298 28.71 -19.50 -26.08
C PRO B 298 29.88 -19.88 -26.98
N HIS B 299 31.07 -19.33 -26.72
CA HIS B 299 32.23 -19.65 -27.55
C HIS B 299 32.64 -21.10 -27.39
N ILE B 300 32.64 -21.61 -26.16
CA ILE B 300 33.06 -22.99 -25.92
C ILE B 300 32.08 -23.97 -26.55
N VAL B 301 30.77 -23.72 -26.40
CA VAL B 301 29.79 -24.62 -26.99
C VAL B 301 29.83 -24.53 -28.52
N ASN B 302 30.09 -23.34 -29.07
CA ASN B 302 30.28 -23.23 -30.51
C ASN B 302 31.48 -24.05 -30.97
N TYR B 303 32.60 -23.94 -30.26
CA TYR B 303 33.83 -24.59 -30.69
C TYR B 303 33.73 -26.11 -30.54
N LEU B 304 33.09 -26.59 -29.48
CA LEU B 304 33.00 -28.02 -29.23
C LEU B 304 32.17 -28.76 -30.27
N THR B 305 31.42 -28.05 -31.11
CA THR B 305 30.59 -28.67 -32.14
C THR B 305 31.20 -28.54 -33.53
N GLU B 306 31.56 -27.33 -33.95
CA GLU B 306 32.17 -27.13 -35.27
C GLU B 306 33.69 -27.04 -35.14
N ASN B 307 34.29 -28.18 -34.83
CA ASN B 307 35.74 -28.30 -34.77
C ASN B 307 36.19 -29.50 -35.58
N PRO B 308 37.40 -29.45 -36.14
CA PRO B 308 37.86 -30.54 -37.02
C PRO B 308 38.10 -31.84 -36.28
N HIS B 309 38.84 -31.78 -35.17
CA HIS B 309 39.37 -32.98 -34.52
C HIS B 309 38.26 -33.90 -34.00
N LYS B 310 37.48 -33.42 -33.04
CA LYS B 310 36.44 -34.24 -32.43
C LYS B 310 35.34 -33.33 -31.89
N LYS B 311 34.09 -33.69 -32.16
CA LYS B 311 32.95 -32.87 -31.80
C LYS B 311 31.95 -33.66 -30.97
N ALA B 312 31.24 -32.95 -30.10
CA ALA B 312 30.22 -33.56 -29.25
C ALA B 312 28.85 -33.38 -29.89
N ASP B 313 28.20 -34.50 -30.20
CA ASP B 313 26.84 -34.45 -30.73
C ASP B 313 25.89 -33.97 -29.64
N MET B 314 25.01 -33.03 -29.99
CA MET B 314 24.09 -32.49 -29.01
C MET B 314 23.04 -33.50 -28.55
N ARG B 315 22.89 -34.61 -29.28
CA ARG B 315 21.89 -35.62 -28.92
C ARG B 315 22.36 -36.53 -27.79
N ARG B 316 23.63 -36.45 -27.39
CA ARG B 316 24.17 -37.38 -26.42
C ARG B 316 23.48 -37.20 -25.07
N GLN B 317 23.28 -38.32 -24.37
CA GLN B 317 22.58 -38.32 -23.10
C GLN B 317 23.50 -38.82 -22.00
N ASP B 318 23.33 -38.27 -20.80
CA ASP B 318 24.13 -38.65 -19.65
C ASP B 318 23.50 -39.87 -18.97
N SER B 319 23.96 -40.19 -17.76
CA SER B 319 23.45 -41.35 -17.04
C SER B 319 21.97 -41.22 -16.68
N ARG B 320 21.44 -40.00 -16.66
CA ARG B 320 20.03 -39.77 -16.40
C ARG B 320 19.21 -39.70 -17.68
N GLY B 321 19.84 -39.83 -18.85
CA GLY B 321 19.15 -39.63 -20.10
C GLY B 321 18.95 -38.19 -20.48
N ASN B 322 19.51 -37.26 -19.70
CA ASN B 322 19.31 -35.83 -19.94
C ASN B 322 20.22 -35.36 -21.06
N THR B 323 19.63 -34.71 -22.06
CA THR B 323 20.41 -34.06 -23.11
C THR B 323 20.91 -32.72 -22.58
N VAL B 324 21.51 -31.92 -23.46
CA VAL B 324 22.00 -30.61 -23.02
C VAL B 324 20.85 -29.67 -22.70
N LEU B 325 19.73 -29.82 -23.41
CA LEU B 325 18.56 -28.98 -23.13
C LEU B 325 17.95 -29.31 -21.78
N HIS B 326 17.94 -30.60 -21.41
CA HIS B 326 17.49 -30.98 -20.09
C HIS B 326 18.38 -30.36 -19.02
N ALA B 327 19.70 -30.34 -19.24
CA ALA B 327 20.61 -29.71 -18.30
C ALA B 327 20.34 -28.21 -18.19
N LEU B 328 20.09 -27.55 -19.33
CA LEU B 328 19.77 -26.13 -19.29
C LEU B 328 18.50 -25.87 -18.51
N VAL B 329 17.50 -26.74 -18.67
CA VAL B 329 16.28 -26.61 -17.89
C VAL B 329 16.56 -26.81 -16.40
N ALA B 330 17.39 -27.80 -16.07
CA ALA B 330 17.67 -28.12 -14.68
C ALA B 330 18.41 -26.97 -13.98
N ILE B 331 19.39 -26.36 -14.65
CA ILE B 331 20.14 -25.29 -14.00
C ILE B 331 19.35 -23.99 -13.91
N ALA B 332 18.35 -23.79 -14.76
CA ALA B 332 17.64 -22.53 -14.79
C ALA B 332 16.78 -22.34 -13.54
N ASP B 333 16.78 -21.13 -13.00
CA ASP B 333 15.82 -20.70 -12.01
C ASP B 333 15.05 -19.50 -12.54
N ASN B 334 14.22 -18.92 -11.66
CA ASN B 334 13.35 -17.81 -12.06
C ASN B 334 13.98 -16.47 -11.72
N THR B 335 15.16 -16.24 -12.28
CA THR B 335 15.86 -14.96 -12.15
C THR B 335 16.24 -14.46 -13.53
N ARG B 336 16.32 -13.14 -13.67
CA ARG B 336 16.53 -12.52 -14.98
C ARG B 336 17.88 -12.89 -15.57
N GLU B 337 18.96 -12.71 -14.79
CA GLU B 337 20.30 -12.96 -15.31
C GLU B 337 20.54 -14.43 -15.62
N ASN B 338 19.73 -15.33 -15.08
CA ASN B 338 19.84 -16.75 -15.39
C ASN B 338 18.96 -17.10 -16.58
N THR B 339 17.68 -16.76 -16.52
CA THR B 339 16.75 -17.06 -17.60
C THR B 339 17.20 -16.47 -18.92
N LYS B 340 17.85 -15.30 -18.90
CA LYS B 340 18.29 -14.68 -20.14
C LYS B 340 19.20 -15.61 -20.92
N PHE B 341 20.31 -16.04 -20.31
CA PHE B 341 21.24 -16.88 -21.07
C PHE B 341 20.70 -18.29 -21.23
N VAL B 342 19.88 -18.77 -20.29
CA VAL B 342 19.30 -20.10 -20.47
C VAL B 342 18.44 -20.14 -21.72
N THR B 343 17.54 -19.17 -21.89
CA THR B 343 16.70 -19.14 -23.08
C THR B 343 17.53 -18.88 -24.33
N LYS B 344 18.48 -17.94 -24.26
CA LYS B 344 19.28 -17.61 -25.44
C LYS B 344 20.05 -18.82 -25.94
N MET B 345 20.68 -19.57 -25.03
CA MET B 345 21.50 -20.68 -25.46
C MET B 345 20.70 -21.95 -25.69
N TYR B 346 19.52 -22.07 -25.07
CA TYR B 346 18.58 -23.11 -25.47
C TYR B 346 18.18 -22.93 -26.93
N ASP B 347 17.84 -21.70 -27.30
CA ASP B 347 17.62 -21.39 -28.71
C ASP B 347 18.83 -21.79 -29.54
N LEU B 348 19.98 -21.16 -29.27
CA LEU B 348 21.23 -21.47 -29.96
C LEU B 348 21.43 -22.97 -30.20
N LEU B 349 21.29 -23.77 -29.15
CA LEU B 349 21.51 -25.22 -29.28
C LEU B 349 20.45 -25.88 -30.14
N LEU B 350 19.17 -25.48 -29.98
CA LEU B 350 18.12 -26.09 -30.80
C LEU B 350 18.34 -25.79 -32.28
N LEU B 351 18.65 -24.52 -32.59
CA LEU B 351 18.94 -24.16 -33.99
C LEU B 351 20.16 -24.88 -34.51
N LYS B 352 21.22 -24.98 -33.70
CA LYS B 352 22.43 -25.65 -34.14
C LYS B 352 22.18 -27.13 -34.43
N CYS B 353 21.42 -27.80 -33.55
CA CYS B 353 21.06 -29.19 -33.81
C CYS B 353 20.03 -29.32 -34.91
N ALA B 354 19.39 -28.23 -35.31
CA ALA B 354 18.49 -28.28 -36.46
C ALA B 354 19.24 -28.16 -37.78
N ARG B 355 20.24 -27.26 -37.85
CA ARG B 355 21.04 -27.14 -39.07
C ARG B 355 21.70 -28.47 -39.42
N LEU B 356 22.59 -28.95 -38.56
CA LEU B 356 23.12 -30.29 -38.76
C LEU B 356 22.07 -31.33 -38.41
N PHE B 357 22.22 -32.53 -38.98
CA PHE B 357 21.30 -33.63 -38.77
C PHE B 357 19.87 -33.21 -39.07
N PRO B 358 19.49 -33.01 -40.34
CA PRO B 358 18.13 -32.59 -40.65
C PRO B 358 17.11 -33.67 -40.31
N ASP B 359 16.80 -33.80 -39.03
CA ASP B 359 15.95 -34.87 -38.52
C ASP B 359 15.15 -34.31 -37.35
N SER B 360 14.60 -35.21 -36.52
CA SER B 360 13.82 -34.79 -35.37
C SER B 360 14.63 -33.86 -34.47
N ASN B 361 13.98 -32.82 -33.97
CA ASN B 361 14.66 -31.80 -33.19
C ASN B 361 15.19 -32.37 -31.88
N LEU B 362 16.16 -31.66 -31.31
CA LEU B 362 16.78 -32.10 -30.06
C LEU B 362 15.78 -32.12 -28.91
N GLU B 363 14.74 -31.29 -28.98
CA GLU B 363 13.76 -31.22 -27.91
C GLU B 363 12.90 -32.47 -27.82
N ALA B 364 12.88 -33.28 -28.87
CA ALA B 364 12.06 -34.49 -28.89
C ALA B 364 12.73 -35.69 -28.22
N VAL B 365 13.95 -35.53 -27.72
CA VAL B 365 14.66 -36.62 -27.06
C VAL B 365 14.25 -36.64 -25.60
N LEU B 366 13.69 -37.75 -25.15
CA LEU B 366 13.24 -37.88 -23.78
C LEU B 366 14.34 -38.50 -22.90
N ASN B 367 14.33 -38.13 -21.63
CA ASN B 367 15.29 -38.67 -20.67
C ASN B 367 14.79 -40.03 -20.17
N ASN B 368 15.44 -40.56 -19.13
CA ASN B 368 15.04 -41.85 -18.59
C ASN B 368 13.68 -41.82 -17.93
N ASP B 369 13.14 -40.64 -17.61
CA ASP B 369 11.80 -40.51 -17.05
C ASP B 369 10.75 -40.24 -18.12
N GLY B 370 11.16 -40.20 -19.39
CA GLY B 370 10.25 -39.91 -20.48
C GLY B 370 9.95 -38.44 -20.68
N LEU B 371 10.58 -37.54 -19.93
CA LEU B 371 10.30 -36.13 -20.03
C LEU B 371 11.19 -35.48 -21.08
N SER B 372 10.58 -34.66 -21.93
CA SER B 372 11.34 -33.75 -22.79
C SER B 372 11.69 -32.52 -21.96
N PRO B 373 12.46 -31.57 -22.51
CA PRO B 373 12.69 -30.33 -21.77
C PRO B 373 11.41 -29.59 -21.41
N LEU B 374 10.37 -29.67 -22.25
CA LEU B 374 9.14 -28.92 -21.98
C LEU B 374 8.45 -29.42 -20.71
N MET B 375 8.18 -30.72 -20.62
CA MET B 375 7.54 -31.22 -19.41
C MET B 375 8.49 -31.21 -18.22
N MET B 376 9.79 -31.31 -18.46
CA MET B 376 10.74 -31.17 -17.35
C MET B 376 10.65 -29.78 -16.73
N ALA B 377 10.58 -28.74 -17.57
CA ALA B 377 10.41 -27.39 -17.06
C ALA B 377 9.05 -27.20 -16.42
N ALA B 378 8.00 -27.82 -16.99
CA ALA B 378 6.66 -27.69 -16.43
C ALA B 378 6.59 -28.33 -15.04
N LYS B 379 7.18 -29.51 -14.87
CA LYS B 379 7.11 -30.19 -13.59
C LYS B 379 8.03 -29.55 -12.56
N THR B 380 9.26 -29.20 -12.97
CA THR B 380 10.22 -28.66 -12.00
C THR B 380 9.89 -27.22 -11.64
N GLY B 381 9.14 -26.50 -12.48
CA GLY B 381 8.66 -25.19 -12.12
C GLY B 381 9.58 -24.03 -12.48
N LYS B 382 9.89 -23.88 -13.76
CA LYS B 382 10.68 -22.75 -14.26
C LYS B 382 9.83 -21.97 -15.25
N ILE B 383 9.43 -20.75 -14.89
CA ILE B 383 8.61 -19.94 -15.78
C ILE B 383 9.39 -19.54 -17.02
N GLY B 384 10.66 -19.18 -16.85
CA GLY B 384 11.46 -18.66 -17.94
C GLY B 384 11.56 -19.58 -19.15
N ILE B 385 12.21 -20.73 -18.97
CA ILE B 385 12.45 -21.62 -20.10
C ILE B 385 11.14 -22.22 -20.60
N PHE B 386 10.21 -22.54 -19.70
CA PHE B 386 8.93 -23.11 -20.12
C PHE B 386 8.15 -22.12 -20.98
N GLN B 387 8.02 -20.88 -20.51
CA GLN B 387 7.31 -19.86 -21.29
C GLN B 387 8.02 -19.58 -22.60
N HIS B 388 9.36 -19.56 -22.59
CA HIS B 388 10.09 -19.33 -23.83
C HIS B 388 9.83 -20.44 -24.84
N ILE B 389 9.77 -21.70 -24.37
CA ILE B 389 9.50 -22.81 -25.26
C ILE B 389 8.06 -22.73 -25.79
N ILE B 390 7.11 -22.38 -24.93
CA ILE B 390 5.71 -22.41 -25.32
C ILE B 390 5.44 -21.45 -26.48
N ARG B 391 5.81 -20.19 -26.30
CA ARG B 391 5.65 -19.19 -27.37
C ARG B 391 6.97 -19.00 -28.12
N ARG B 392 7.47 -20.09 -28.68
CA ARG B 392 8.71 -20.05 -29.45
C ARG B 392 8.38 -19.80 -30.92
N GLU B 393 8.93 -18.73 -31.48
CA GLU B 393 8.68 -18.35 -32.87
C GLU B 393 10.02 -18.14 -33.56
N VAL B 394 10.31 -18.98 -34.54
CA VAL B 394 11.51 -18.88 -35.37
C VAL B 394 11.06 -18.52 -36.79
N THR B 395 11.72 -17.53 -37.38
CA THR B 395 11.31 -16.98 -38.67
C THR B 395 12.13 -17.48 -39.84
N ASP B 396 13.31 -18.05 -39.59
CA ASP B 396 14.15 -18.51 -40.68
C ASP B 396 13.45 -19.61 -41.48
N GLU B 397 13.64 -19.57 -42.80
CA GLU B 397 12.94 -20.51 -43.68
C GLU B 397 13.39 -21.95 -43.43
N ASP B 398 14.70 -22.17 -43.29
CA ASP B 398 15.21 -23.53 -43.11
C ASP B 398 14.77 -24.10 -41.77
N THR B 399 15.05 -23.39 -40.68
CA THR B 399 14.71 -23.84 -39.33
C THR B 399 13.44 -23.13 -38.85
N ARG B 400 12.33 -23.48 -39.48
CA ARG B 400 11.02 -22.94 -39.11
C ARG B 400 10.13 -23.93 -38.39
N HIS B 401 10.34 -25.23 -38.61
CA HIS B 401 9.53 -26.26 -37.96
C HIS B 401 9.75 -26.30 -36.45
N LEU B 402 10.79 -25.65 -35.94
CA LEU B 402 11.05 -25.65 -34.50
C LEU B 402 10.06 -24.78 -33.73
N SER B 403 9.37 -23.87 -34.41
CA SER B 403 8.50 -22.93 -33.72
C SER B 403 7.25 -23.63 -33.18
N ARG B 404 6.66 -23.02 -32.15
CA ARG B 404 5.44 -23.50 -31.55
C ARG B 404 4.33 -22.45 -31.57
N LYS B 405 4.58 -21.29 -32.16
CA LYS B 405 3.61 -20.22 -32.27
C LYS B 405 3.73 -19.60 -33.64
N PHE B 406 2.65 -19.65 -34.42
CA PHE B 406 2.67 -19.25 -35.82
C PHE B 406 1.91 -17.94 -36.01
N LYS B 407 1.76 -17.53 -37.27
CA LYS B 407 1.23 -16.24 -37.66
C LYS B 407 0.18 -16.39 -38.76
N ASP B 408 -0.82 -17.24 -38.50
CA ASP B 408 -1.78 -17.68 -39.50
C ASP B 408 -2.20 -16.61 -40.49
N TRP B 409 -2.73 -15.49 -40.01
CA TRP B 409 -3.11 -14.40 -40.91
C TRP B 409 -2.98 -13.08 -40.18
N ALA B 410 -2.85 -12.01 -40.97
CA ALA B 410 -2.71 -10.66 -40.43
C ALA B 410 -3.34 -9.67 -41.40
N TYR B 411 -4.07 -8.71 -40.86
CA TYR B 411 -4.70 -7.64 -41.65
C TYR B 411 -4.56 -6.34 -40.87
N GLY B 412 -3.49 -5.61 -41.13
CA GLY B 412 -3.20 -4.40 -40.40
C GLY B 412 -2.97 -4.67 -38.94
N PRO B 413 -3.71 -4.00 -38.06
CA PRO B 413 -3.57 -4.16 -36.62
C PRO B 413 -4.42 -5.30 -36.04
N VAL B 414 -4.27 -6.50 -36.60
CA VAL B 414 -4.84 -7.71 -36.00
C VAL B 414 -3.97 -8.88 -36.38
N TYR B 415 -3.51 -9.64 -35.39
CA TYR B 415 -2.49 -10.67 -35.57
C TYR B 415 -3.00 -11.98 -34.97
N SER B 416 -3.56 -12.84 -35.81
CA SER B 416 -4.05 -14.12 -35.34
C SER B 416 -2.92 -15.12 -35.24
N SER B 417 -2.38 -15.28 -34.04
CA SER B 417 -1.31 -16.24 -33.78
C SER B 417 -1.92 -17.62 -33.58
N LEU B 418 -1.11 -18.64 -33.83
CA LEU B 418 -1.58 -20.02 -33.89
C LEU B 418 -0.64 -20.89 -33.06
N TYR B 419 -0.94 -21.01 -31.77
CA TYR B 419 -0.09 -21.77 -30.86
C TYR B 419 -0.18 -23.27 -31.13
N ASP B 420 0.91 -23.98 -30.87
CA ASP B 420 0.97 -25.42 -31.08
C ASP B 420 0.59 -26.15 -29.80
N LEU B 421 -0.10 -27.27 -29.96
CA LEU B 421 -0.54 -28.11 -28.85
C LEU B 421 0.01 -29.52 -28.98
N SER B 422 1.30 -29.63 -29.37
CA SER B 422 1.91 -30.94 -29.54
C SER B 422 1.96 -31.70 -28.22
N SER B 423 2.31 -31.01 -27.13
CA SER B 423 2.41 -31.61 -25.81
C SER B 423 1.47 -31.01 -24.78
N LEU B 424 0.89 -29.83 -25.06
CA LEU B 424 0.03 -29.19 -24.07
C LEU B 424 -1.30 -29.93 -23.94
N ASP B 425 -1.91 -30.32 -25.06
CA ASP B 425 -3.21 -30.98 -25.07
C ASP B 425 -3.09 -32.27 -25.87
N THR B 426 -2.92 -33.38 -25.15
CA THR B 426 -2.90 -34.71 -25.75
C THR B 426 -4.06 -35.51 -25.20
N CYS B 427 -4.81 -36.16 -26.09
CA CYS B 427 -6.02 -36.88 -25.71
C CYS B 427 -5.64 -38.22 -25.08
N GLY B 428 -5.00 -38.13 -23.91
CA GLY B 428 -4.69 -39.29 -23.11
C GLY B 428 -3.48 -40.09 -23.57
N GLU B 429 -3.34 -40.29 -24.88
CA GLU B 429 -2.31 -41.18 -25.40
C GLU B 429 -0.97 -40.47 -25.52
N GLU B 430 -0.55 -39.78 -24.46
CA GLU B 430 0.76 -39.14 -24.35
C GLU B 430 0.84 -38.47 -22.99
N ALA B 431 2.05 -38.10 -22.60
CA ALA B 431 2.24 -37.27 -21.42
C ALA B 431 2.00 -35.81 -21.80
N SER B 432 1.19 -35.13 -20.99
CA SER B 432 0.74 -33.78 -21.32
C SER B 432 1.28 -32.78 -20.30
N VAL B 433 1.55 -31.57 -20.79
CA VAL B 433 2.08 -30.51 -19.94
C VAL B 433 1.01 -30.04 -18.95
N LEU B 434 -0.25 -30.04 -19.38
CA LEU B 434 -1.31 -29.47 -18.54
C LEU B 434 -1.57 -30.33 -17.30
N GLU B 435 -1.66 -31.64 -17.46
CA GLU B 435 -1.86 -32.51 -16.31
C GLU B 435 -0.69 -32.44 -15.34
N ILE B 436 0.53 -32.38 -15.87
CA ILE B 436 1.71 -32.23 -15.01
C ILE B 436 1.66 -30.90 -14.26
N LEU B 437 1.28 -29.83 -14.96
CA LEU B 437 1.17 -28.51 -14.33
C LEU B 437 0.17 -28.53 -13.19
N VAL B 438 -0.98 -29.17 -13.40
CA VAL B 438 -2.03 -29.12 -12.39
C VAL B 438 -1.74 -30.08 -11.23
N TYR B 439 -1.10 -31.22 -11.50
CA TYR B 439 -0.90 -32.27 -10.50
C TYR B 439 0.53 -32.33 -9.98
N ASN B 440 1.51 -32.53 -10.86
CA ASN B 440 2.89 -32.80 -10.47
C ASN B 440 3.75 -31.60 -10.82
N SER B 441 3.78 -30.63 -9.90
CA SER B 441 4.58 -29.44 -10.08
C SER B 441 4.89 -28.85 -8.70
N LYS B 442 5.63 -27.75 -8.69
CA LYS B 442 5.95 -27.05 -7.46
C LYS B 442 4.81 -26.09 -7.14
N ILE B 443 4.05 -26.40 -6.10
CA ILE B 443 2.91 -25.57 -5.72
C ILE B 443 3.35 -24.16 -5.37
N GLU B 444 4.61 -23.98 -4.96
CA GLU B 444 5.13 -22.64 -4.71
C GLU B 444 5.09 -21.77 -5.96
N ASN B 445 5.06 -22.39 -7.15
CA ASN B 445 5.19 -21.65 -8.40
C ASN B 445 4.24 -22.16 -9.47
N ARG B 446 3.18 -22.85 -9.06
CA ARG B 446 2.26 -23.46 -10.02
C ARG B 446 1.32 -22.43 -10.66
N HIS B 447 0.93 -21.39 -9.92
CA HIS B 447 -0.06 -20.45 -10.43
C HIS B 447 0.47 -19.68 -11.64
N GLU B 448 1.73 -19.22 -11.57
CA GLU B 448 2.27 -18.37 -12.62
C GLU B 448 2.48 -19.10 -13.93
N MET B 449 2.47 -20.44 -13.92
CA MET B 449 2.70 -21.20 -15.13
C MET B 449 1.42 -21.74 -15.75
N LEU B 450 0.32 -21.71 -15.02
CA LEU B 450 -1.01 -21.96 -15.59
C LEU B 450 -1.61 -20.70 -16.20
N ALA B 451 -0.92 -19.58 -16.12
CA ALA B 451 -1.41 -18.30 -16.63
C ALA B 451 -0.57 -17.83 -17.81
N VAL B 452 -0.22 -18.75 -18.70
CA VAL B 452 0.53 -18.42 -19.90
C VAL B 452 -0.44 -18.42 -21.08
N GLU B 453 0.04 -17.98 -22.24
CA GLU B 453 -0.87 -17.63 -23.33
C GLU B 453 -1.79 -18.77 -23.77
N PRO B 454 -1.30 -19.99 -24.06
CA PRO B 454 -2.23 -21.03 -24.52
C PRO B 454 -2.97 -21.72 -23.39
N ILE B 455 -2.33 -21.87 -22.23
CA ILE B 455 -2.84 -22.79 -21.21
C ILE B 455 -4.16 -22.29 -20.64
N ASN B 456 -4.23 -21.01 -20.26
CA ASN B 456 -5.45 -20.49 -19.67
C ASN B 456 -6.60 -20.50 -20.67
N GLU B 457 -6.35 -20.07 -21.90
CA GLU B 457 -7.41 -20.07 -22.90
C GLU B 457 -7.76 -21.49 -23.33
N LEU B 458 -6.80 -22.42 -23.29
CA LEU B 458 -7.12 -23.82 -23.54
C LEU B 458 -8.03 -24.38 -22.47
N LEU B 459 -7.78 -24.03 -21.21
CA LEU B 459 -8.66 -24.46 -20.13
C LEU B 459 -10.05 -23.86 -20.30
N ARG B 460 -10.13 -22.58 -20.68
CA ARG B 460 -11.42 -21.96 -20.91
C ARG B 460 -12.16 -22.63 -22.08
N ASP B 461 -11.43 -23.01 -23.13
CA ASP B 461 -12.04 -23.70 -24.25
C ASP B 461 -12.58 -25.07 -23.83
N LYS B 462 -11.80 -25.81 -23.04
CA LYS B 462 -12.28 -27.09 -22.53
C LYS B 462 -13.52 -26.90 -21.68
N TRP B 463 -13.51 -25.87 -20.83
CA TRP B 463 -14.68 -25.51 -20.04
C TRP B 463 -15.90 -25.34 -20.93
N ARG B 464 -15.84 -24.36 -21.84
CA ARG B 464 -16.96 -24.06 -22.73
C ARG B 464 -17.41 -25.28 -23.51
N LYS B 465 -16.47 -26.13 -23.93
CA LYS B 465 -16.82 -27.29 -24.74
C LYS B 465 -17.60 -28.32 -23.93
N PHE B 466 -16.99 -28.85 -22.86
CA PHE B 466 -17.62 -29.93 -22.10
C PHE B 466 -17.57 -29.75 -20.60
N GLY B 467 -16.55 -29.03 -20.13
CA GLY B 467 -16.27 -28.83 -18.71
C GLY B 467 -17.41 -28.19 -17.96
N ALA B 468 -17.79 -26.98 -18.34
CA ALA B 468 -18.87 -26.29 -17.59
C ALA B 468 -20.14 -27.12 -17.69
N VAL B 469 -20.47 -27.63 -18.87
CA VAL B 469 -21.72 -28.42 -18.99
C VAL B 469 -21.61 -29.80 -18.31
N SER B 470 -20.43 -30.40 -18.19
CA SER B 470 -20.36 -31.69 -17.44
C SER B 470 -20.64 -31.42 -15.97
N PHE B 471 -20.10 -30.32 -15.45
CA PHE B 471 -20.23 -29.94 -14.03
C PHE B 471 -21.70 -29.73 -13.68
N TYR B 472 -22.44 -29.01 -14.53
CA TYR B 472 -23.87 -28.75 -14.24
C TYR B 472 -24.64 -30.07 -14.24
N ILE B 473 -24.34 -30.97 -15.17
CA ILE B 473 -24.99 -32.32 -15.16
C ILE B 473 -24.55 -33.06 -13.90
N ASN B 474 -23.28 -32.91 -13.54
CA ASN B 474 -22.66 -33.53 -12.33
C ASN B 474 -23.28 -32.95 -11.07
N VAL B 475 -23.56 -31.65 -11.02
CA VAL B 475 -24.14 -31.06 -9.77
C VAL B 475 -25.62 -31.43 -9.64
N VAL B 476 -26.45 -31.16 -10.65
CA VAL B 476 -27.88 -31.45 -10.57
C VAL B 476 -28.12 -32.90 -10.19
N SER B 477 -27.29 -33.81 -10.71
CA SER B 477 -27.42 -35.22 -10.33
C SER B 477 -27.14 -35.43 -8.85
N TYR B 478 -26.12 -34.75 -8.31
CA TYR B 478 -25.80 -34.92 -6.90
C TYR B 478 -26.88 -34.33 -6.02
N LEU B 479 -27.44 -33.17 -6.40
CA LEU B 479 -28.54 -32.60 -5.63
C LEU B 479 -29.76 -33.51 -5.65
N CYS B 480 -30.08 -34.09 -6.81
CA CYS B 480 -31.20 -35.03 -6.87
C CYS B 480 -30.94 -36.25 -6.01
N ALA B 481 -29.71 -36.77 -6.04
CA ALA B 481 -29.37 -37.93 -5.21
C ALA B 481 -29.48 -37.59 -3.72
N MET B 482 -29.05 -36.39 -3.33
CA MET B 482 -29.15 -35.98 -1.94
C MET B 482 -30.60 -35.84 -1.51
N VAL B 483 -31.46 -35.30 -2.38
CA VAL B 483 -32.88 -35.21 -2.06
C VAL B 483 -33.48 -36.59 -1.90
N ILE B 484 -33.13 -37.52 -2.79
CA ILE B 484 -33.63 -38.89 -2.70
C ILE B 484 -33.17 -39.53 -1.40
N PHE B 485 -31.90 -39.33 -1.04
CA PHE B 485 -31.39 -39.90 0.21
C PHE B 485 -32.06 -39.30 1.44
N THR B 486 -32.32 -37.99 1.42
CA THR B 486 -33.05 -37.37 2.52
C THR B 486 -34.46 -37.95 2.64
N LEU B 487 -35.14 -38.13 1.50
CA LEU B 487 -36.48 -38.71 1.54
C LEU B 487 -36.46 -40.14 2.04
N THR B 488 -35.44 -40.91 1.64
CA THR B 488 -35.31 -42.28 2.14
C THR B 488 -35.07 -42.30 3.65
N ALA B 489 -34.23 -41.39 4.14
CA ALA B 489 -33.95 -41.33 5.56
C ALA B 489 -35.16 -40.86 6.38
N TYR B 490 -36.00 -40.00 5.82
CA TYR B 490 -37.16 -39.50 6.53
C TYR B 490 -38.20 -40.58 6.82
N TYR B 491 -38.10 -41.75 6.17
CA TYR B 491 -39.07 -42.82 6.33
C TYR B 491 -38.51 -44.01 7.09
N GLN B 492 -37.39 -43.84 7.79
CA GLN B 492 -36.79 -44.97 8.52
C GLN B 492 -37.33 -45.03 9.93
N VAL B 506 -44.71 -48.14 -0.40
CA VAL B 506 -43.93 -46.99 0.04
C VAL B 506 -42.57 -47.44 0.55
N ASP B 507 -42.54 -48.55 1.29
CA ASP B 507 -41.28 -49.13 1.71
C ASP B 507 -40.48 -49.63 0.51
N TYR B 508 -41.15 -50.09 -0.54
CA TYR B 508 -40.43 -50.46 -1.76
C TYR B 508 -39.80 -49.24 -2.42
N LEU B 509 -40.52 -48.12 -2.47
CA LEU B 509 -39.96 -46.90 -3.02
C LEU B 509 -38.76 -46.42 -2.21
N ARG B 510 -38.87 -46.46 -0.88
CA ARG B 510 -37.74 -46.02 -0.07
C ARG B 510 -36.58 -47.02 -0.12
N LEU B 511 -36.87 -48.30 -0.39
CA LEU B 511 -35.83 -49.27 -0.63
C LEU B 511 -35.10 -48.98 -1.94
N ALA B 512 -35.85 -48.57 -2.97
CA ALA B 512 -35.21 -48.13 -4.21
C ALA B 512 -34.33 -46.91 -3.98
N GLY B 513 -34.82 -45.97 -3.16
CA GLY B 513 -33.99 -44.82 -2.80
C GLY B 513 -32.74 -45.22 -2.04
N GLU B 514 -32.86 -46.19 -1.14
CA GLU B 514 -31.70 -46.69 -0.41
C GLU B 514 -30.71 -47.37 -1.36
N VAL B 515 -31.22 -48.10 -2.36
CA VAL B 515 -30.35 -48.72 -3.35
C VAL B 515 -29.62 -47.65 -4.16
N ILE B 516 -30.32 -46.57 -4.50
CA ILE B 516 -29.68 -45.46 -5.20
C ILE B 516 -28.57 -44.84 -4.34
N THR B 517 -28.86 -44.65 -3.05
CA THR B 517 -27.86 -44.10 -2.14
C THR B 517 -26.65 -45.02 -2.03
N LEU B 518 -26.89 -46.33 -1.92
CA LEU B 518 -25.79 -47.28 -1.86
C LEU B 518 -24.98 -47.27 -3.15
N PHE B 519 -25.66 -47.11 -4.29
CA PHE B 519 -24.95 -47.00 -5.56
C PHE B 519 -24.04 -45.78 -5.59
N THR B 520 -24.54 -44.64 -5.12
CA THR B 520 -23.71 -43.44 -5.05
C THR B 520 -22.53 -43.64 -4.10
N GLY B 521 -22.78 -44.26 -2.95
CA GLY B 521 -21.71 -44.49 -2.00
C GLY B 521 -20.64 -45.41 -2.54
N VAL B 522 -21.04 -46.49 -3.22
CA VAL B 522 -20.06 -47.41 -3.77
C VAL B 522 -19.34 -46.76 -4.96
N LEU B 523 -20.01 -45.89 -5.69
CA LEU B 523 -19.34 -45.14 -6.76
C LEU B 523 -18.25 -44.25 -6.20
N PHE B 524 -18.56 -43.52 -5.12
CA PHE B 524 -17.56 -42.69 -4.47
C PHE B 524 -16.43 -43.54 -3.89
N PHE B 525 -16.76 -44.69 -3.31
CA PHE B 525 -15.75 -45.57 -2.75
C PHE B 525 -14.79 -46.08 -3.84
N PHE B 526 -15.34 -46.51 -4.97
CA PHE B 526 -14.50 -46.96 -6.07
C PHE B 526 -13.67 -45.82 -6.64
N THR B 527 -14.25 -44.62 -6.74
CA THR B 527 -13.50 -43.48 -7.25
C THR B 527 -12.32 -43.15 -6.33
N ASN B 528 -12.53 -43.21 -5.02
CA ASN B 528 -11.46 -42.89 -4.08
C ASN B 528 -10.40 -43.99 -4.05
N ILE B 529 -10.81 -45.25 -4.09
CA ILE B 529 -9.84 -46.35 -4.03
C ILE B 529 -9.04 -46.44 -5.32
N LYS B 530 -9.68 -46.24 -6.46
CA LYS B 530 -9.02 -46.36 -7.76
C LYS B 530 -7.87 -45.36 -7.91
N ASP B 531 -7.89 -44.27 -7.16
CA ASP B 531 -6.81 -43.29 -7.24
C ASP B 531 -5.49 -43.85 -6.73
N LEU B 532 -5.53 -44.92 -5.93
CA LEU B 532 -4.29 -45.50 -5.40
C LEU B 532 -3.39 -46.01 -6.52
N PHE B 533 -3.98 -46.68 -7.50
CA PHE B 533 -3.23 -47.17 -8.66
C PHE B 533 -3.01 -46.09 -9.71
N MET B 534 -3.29 -44.84 -9.37
CA MET B 534 -3.15 -43.69 -10.26
C MET B 534 -2.36 -42.62 -9.51
N LYS B 535 -2.39 -41.40 -10.03
CA LYS B 535 -1.71 -40.28 -9.37
C LYS B 535 -2.26 -40.09 -7.96
N LYS B 536 -1.42 -40.37 -6.96
CA LYS B 536 -1.82 -40.24 -5.57
C LYS B 536 -0.55 -40.25 -4.70
N CYS B 537 -0.75 -40.32 -3.39
CA CYS B 537 0.26 -40.28 -2.35
C CYS B 537 1.12 -39.01 -2.41
N PRO B 538 0.52 -37.80 -2.49
CA PRO B 538 1.28 -36.61 -2.06
C PRO B 538 1.00 -36.31 -0.60
N GLY B 539 1.51 -35.20 -0.09
CA GLY B 539 1.10 -34.76 1.23
C GLY B 539 -0.27 -34.11 1.20
N VAL B 540 -1.25 -34.81 0.63
CA VAL B 540 -2.60 -34.25 0.44
C VAL B 540 -3.38 -34.57 1.72
N ASN B 541 -3.16 -33.72 2.73
CA ASN B 541 -3.97 -33.73 3.93
C ASN B 541 -4.48 -32.32 4.19
N SER B 542 -3.73 -31.33 3.70
CA SER B 542 -4.07 -29.93 3.88
C SER B 542 -4.39 -29.20 2.58
N LEU B 543 -4.11 -29.82 1.43
CA LEU B 543 -4.34 -29.14 0.15
C LEU B 543 -5.83 -28.99 -0.14
N PHE B 544 -6.21 -27.82 -0.64
CA PHE B 544 -7.58 -27.50 -1.02
C PHE B 544 -7.77 -27.57 -2.54
N ILE B 545 -7.16 -28.57 -3.17
CA ILE B 545 -7.15 -28.72 -4.62
C ILE B 545 -7.95 -29.97 -4.93
N ASP B 546 -9.02 -30.18 -4.15
CA ASP B 546 -9.90 -31.35 -4.08
C ASP B 546 -9.28 -32.44 -3.22
N GLY B 547 -8.06 -32.26 -2.72
CA GLY B 547 -7.54 -33.19 -1.73
C GLY B 547 -8.28 -33.12 -0.42
N SER B 548 -8.63 -31.90 0.02
CA SER B 548 -9.39 -31.74 1.25
C SER B 548 -10.77 -32.35 1.13
N PHE B 549 -11.44 -32.17 -0.02
CA PHE B 549 -12.76 -32.75 -0.20
C PHE B 549 -12.70 -34.23 -0.53
N GLN B 550 -11.54 -34.74 -0.93
CA GLN B 550 -11.42 -36.17 -1.21
C GLN B 550 -11.60 -37.00 0.06
N LEU B 551 -11.00 -36.56 1.18
CA LEU B 551 -11.18 -37.27 2.43
C LEU B 551 -12.63 -37.20 2.90
N LEU B 552 -13.29 -36.07 2.65
CA LEU B 552 -14.71 -35.96 2.98
C LEU B 552 -15.54 -36.93 2.14
N TYR B 553 -15.20 -37.04 0.85
CA TYR B 553 -15.85 -38.03 -0.01
C TYR B 553 -15.71 -39.43 0.58
N PHE B 554 -14.47 -39.79 0.92
CA PHE B 554 -14.21 -41.14 1.43
C PHE B 554 -14.91 -41.38 2.75
N ILE B 555 -14.94 -40.39 3.64
CA ILE B 555 -15.59 -40.55 4.93
C ILE B 555 -17.09 -40.72 4.74
N TYR B 556 -17.70 -39.94 3.85
CA TYR B 556 -19.12 -40.09 3.57
C TYR B 556 -19.43 -41.47 3.00
N SER B 557 -18.61 -41.94 2.05
CA SER B 557 -18.83 -43.25 1.46
C SER B 557 -18.66 -44.35 2.51
N VAL B 558 -17.65 -44.23 3.38
CA VAL B 558 -17.42 -45.22 4.42
C VAL B 558 -18.59 -45.23 5.41
N LEU B 559 -19.11 -44.04 5.73
CA LEU B 559 -20.28 -43.97 6.61
C LEU B 559 -21.49 -44.67 5.98
N VAL B 560 -21.72 -44.44 4.69
CA VAL B 560 -22.84 -45.10 4.02
C VAL B 560 -22.65 -46.60 4.02
N ILE B 561 -21.43 -47.06 3.71
CA ILE B 561 -21.16 -48.49 3.65
C ILE B 561 -21.31 -49.14 5.03
N VAL B 562 -20.80 -48.48 6.07
CA VAL B 562 -20.92 -49.01 7.42
C VAL B 562 -22.38 -49.02 7.86
N SER B 563 -23.15 -48.01 7.46
CA SER B 563 -24.57 -48.00 7.77
C SER B 563 -25.27 -49.18 7.11
N ALA B 564 -24.95 -49.46 5.84
CA ALA B 564 -25.54 -50.62 5.18
C ALA B 564 -25.13 -51.92 5.86
N ALA B 565 -23.85 -52.02 6.26
CA ALA B 565 -23.37 -53.24 6.91
C ALA B 565 -24.08 -53.47 8.22
N LEU B 566 -24.19 -52.43 9.07
CA LEU B 566 -24.91 -52.56 10.32
C LEU B 566 -26.40 -52.80 10.09
N TYR B 567 -26.94 -52.28 8.98
CA TYR B 567 -28.30 -52.61 8.57
C TYR B 567 -28.44 -54.07 8.19
N LEU B 568 -27.34 -54.72 7.80
CA LEU B 568 -27.35 -56.15 7.54
C LEU B 568 -26.72 -56.98 8.66
N ALA B 569 -25.91 -56.38 9.53
CA ALA B 569 -25.28 -57.10 10.62
C ALA B 569 -26.09 -57.07 11.91
N GLY B 570 -27.17 -56.30 11.97
CA GLY B 570 -28.02 -56.25 13.14
C GLY B 570 -27.63 -55.24 14.19
N ILE B 571 -26.51 -54.54 14.02
CA ILE B 571 -26.10 -53.53 14.99
C ILE B 571 -27.09 -52.37 14.96
N GLU B 572 -27.49 -51.93 16.14
CA GLU B 572 -28.52 -50.88 16.25
C GLU B 572 -27.98 -49.48 15.99
N ALA B 573 -26.66 -49.31 15.90
CA ALA B 573 -26.06 -48.02 15.64
C ALA B 573 -25.97 -47.69 14.15
N TYR B 574 -26.74 -48.40 13.31
CA TYR B 574 -26.73 -48.13 11.87
C TYR B 574 -27.26 -46.74 11.58
N LEU B 575 -28.34 -46.33 12.26
CA LEU B 575 -29.03 -45.11 11.90
C LEU B 575 -28.23 -43.87 12.27
N ALA B 576 -27.48 -43.92 13.37
CA ALA B 576 -26.60 -42.80 13.72
C ALA B 576 -25.58 -42.56 12.61
N VAL B 577 -24.96 -43.64 12.14
CA VAL B 577 -23.96 -43.50 11.08
C VAL B 577 -24.62 -43.05 9.78
N MET B 578 -25.83 -43.52 9.50
CA MET B 578 -26.50 -43.12 8.26
C MET B 578 -26.87 -41.64 8.28
N VAL B 579 -27.35 -41.14 9.43
CA VAL B 579 -27.68 -39.72 9.52
C VAL B 579 -26.42 -38.87 9.49
N PHE B 580 -25.34 -39.34 10.11
CA PHE B 580 -24.05 -38.66 9.96
C PHE B 580 -23.64 -38.62 8.49
N ALA B 581 -23.89 -39.71 7.76
CA ALA B 581 -23.59 -39.74 6.34
C ALA B 581 -24.43 -38.71 5.59
N LEU B 582 -25.70 -38.56 5.95
CA LEU B 582 -26.56 -37.59 5.29
C LEU B 582 -26.08 -36.16 5.54
N VAL B 583 -25.72 -35.85 6.79
CA VAL B 583 -25.28 -34.49 7.09
C VAL B 583 -23.93 -34.21 6.42
N LEU B 584 -23.03 -35.19 6.43
CA LEU B 584 -21.77 -35.02 5.72
C LEU B 584 -22.00 -34.95 4.21
N GLY B 585 -23.06 -35.57 3.71
CA GLY B 585 -23.38 -35.48 2.30
C GLY B 585 -23.91 -34.12 1.91
N TRP B 586 -24.61 -33.44 2.82
CA TRP B 586 -24.97 -32.05 2.51
C TRP B 586 -23.77 -31.12 2.59
N MET B 587 -22.90 -31.31 3.60
CA MET B 587 -21.65 -30.56 3.60
C MET B 587 -20.81 -30.90 2.38
N ASN B 588 -21.01 -32.08 1.80
CA ASN B 588 -20.38 -32.43 0.53
C ASN B 588 -21.03 -31.71 -0.63
N ALA B 589 -22.36 -31.62 -0.64
CA ALA B 589 -23.05 -30.86 -1.67
C ALA B 589 -22.61 -29.41 -1.67
N LEU B 590 -22.06 -28.94 -0.55
CA LEU B 590 -21.38 -27.64 -0.55
C LEU B 590 -20.21 -27.59 -1.53
N TYR B 591 -19.68 -28.75 -1.94
CA TYR B 591 -18.54 -28.80 -2.86
C TYR B 591 -18.80 -28.05 -4.16
N PHE B 592 -20.01 -28.18 -4.72
CA PHE B 592 -20.27 -27.83 -6.10
C PHE B 592 -20.46 -26.33 -6.32
N THR B 593 -19.98 -25.49 -5.42
CA THR B 593 -19.96 -24.05 -5.66
C THR B 593 -18.66 -23.59 -6.30
N ARG B 594 -17.85 -24.51 -6.83
CA ARG B 594 -16.62 -24.13 -7.53
C ARG B 594 -16.88 -23.58 -8.92
N GLY B 595 -18.11 -23.70 -9.43
CA GLY B 595 -18.41 -23.27 -10.78
C GLY B 595 -18.29 -21.78 -11.01
N LEU B 596 -18.35 -20.97 -9.95
CA LEU B 596 -18.23 -19.53 -10.05
C LEU B 596 -17.17 -19.06 -9.06
N LYS B 597 -16.38 -18.06 -9.48
CA LYS B 597 -15.36 -17.52 -8.59
C LYS B 597 -15.98 -16.90 -7.35
N LEU B 598 -17.10 -16.17 -7.52
CA LEU B 598 -17.77 -15.56 -6.38
C LEU B 598 -18.23 -16.60 -5.37
N THR B 599 -18.54 -17.80 -5.83
CA THR B 599 -18.90 -18.90 -4.93
C THR B 599 -17.73 -19.83 -4.65
N GLY B 600 -16.78 -19.95 -5.58
CA GLY B 600 -15.60 -20.75 -5.31
C GLY B 600 -14.75 -20.20 -4.18
N THR B 601 -14.59 -18.87 -4.14
CA THR B 601 -13.88 -18.24 -3.03
C THR B 601 -14.61 -18.46 -1.71
N TYR B 602 -15.94 -18.34 -1.72
CA TYR B 602 -16.72 -18.61 -0.52
C TYR B 602 -16.52 -20.04 -0.04
N SER B 603 -16.56 -21.00 -0.95
CA SER B 603 -16.36 -22.40 -0.59
C SER B 603 -14.95 -22.61 -0.03
N ILE B 604 -13.95 -21.98 -0.67
CA ILE B 604 -12.57 -22.14 -0.22
C ILE B 604 -12.42 -21.61 1.20
N MET B 605 -12.97 -20.43 1.47
CA MET B 605 -12.87 -19.85 2.81
C MET B 605 -13.60 -20.69 3.85
N ILE B 606 -14.81 -21.13 3.53
CA ILE B 606 -15.57 -21.91 4.51
C ILE B 606 -14.91 -23.26 4.76
N GLN B 607 -14.30 -23.85 3.73
CA GLN B 607 -13.58 -25.10 3.93
C GLN B 607 -12.29 -24.89 4.69
N LYS B 608 -11.62 -23.74 4.48
CA LYS B 608 -10.45 -23.40 5.28
C LYS B 608 -10.83 -23.32 6.76
N ILE B 609 -11.95 -22.67 7.06
CA ILE B 609 -12.35 -22.54 8.46
C ILE B 609 -12.74 -23.91 9.03
N LEU B 610 -13.49 -24.72 8.26
CA LEU B 610 -13.86 -26.05 8.73
C LEU B 610 -12.62 -26.91 8.98
N PHE B 611 -11.65 -26.86 8.08
CA PHE B 611 -10.36 -27.53 8.23
C PHE B 611 -9.51 -26.92 9.33
N LYS B 612 -9.87 -25.74 9.82
CA LYS B 612 -9.17 -25.11 10.92
C LYS B 612 -9.96 -25.14 12.22
N ASP B 613 -11.21 -24.69 12.19
CA ASP B 613 -11.95 -24.41 13.41
C ASP B 613 -12.12 -25.66 14.26
N LEU B 614 -12.50 -26.78 13.64
CA LEU B 614 -12.82 -27.98 14.40
C LEU B 614 -11.58 -28.75 14.86
N PHE B 615 -10.43 -28.48 14.29
CA PHE B 615 -9.18 -29.18 14.58
C PHE B 615 -8.41 -28.65 15.77
N ARG B 616 -7.09 -28.86 15.73
CA ARG B 616 -6.20 -28.86 16.89
C ARG B 616 -6.54 -27.90 18.02
N PHE B 617 -6.84 -26.63 17.73
CA PHE B 617 -7.07 -25.73 18.85
C PHE B 617 -8.41 -26.01 19.53
N LEU B 618 -9.44 -26.36 18.75
CA LEU B 618 -10.69 -26.80 19.37
C LEU B 618 -10.53 -28.15 20.06
N LEU B 619 -9.72 -29.04 19.48
CA LEU B 619 -9.50 -30.34 20.10
C LEU B 619 -8.82 -30.20 21.46
N VAL B 620 -7.77 -29.37 21.52
CA VAL B 620 -7.11 -29.12 22.79
C VAL B 620 -7.94 -28.22 23.69
N TYR B 621 -8.94 -27.52 23.15
CA TYR B 621 -9.91 -26.83 23.99
C TYR B 621 -10.81 -27.84 24.71
N LEU B 622 -11.25 -28.87 23.99
CA LEU B 622 -11.96 -29.97 24.64
C LEU B 622 -11.07 -30.65 25.69
N LEU B 623 -9.80 -30.89 25.34
CA LEU B 623 -8.87 -31.45 26.30
C LEU B 623 -8.62 -30.51 27.48
N PHE B 624 -8.72 -29.20 27.25
CA PHE B 624 -8.60 -28.22 28.32
C PHE B 624 -9.78 -28.31 29.28
N MET B 625 -10.99 -28.47 28.74
CA MET B 625 -12.13 -28.78 29.59
C MET B 625 -11.88 -30.06 30.39
N ILE B 626 -11.36 -31.09 29.74
CA ILE B 626 -11.06 -32.35 30.46
C ILE B 626 -10.10 -32.08 31.61
N GLY B 627 -9.00 -31.38 31.33
CA GLY B 627 -7.98 -31.16 32.34
C GLY B 627 -8.45 -30.30 33.49
N TYR B 628 -9.18 -29.23 33.19
CA TYR B 628 -9.65 -28.37 34.27
C TYR B 628 -10.79 -29.01 35.06
N ALA B 629 -11.59 -29.87 34.41
CA ALA B 629 -12.56 -30.66 35.18
C ALA B 629 -11.85 -31.61 36.14
N SER B 630 -10.78 -32.27 35.66
CA SER B 630 -10.02 -33.16 36.53
C SER B 630 -9.38 -32.40 37.68
N ALA B 631 -8.90 -31.18 37.40
CA ALA B 631 -8.31 -30.36 38.45
C ALA B 631 -9.36 -29.90 39.45
N LEU B 632 -10.57 -29.58 38.98
CA LEU B 632 -11.58 -28.96 39.82
C LEU B 632 -12.32 -29.99 40.68
N VAL B 633 -12.45 -31.23 40.20
CA VAL B 633 -13.27 -32.20 40.92
C VAL B 633 -12.65 -32.53 42.27
N SER B 634 -13.47 -32.44 43.32
CA SER B 634 -13.17 -32.96 44.65
C SER B 634 -11.88 -32.41 45.25
N LEU B 635 -11.84 -31.11 45.52
CA LEU B 635 -10.72 -30.53 46.24
C LEU B 635 -10.83 -30.84 47.73
N GLU B 664 -18.31 -41.42 39.37
CA GLU B 664 -19.08 -40.92 38.24
C GLU B 664 -19.31 -39.42 38.35
N THR B 665 -18.87 -38.83 39.46
CA THR B 665 -19.04 -37.39 39.65
C THR B 665 -18.22 -36.59 38.65
N PHE B 666 -17.12 -37.16 38.14
CA PHE B 666 -16.28 -36.46 37.18
C PHE B 666 -17.05 -36.12 35.92
N SER B 667 -17.73 -37.12 35.34
CA SER B 667 -18.48 -36.90 34.11
C SER B 667 -19.65 -35.94 34.33
N THR B 668 -20.34 -36.06 35.48
CA THR B 668 -21.46 -35.18 35.76
C THR B 668 -21.00 -33.73 35.88
N PHE B 669 -19.91 -33.50 36.61
CA PHE B 669 -19.38 -32.14 36.72
C PHE B 669 -18.86 -31.64 35.39
N LEU B 670 -18.29 -32.52 34.57
CA LEU B 670 -17.85 -32.13 33.23
C LEU B 670 -19.02 -31.65 32.40
N LEU B 671 -20.13 -32.39 32.42
CA LEU B 671 -21.32 -31.96 31.67
C LEU B 671 -21.88 -30.66 32.23
N ASP B 672 -21.89 -30.51 33.55
CA ASP B 672 -22.40 -29.27 34.15
C ASP B 672 -21.55 -28.08 33.73
N LEU B 673 -20.22 -28.23 33.76
CA LEU B 673 -19.34 -27.15 33.35
C LEU B 673 -19.45 -26.85 31.86
N PHE B 674 -19.63 -27.88 31.03
CA PHE B 674 -19.83 -27.67 29.61
C PHE B 674 -21.10 -26.89 29.34
N LYS B 675 -22.17 -27.20 30.06
CA LYS B 675 -23.40 -26.42 29.93
C LYS B 675 -23.21 -25.00 30.44
N LEU B 676 -22.47 -24.84 31.55
CA LEU B 676 -22.27 -23.51 32.14
C LEU B 676 -21.48 -22.60 31.21
N THR B 677 -20.46 -23.15 30.53
CA THR B 677 -19.66 -22.32 29.64
C THR B 677 -20.49 -21.74 28.51
N ILE B 678 -21.36 -22.56 27.91
CA ILE B 678 -22.26 -22.06 26.88
C ILE B 678 -23.28 -21.11 27.47
N GLY B 679 -23.76 -21.39 28.68
CA GLY B 679 -24.75 -20.55 29.35
C GLY B 679 -25.98 -21.29 29.81
N MET B 680 -26.15 -22.57 29.50
CA MET B 680 -27.30 -23.35 29.92
C MET B 680 -27.08 -24.08 31.22
N GLY B 681 -25.93 -23.90 31.87
CA GLY B 681 -25.63 -24.58 33.12
C GLY B 681 -26.19 -23.86 34.33
N ASP B 682 -25.81 -24.39 35.50
CA ASP B 682 -26.29 -23.87 36.78
C ASP B 682 -25.12 -23.71 37.74
N LEU B 683 -25.31 -22.83 38.73
CA LEU B 683 -24.31 -22.57 39.76
C LEU B 683 -24.61 -23.31 41.05
N GLU B 684 -25.34 -24.43 40.99
CA GLU B 684 -25.72 -25.15 42.20
C GLU B 684 -24.53 -25.88 42.84
N MET B 685 -23.39 -25.93 42.17
CA MET B 685 -22.25 -26.68 42.69
C MET B 685 -21.54 -25.94 43.82
N LEU B 686 -21.78 -24.63 43.98
CA LEU B 686 -21.07 -23.88 45.00
C LEU B 686 -21.42 -24.34 46.41
N SER B 687 -22.65 -24.85 46.60
CA SER B 687 -23.05 -25.29 47.93
C SER B 687 -22.22 -26.47 48.41
N SER B 688 -21.91 -27.41 47.51
CA SER B 688 -21.17 -28.61 47.88
C SER B 688 -19.67 -28.38 47.96
N THR B 689 -19.19 -27.19 47.59
CA THR B 689 -17.76 -26.92 47.62
C THR B 689 -17.23 -26.94 49.05
N LYS B 690 -16.10 -27.62 49.24
CA LYS B 690 -15.46 -27.68 50.55
C LYS B 690 -14.75 -26.39 50.91
N TYR B 691 -14.38 -25.58 49.93
CA TYR B 691 -13.71 -24.30 50.16
C TYR B 691 -14.49 -23.21 49.45
N PRO B 692 -15.37 -22.50 50.15
CA PRO B 692 -16.12 -21.41 49.49
C PRO B 692 -15.21 -20.34 48.91
N VAL B 693 -14.00 -20.23 49.47
CA VAL B 693 -12.97 -19.30 48.91
C VAL B 693 -12.20 -20.05 47.80
N VAL B 694 -11.38 -19.31 47.03
CA VAL B 694 -10.49 -19.81 45.91
C VAL B 694 -11.28 -20.13 44.62
N PHE B 695 -12.34 -20.96 44.72
CA PHE B 695 -13.14 -21.38 43.54
C PHE B 695 -13.79 -20.18 42.84
N ILE B 696 -14.31 -19.21 43.61
CA ILE B 696 -14.97 -17.99 43.06
C ILE B 696 -14.09 -17.37 41.95
N ILE B 697 -12.94 -16.83 42.33
CA ILE B 697 -11.93 -16.26 41.45
C ILE B 697 -11.51 -17.28 40.40
N LEU B 698 -11.39 -18.55 40.81
CA LEU B 698 -10.98 -19.59 39.85
C LEU B 698 -12.02 -19.76 38.75
N LEU B 699 -13.30 -19.73 39.11
CA LEU B 699 -14.36 -19.84 38.10
C LEU B 699 -14.39 -18.60 37.22
N VAL B 700 -14.13 -17.43 37.79
CA VAL B 700 -14.07 -16.21 36.99
C VAL B 700 -12.96 -16.32 35.95
N THR B 701 -11.78 -16.77 36.38
CA THR B 701 -10.67 -16.94 35.44
C THR B 701 -10.98 -18.00 34.39
N TYR B 702 -11.61 -19.09 34.81
CA TYR B 702 -11.99 -20.14 33.86
C TYR B 702 -12.93 -19.60 32.80
N ILE B 703 -13.95 -18.84 33.22
CA ILE B 703 -14.89 -18.26 32.27
C ILE B 703 -14.16 -17.31 31.33
N ILE B 704 -13.28 -16.47 31.88
CA ILE B 704 -12.52 -15.52 31.07
C ILE B 704 -11.76 -16.25 29.97
N LEU B 705 -10.89 -17.18 30.36
CA LEU B 705 -10.06 -17.88 29.37
C LEU B 705 -10.93 -18.65 28.38
N THR B 706 -11.89 -19.43 28.88
CA THR B 706 -12.66 -20.31 28.00
C THR B 706 -13.47 -19.52 26.98
N PHE B 707 -14.09 -18.41 27.39
CA PHE B 707 -14.95 -17.68 26.47
C PHE B 707 -14.19 -16.57 25.74
N VAL B 708 -13.70 -15.57 26.49
CA VAL B 708 -13.21 -14.36 25.85
C VAL B 708 -11.93 -14.64 25.07
N LEU B 709 -10.98 -15.32 25.69
CA LEU B 709 -9.69 -15.55 25.06
C LEU B 709 -9.83 -16.41 23.82
N LEU B 710 -10.53 -17.53 23.94
CA LEU B 710 -10.70 -18.43 22.79
C LEU B 710 -11.51 -17.77 21.68
N LEU B 711 -12.58 -17.05 22.02
CA LEU B 711 -13.34 -16.37 20.97
C LEU B 711 -12.48 -15.33 20.26
N ASN B 712 -11.69 -14.57 21.02
CA ASN B 712 -10.86 -13.54 20.42
C ASN B 712 -9.81 -14.15 19.50
N MET B 713 -9.13 -15.22 19.94
CA MET B 713 -8.09 -15.79 19.08
C MET B 713 -8.71 -16.48 17.87
N LEU B 714 -9.87 -17.12 18.05
CA LEU B 714 -10.55 -17.73 16.91
C LEU B 714 -10.91 -16.69 15.86
N ILE B 715 -11.52 -15.58 16.28
CA ILE B 715 -11.86 -14.51 15.34
C ILE B 715 -10.60 -13.95 14.69
N ALA B 716 -9.56 -13.73 15.50
CA ALA B 716 -8.31 -13.22 14.97
C ALA B 716 -7.69 -14.17 13.96
N LEU B 717 -8.01 -15.46 14.03
CA LEU B 717 -7.48 -16.39 13.04
C LEU B 717 -7.93 -16.02 11.63
N MET B 718 -9.25 -15.91 11.42
CA MET B 718 -9.71 -15.46 10.11
C MET B 718 -9.33 -14.01 9.85
N GLY B 719 -9.17 -13.21 10.90
CA GLY B 719 -8.66 -11.86 10.71
C GLY B 719 -7.30 -11.85 10.05
N GLU B 720 -6.39 -12.71 10.51
CA GLU B 720 -5.09 -12.85 9.85
C GLU B 720 -5.26 -13.41 8.44
N THR B 721 -6.11 -14.43 8.28
CA THR B 721 -6.18 -15.11 6.99
C THR B 721 -6.64 -14.15 5.89
N VAL B 722 -7.79 -13.51 6.08
CA VAL B 722 -8.51 -12.91 4.95
C VAL B 722 -7.64 -11.89 4.21
N GLY B 723 -6.95 -11.03 4.96
CA GLY B 723 -6.20 -9.95 4.34
C GLY B 723 -5.11 -10.45 3.40
N GLN B 724 -4.45 -11.55 3.78
CA GLN B 724 -3.39 -12.09 2.93
C GLN B 724 -3.92 -13.09 1.92
N VAL B 725 -5.05 -13.75 2.20
CA VAL B 725 -5.57 -14.78 1.32
C VAL B 725 -6.58 -14.26 0.32
N SER B 726 -6.84 -12.95 0.30
CA SER B 726 -7.76 -12.39 -0.69
C SER B 726 -7.39 -12.77 -2.12
N LYS B 727 -6.09 -13.00 -2.38
CA LYS B 727 -5.63 -13.34 -3.73
C LYS B 727 -5.42 -14.84 -3.93
N GLU B 728 -4.78 -15.53 -2.99
CA GLU B 728 -4.68 -16.97 -3.20
C GLU B 728 -6.02 -17.67 -3.04
N SER B 729 -7.06 -17.01 -2.55
CA SER B 729 -8.40 -17.59 -2.65
C SER B 729 -8.75 -17.87 -4.10
N LYS B 730 -8.62 -16.85 -4.97
CA LYS B 730 -8.87 -17.08 -6.39
C LYS B 730 -7.77 -17.91 -7.03
N HIS B 731 -6.54 -17.90 -6.49
CA HIS B 731 -5.50 -18.77 -7.05
C HIS B 731 -5.86 -20.24 -6.89
N ILE B 732 -6.16 -20.67 -5.67
CA ILE B 732 -6.60 -22.05 -5.47
C ILE B 732 -7.98 -22.29 -6.08
N TRP B 733 -8.79 -21.25 -6.27
CA TRP B 733 -10.01 -21.46 -7.05
C TRP B 733 -9.69 -21.84 -8.49
N LYS B 734 -8.71 -21.16 -9.10
CA LYS B 734 -8.27 -21.52 -10.44
C LYS B 734 -7.72 -22.93 -10.46
N LEU B 735 -6.93 -23.30 -9.45
CA LEU B 735 -6.42 -24.66 -9.38
C LEU B 735 -7.54 -25.68 -9.30
N GLN B 736 -8.56 -25.41 -8.46
CA GLN B 736 -9.68 -26.32 -8.32
C GLN B 736 -10.46 -26.45 -9.62
N TRP B 737 -10.67 -25.33 -10.31
CA TRP B 737 -11.41 -25.35 -11.57
C TRP B 737 -10.66 -26.15 -12.63
N ALA B 738 -9.35 -25.94 -12.74
CA ALA B 738 -8.55 -26.70 -13.69
C ALA B 738 -8.54 -28.18 -13.35
N THR B 739 -8.41 -28.51 -12.06
CA THR B 739 -8.42 -29.90 -11.65
C THR B 739 -9.76 -30.56 -11.98
N THR B 740 -10.86 -29.85 -11.75
CA THR B 740 -12.18 -30.38 -12.07
C THR B 740 -12.31 -30.63 -13.57
N ILE B 741 -11.85 -29.67 -14.40
CA ILE B 741 -11.94 -29.84 -15.84
C ILE B 741 -11.13 -31.07 -16.29
N LEU B 742 -9.91 -31.20 -15.78
CA LEU B 742 -9.06 -32.31 -16.20
C LEU B 742 -9.62 -33.64 -15.72
N ASP B 743 -10.15 -33.68 -14.49
CA ASP B 743 -10.71 -34.92 -13.96
C ASP B 743 -11.97 -35.33 -14.73
N ILE B 744 -12.77 -34.34 -15.16
CA ILE B 744 -13.89 -34.65 -16.04
C ILE B 744 -13.38 -35.20 -17.36
N GLU B 745 -12.32 -34.60 -17.91
CA GLU B 745 -11.80 -35.03 -19.20
C GLU B 745 -11.29 -36.46 -19.16
N ARG B 746 -10.59 -36.85 -18.07
CA ARG B 746 -10.03 -38.19 -18.01
C ARG B 746 -11.11 -39.26 -18.06
N SER B 747 -12.22 -39.06 -17.34
CA SER B 747 -13.26 -40.08 -17.25
C SER B 747 -13.85 -40.41 -18.62
N PHE B 748 -13.75 -39.50 -19.58
CA PHE B 748 -14.23 -39.77 -20.92
C PHE B 748 -13.35 -40.82 -21.60
N PRO B 749 -13.92 -41.62 -22.48
CA PRO B 749 -13.10 -42.53 -23.28
C PRO B 749 -12.24 -41.77 -24.28
N VAL B 750 -11.28 -42.47 -24.86
CA VAL B 750 -10.32 -41.85 -25.77
C VAL B 750 -11.05 -41.25 -26.97
N PHE B 751 -12.03 -41.98 -27.52
CA PHE B 751 -12.77 -41.46 -28.66
C PHE B 751 -13.59 -40.23 -28.29
N LEU B 752 -14.10 -40.18 -27.07
CA LEU B 752 -14.85 -39.00 -26.63
C LEU B 752 -13.93 -37.81 -26.42
N ARG B 753 -12.73 -38.06 -25.88
CA ARG B 753 -11.76 -36.98 -25.73
C ARG B 753 -11.33 -36.44 -27.09
N LYS B 754 -11.13 -37.33 -28.07
CA LYS B 754 -10.79 -36.88 -29.41
C LYS B 754 -11.94 -36.13 -30.06
N ALA B 755 -13.18 -36.53 -29.77
CA ALA B 755 -14.34 -35.80 -30.29
C ALA B 755 -14.39 -34.39 -29.73
N PHE B 756 -14.11 -34.23 -28.45
CA PHE B 756 -14.08 -32.93 -27.79
C PHE B 756 -12.70 -32.29 -27.78
N ARG B 757 -11.77 -32.83 -28.57
CA ARG B 757 -10.42 -32.29 -28.61
C ARG B 757 -10.44 -30.84 -29.06
N SER B 758 -9.68 -30.00 -28.35
CA SER B 758 -9.60 -28.58 -28.66
C SER B 758 -8.61 -28.32 -29.78
N GLY B 759 -8.70 -27.13 -30.37
CA GLY B 759 -7.82 -26.75 -31.45
C GLY B 759 -8.28 -27.25 -32.80
N GLU B 760 -7.44 -27.01 -33.80
CA GLU B 760 -7.76 -27.38 -35.17
C GLU B 760 -6.49 -27.79 -35.90
N MET B 761 -6.64 -28.73 -36.84
CA MET B 761 -5.53 -29.18 -37.65
C MET B 761 -5.19 -28.10 -38.68
N VAL B 762 -3.91 -27.72 -38.74
CA VAL B 762 -3.43 -26.67 -39.63
C VAL B 762 -2.15 -27.12 -40.29
N THR B 763 -2.03 -26.88 -41.59
CA THR B 763 -0.78 -27.06 -42.32
C THR B 763 0.07 -25.82 -42.09
N VAL B 764 0.97 -25.90 -41.11
CA VAL B 764 1.75 -24.73 -40.71
C VAL B 764 3.00 -24.53 -41.55
N GLY B 765 3.38 -25.49 -42.37
CA GLY B 765 4.57 -25.34 -43.18
C GLY B 765 4.95 -26.65 -43.84
N LYS B 766 6.11 -26.63 -44.49
CA LYS B 766 6.65 -27.78 -45.19
C LYS B 766 7.77 -28.43 -44.39
N SER B 767 8.10 -29.65 -44.78
CA SER B 767 9.16 -30.43 -44.14
C SER B 767 9.94 -31.17 -45.21
N SER B 768 10.74 -32.15 -44.78
CA SER B 768 11.51 -32.95 -45.72
C SER B 768 10.57 -33.73 -46.63
N ASP B 769 10.97 -33.87 -47.90
CA ASP B 769 10.19 -34.55 -48.94
C ASP B 769 8.85 -33.88 -49.20
N GLY B 770 8.71 -32.61 -48.80
CA GLY B 770 7.49 -31.88 -49.05
C GLY B 770 6.31 -32.26 -48.18
N THR B 771 6.52 -33.06 -47.14
CA THR B 771 5.42 -33.48 -46.29
C THR B 771 4.93 -32.31 -45.46
N PRO B 772 3.64 -31.96 -45.55
CA PRO B 772 3.12 -30.84 -44.74
C PRO B 772 3.14 -31.17 -43.25
N ASP B 773 3.32 -30.11 -42.45
CA ASP B 773 3.29 -30.24 -41.00
C ASP B 773 1.84 -30.10 -40.54
N ARG B 774 1.22 -31.24 -40.22
CA ARG B 774 -0.18 -31.27 -39.78
C ARG B 774 -0.19 -31.30 -38.25
N ARG B 775 -0.11 -30.11 -37.66
CA ARG B 775 -0.03 -29.95 -36.22
C ARG B 775 -1.37 -29.50 -35.67
N TRP B 776 -1.82 -30.14 -34.60
CA TRP B 776 -3.02 -29.69 -33.88
C TRP B 776 -2.70 -28.38 -33.18
N CYS B 777 -3.16 -27.27 -33.74
CA CYS B 777 -2.82 -25.95 -33.25
C CYS B 777 -4.06 -25.28 -32.66
N PHE B 778 -3.82 -24.21 -31.90
CA PHE B 778 -4.86 -23.52 -31.14
C PHE B 778 -4.79 -22.03 -31.44
N ARG B 779 -5.78 -21.53 -32.18
CA ARG B 779 -5.79 -20.13 -32.62
C ARG B 779 -6.12 -19.19 -31.46
N VAL B 780 -5.35 -18.10 -31.37
CA VAL B 780 -5.58 -17.05 -30.37
C VAL B 780 -5.47 -15.72 -31.10
N ASP B 781 -6.61 -15.11 -31.44
CA ASP B 781 -6.60 -13.82 -32.10
C ASP B 781 -6.16 -12.72 -31.14
N GLU B 782 -5.35 -11.79 -31.65
CA GLU B 782 -4.85 -10.67 -30.85
C GLU B 782 -4.92 -9.39 -31.67
N VAL B 783 -4.53 -8.29 -31.02
CA VAL B 783 -4.54 -6.96 -31.61
C VAL B 783 -3.41 -6.16 -30.98
N ASN B 784 -2.74 -5.36 -31.80
CA ASN B 784 -1.59 -4.59 -31.31
C ASN B 784 -1.33 -3.43 -32.25
N TRP B 785 -1.51 -2.20 -31.78
CA TRP B 785 -1.19 -1.00 -32.55
C TRP B 785 0.21 -0.48 -32.25
N SER B 786 1.21 -1.35 -32.28
CA SER B 786 2.56 -0.87 -32.03
C SER B 786 3.55 -1.30 -33.09
N HIS B 787 3.43 -2.51 -33.61
CA HIS B 787 4.33 -3.02 -34.64
C HIS B 787 3.50 -3.36 -35.87
N TRP B 788 3.98 -2.93 -37.04
CA TRP B 788 3.24 -3.12 -38.28
C TRP B 788 4.00 -4.00 -39.26
N VAL C 148 -1.91 -22.48 -72.68
CA VAL C 148 -0.57 -22.34 -72.12
C VAL C 148 -0.64 -21.78 -70.71
N PHE C 149 -1.45 -20.73 -70.53
CA PHE C 149 -1.63 -20.08 -69.24
C PHE C 149 -3.04 -20.37 -68.74
N ASN C 150 -3.13 -20.90 -67.52
CA ASN C 150 -4.39 -21.17 -66.86
C ASN C 150 -4.39 -20.49 -65.49
N ARG C 151 -5.53 -20.57 -64.81
CA ARG C 151 -5.67 -19.91 -63.51
C ARG C 151 -4.69 -20.43 -62.47
N PRO C 152 -4.56 -21.75 -62.22
CA PRO C 152 -3.60 -22.19 -61.19
C PRO C 152 -2.16 -21.88 -61.55
N ILE C 153 -1.78 -22.06 -62.81
CA ILE C 153 -0.41 -21.81 -63.23
C ILE C 153 -0.08 -20.33 -63.09
N LEU C 154 -0.97 -19.46 -63.56
CA LEU C 154 -0.74 -18.02 -63.45
C LEU C 154 -0.68 -17.59 -62.00
N PHE C 155 -1.59 -18.13 -61.16
CA PHE C 155 -1.59 -17.77 -59.75
C PHE C 155 -0.28 -18.18 -59.08
N ASP C 156 0.19 -19.39 -59.35
CA ASP C 156 1.45 -19.85 -58.77
C ASP C 156 2.61 -18.99 -59.25
N ILE C 157 2.63 -18.66 -60.55
CA ILE C 157 3.72 -17.87 -61.11
C ILE C 157 3.76 -16.49 -60.47
N VAL C 158 2.60 -15.84 -60.34
CA VAL C 158 2.58 -14.49 -59.79
C VAL C 158 2.85 -14.53 -58.28
N SER C 159 2.47 -15.60 -57.61
CA SER C 159 2.79 -15.74 -56.19
C SER C 159 4.30 -15.92 -55.99
N ARG C 160 4.95 -16.62 -56.92
CA ARG C 160 6.41 -16.80 -56.82
C ARG C 160 7.16 -15.49 -57.00
N GLY C 161 6.51 -14.46 -57.52
CA GLY C 161 7.13 -13.16 -57.66
C GLY C 161 8.30 -13.12 -58.63
N SER C 162 8.14 -13.77 -59.78
CA SER C 162 9.19 -13.79 -60.81
C SER C 162 8.56 -13.39 -62.14
N THR C 163 9.03 -12.29 -62.70
CA THR C 163 8.53 -11.80 -63.99
C THR C 163 9.30 -12.39 -65.16
N ALA C 164 9.47 -13.71 -65.14
CA ALA C 164 10.14 -14.43 -66.22
C ALA C 164 9.27 -15.50 -66.84
N ASP C 165 8.54 -16.28 -66.04
CA ASP C 165 7.68 -17.32 -66.57
C ASP C 165 6.36 -16.78 -67.08
N LEU C 166 6.01 -15.55 -66.72
CA LEU C 166 4.78 -14.92 -67.20
C LEU C 166 4.96 -14.24 -68.56
N ASP C 167 6.17 -14.25 -69.12
CA ASP C 167 6.38 -13.67 -70.44
C ASP C 167 5.62 -14.45 -71.50
N GLY C 168 5.06 -13.72 -72.46
CA GLY C 168 4.24 -14.33 -73.49
C GLY C 168 2.77 -14.46 -73.13
N LEU C 169 2.38 -14.07 -71.90
CA LEU C 169 0.98 -14.12 -71.52
C LEU C 169 0.15 -13.16 -72.34
N LEU C 170 0.66 -11.96 -72.59
CA LEU C 170 -0.10 -10.96 -73.36
C LEU C 170 -0.39 -11.41 -74.79
N PRO C 171 0.57 -11.89 -75.59
CA PRO C 171 0.21 -12.35 -76.94
C PRO C 171 -0.74 -13.53 -76.94
N PHE C 172 -0.52 -14.51 -76.06
CA PHE C 172 -1.40 -15.68 -76.00
C PHE C 172 -2.81 -15.26 -75.61
N LEU C 173 -2.94 -14.27 -74.72
CA LEU C 173 -4.26 -13.83 -74.29
C LEU C 173 -4.94 -13.02 -75.38
N LEU C 174 -4.20 -12.19 -76.12
CA LEU C 174 -4.84 -11.37 -77.14
C LEU C 174 -5.21 -12.18 -78.38
N THR C 175 -4.42 -13.20 -78.73
CA THR C 175 -4.76 -14.04 -79.88
C THR C 175 -6.05 -14.82 -79.65
N HIS C 176 -6.28 -15.29 -78.42
CA HIS C 176 -7.48 -16.05 -78.09
C HIS C 176 -8.67 -15.17 -77.76
N LYS C 177 -8.51 -13.84 -77.80
CA LYS C 177 -9.58 -12.89 -77.50
C LYS C 177 -10.15 -13.13 -76.09
N LYS C 178 -9.27 -13.00 -75.10
CA LYS C 178 -9.61 -13.19 -73.70
C LYS C 178 -9.36 -11.90 -72.94
N ARG C 179 -9.65 -11.95 -71.63
CA ARG C 179 -9.40 -10.83 -70.74
C ARG C 179 -8.97 -11.35 -69.37
N LEU C 180 -8.28 -10.51 -68.62
CA LEU C 180 -7.83 -10.90 -67.28
C LEU C 180 -8.98 -10.97 -66.29
N THR C 181 -10.13 -10.41 -66.62
CA THR C 181 -11.26 -10.34 -65.70
C THR C 181 -12.36 -11.36 -66.01
N ASP C 182 -12.09 -12.32 -66.90
CA ASP C 182 -13.10 -13.32 -67.22
C ASP C 182 -13.34 -14.24 -66.02
N GLU C 183 -14.59 -14.66 -65.86
CA GLU C 183 -14.97 -15.49 -64.72
C GLU C 183 -14.24 -16.81 -64.72
N GLU C 184 -14.12 -17.45 -65.88
CA GLU C 184 -13.41 -18.72 -66.01
C GLU C 184 -11.90 -18.56 -65.89
N PHE C 185 -11.41 -17.35 -65.60
CA PHE C 185 -9.99 -17.07 -65.49
C PHE C 185 -9.58 -16.64 -64.10
N ARG C 186 -10.51 -16.13 -63.29
CA ARG C 186 -10.25 -15.66 -61.93
C ARG C 186 -10.68 -16.71 -60.93
N GLU C 187 -10.33 -16.48 -59.67
CA GLU C 187 -10.69 -17.39 -58.60
C GLU C 187 -12.20 -17.44 -58.44
N PRO C 188 -12.81 -18.63 -58.43
CA PRO C 188 -14.27 -18.71 -58.45
C PRO C 188 -14.93 -18.41 -57.10
N SER C 189 -14.29 -18.82 -56.01
CA SER C 189 -14.91 -18.70 -54.69
C SER C 189 -15.10 -17.24 -54.29
N THR C 190 -14.05 -16.44 -54.43
CA THR C 190 -14.11 -15.05 -54.04
C THR C 190 -14.26 -14.11 -55.24
N GLY C 191 -13.36 -14.23 -56.21
CA GLY C 191 -13.34 -13.32 -57.33
C GLY C 191 -11.97 -12.66 -57.45
N LYS C 192 -11.04 -13.13 -56.63
CA LYS C 192 -9.68 -12.61 -56.66
C LYS C 192 -9.04 -12.83 -58.02
N THR C 193 -8.34 -11.81 -58.51
CA THR C 193 -7.63 -11.86 -59.78
C THR C 193 -6.13 -11.83 -59.51
N CYS C 194 -5.36 -11.72 -60.60
CA CYS C 194 -3.90 -11.81 -60.48
C CYS C 194 -3.33 -10.65 -59.66
N LEU C 195 -3.90 -9.45 -59.81
CA LEU C 195 -3.36 -8.29 -59.09
C LEU C 195 -3.52 -8.42 -57.57
N PRO C 196 -4.69 -8.75 -57.02
CA PRO C 196 -4.76 -8.98 -55.57
C PRO C 196 -3.89 -10.12 -55.10
N LYS C 197 -3.73 -11.17 -55.92
CA LYS C 197 -2.84 -12.27 -55.54
C LYS C 197 -1.39 -11.79 -55.45
N ALA C 198 -0.97 -10.94 -56.39
CA ALA C 198 0.37 -10.38 -56.34
C ALA C 198 0.54 -9.50 -55.11
N LEU C 199 -0.46 -8.69 -54.80
CA LEU C 199 -0.33 -7.78 -53.66
C LEU C 199 -0.30 -8.54 -52.34
N LEU C 200 -1.14 -9.58 -52.20
CA LEU C 200 -1.15 -10.36 -50.98
C LEU C 200 0.14 -11.14 -50.79
N ASN C 201 0.67 -11.72 -51.87
CA ASN C 201 1.90 -12.51 -51.82
C ASN C 201 3.15 -11.66 -51.92
N LEU C 202 3.06 -10.37 -51.62
CA LEU C 202 4.22 -9.48 -51.68
C LEU C 202 5.26 -9.91 -50.64
N SER C 203 6.53 -9.80 -51.03
CA SER C 203 7.64 -10.17 -50.16
C SER C 203 8.72 -9.10 -50.23
N ASN C 204 9.35 -8.84 -49.08
CA ASN C 204 10.48 -7.92 -48.95
C ASN C 204 10.14 -6.49 -49.35
N GLY C 205 8.86 -6.12 -49.36
CA GLY C 205 8.46 -4.76 -49.63
C GLY C 205 8.22 -4.42 -51.08
N ARG C 206 8.55 -5.30 -52.01
CA ARG C 206 8.37 -5.03 -53.43
C ARG C 206 8.11 -6.35 -54.17
N ASN C 207 7.36 -6.24 -55.26
CA ASN C 207 7.06 -7.39 -56.11
C ASN C 207 7.01 -6.90 -57.55
N ASP C 208 7.99 -7.31 -58.36
CA ASP C 208 8.15 -6.76 -59.70
C ASP C 208 7.07 -7.21 -60.67
N THR C 209 6.22 -8.16 -60.28
CA THR C 209 5.20 -8.68 -61.20
C THR C 209 4.16 -7.61 -61.54
N ILE C 210 3.77 -6.79 -60.56
CA ILE C 210 2.65 -5.86 -60.76
C ILE C 210 2.85 -4.91 -61.93
N PRO C 211 4.02 -4.27 -62.11
CA PRO C 211 4.18 -3.40 -63.28
C PRO C 211 3.95 -4.11 -64.61
N VAL C 212 4.47 -5.34 -64.75
CA VAL C 212 4.28 -6.07 -65.99
C VAL C 212 2.83 -6.50 -66.15
N LEU C 213 2.19 -6.87 -65.04
CA LEU C 213 0.77 -7.23 -65.09
C LEU C 213 -0.09 -6.07 -65.56
N LEU C 214 0.19 -4.87 -65.05
CA LEU C 214 -0.55 -3.69 -65.49
C LEU C 214 -0.21 -3.33 -66.93
N ASP C 215 1.04 -3.54 -67.33
CA ASP C 215 1.42 -3.31 -68.72
C ASP C 215 0.64 -4.21 -69.66
N ILE C 216 0.47 -5.48 -69.29
CA ILE C 216 -0.37 -6.38 -70.08
C ILE C 216 -1.83 -5.92 -70.04
N ALA C 217 -2.31 -5.53 -68.86
CA ALA C 217 -3.72 -5.20 -68.70
C ALA C 217 -4.13 -4.01 -69.55
N GLU C 218 -3.26 -2.99 -69.66
CA GLU C 218 -3.63 -1.84 -70.47
C GLU C 218 -3.74 -2.20 -71.95
N ARG C 219 -2.92 -3.14 -72.44
CA ARG C 219 -3.11 -3.63 -73.80
C ARG C 219 -4.37 -4.47 -73.93
N THR C 220 -4.75 -5.18 -72.86
CA THR C 220 -6.00 -5.95 -72.92
C THR C 220 -7.23 -5.07 -72.99
N GLY C 221 -7.09 -3.77 -72.79
CA GLY C 221 -8.22 -2.85 -72.87
C GLY C 221 -9.24 -3.00 -71.76
N ASN C 222 -8.78 -3.25 -70.53
CA ASN C 222 -9.66 -3.33 -69.38
C ASN C 222 -9.02 -2.67 -68.15
N MET C 223 -8.22 -1.63 -68.36
CA MET C 223 -7.47 -1.02 -67.26
C MET C 223 -8.40 -0.49 -66.18
N ARG C 224 -9.49 0.17 -66.58
CA ARG C 224 -10.48 0.62 -65.60
C ARG C 224 -11.08 -0.56 -64.85
N GLU C 225 -11.40 -1.64 -65.56
CA GLU C 225 -11.98 -2.82 -64.94
C GLU C 225 -10.95 -3.71 -64.27
N PHE C 226 -9.68 -3.65 -64.70
CA PHE C 226 -8.67 -4.54 -64.14
C PHE C 226 -8.45 -4.27 -62.66
N ILE C 227 -8.22 -3.02 -62.30
CA ILE C 227 -8.04 -2.67 -60.88
C ILE C 227 -9.43 -2.37 -60.34
N ASN C 228 -10.17 -3.44 -60.08
CA ASN C 228 -11.46 -3.43 -59.42
C ASN C 228 -11.83 -4.87 -59.13
N SER C 229 -12.19 -5.20 -57.89
CA SER C 229 -12.42 -6.59 -57.51
C SER C 229 -13.39 -6.64 -56.34
N PRO C 230 -14.68 -6.49 -56.60
CA PRO C 230 -15.67 -6.72 -55.55
C PRO C 230 -15.82 -8.21 -55.26
N PHE C 231 -14.95 -8.74 -54.40
CA PHE C 231 -14.96 -10.16 -54.07
C PHE C 231 -16.37 -10.63 -53.75
N ARG C 232 -16.87 -11.57 -54.55
CA ARG C 232 -18.23 -12.08 -54.36
C ARG C 232 -18.40 -12.79 -53.03
N ASP C 233 -17.31 -13.17 -52.37
CA ASP C 233 -17.40 -13.83 -51.09
C ASP C 233 -18.03 -12.89 -50.07
N ILE C 234 -18.83 -13.46 -49.16
CA ILE C 234 -19.50 -12.65 -48.15
C ILE C 234 -18.50 -11.97 -47.23
N TYR C 235 -17.45 -12.70 -46.84
CA TYR C 235 -16.47 -12.18 -45.90
C TYR C 235 -15.64 -11.03 -46.46
N TYR C 236 -15.41 -10.99 -47.77
CA TYR C 236 -14.48 -10.03 -48.36
C TYR C 236 -15.19 -9.18 -49.41
N ARG C 237 -16.48 -8.96 -49.23
CA ARG C 237 -17.30 -8.25 -50.21
C ARG C 237 -16.76 -6.83 -50.40
N GLY C 238 -16.44 -6.48 -51.65
CA GLY C 238 -16.10 -5.13 -52.03
C GLY C 238 -14.63 -4.77 -51.93
N GLN C 239 -13.82 -5.60 -51.26
CA GLN C 239 -12.41 -5.27 -51.08
C GLN C 239 -11.65 -5.32 -52.40
N THR C 240 -11.25 -4.16 -52.91
CA THR C 240 -10.51 -4.10 -54.16
C THR C 240 -9.01 -4.18 -53.89
N ALA C 241 -8.21 -3.97 -54.94
CA ALA C 241 -6.77 -4.08 -54.81
C ALA C 241 -6.17 -2.91 -54.05
N LEU C 242 -6.83 -1.75 -54.08
CA LEU C 242 -6.31 -0.59 -53.34
C LEU C 242 -6.36 -0.84 -51.84
N HIS C 243 -7.41 -1.51 -51.36
CA HIS C 243 -7.48 -1.85 -49.94
C HIS C 243 -6.29 -2.72 -49.53
N ILE C 244 -5.97 -3.72 -50.36
CA ILE C 244 -4.84 -4.60 -50.06
C ILE C 244 -3.54 -3.83 -50.10
N ALA C 245 -3.38 -2.96 -51.08
CA ALA C 245 -2.15 -2.17 -51.18
C ALA C 245 -1.98 -1.23 -49.99
N ILE C 246 -3.09 -0.71 -49.45
CA ILE C 246 -2.99 0.21 -48.33
C ILE C 246 -2.73 -0.53 -47.03
N GLU C 247 -3.43 -1.65 -46.81
CA GLU C 247 -3.19 -2.40 -45.56
C GLU C 247 -1.85 -3.11 -45.56
N ARG C 248 -1.18 -3.21 -46.71
CA ARG C 248 0.19 -3.73 -46.78
C ARG C 248 1.23 -2.65 -46.56
N ARG C 249 0.81 -1.40 -46.39
CA ARG C 249 1.70 -0.27 -46.10
C ARG C 249 2.72 -0.05 -47.22
N CYS C 250 2.28 -0.26 -48.46
CA CYS C 250 3.12 -0.07 -49.64
C CYS C 250 2.71 1.23 -50.32
N LYS C 251 3.44 2.31 -50.02
CA LYS C 251 3.11 3.61 -50.58
C LYS C 251 3.28 3.63 -52.10
N HIS C 252 4.37 3.02 -52.59
CA HIS C 252 4.65 3.06 -54.02
C HIS C 252 3.56 2.36 -54.83
N TYR C 253 3.08 1.21 -54.33
CA TYR C 253 2.05 0.49 -55.05
C TYR C 253 0.70 1.22 -54.99
N VAL C 254 0.42 1.89 -53.88
CA VAL C 254 -0.79 2.71 -53.82
C VAL C 254 -0.72 3.83 -54.85
N GLU C 255 0.45 4.49 -54.94
CA GLU C 255 0.64 5.54 -55.93
C GLU C 255 0.46 4.98 -57.34
N LEU C 256 1.04 3.81 -57.61
CA LEU C 256 0.93 3.21 -58.94
C LEU C 256 -0.52 2.88 -59.28
N LEU C 257 -1.24 2.27 -58.34
CA LEU C 257 -2.61 1.85 -58.61
C LEU C 257 -3.54 3.05 -58.77
N VAL C 258 -3.35 4.10 -57.98
CA VAL C 258 -4.20 5.27 -58.12
C VAL C 258 -3.81 6.08 -59.36
N ALA C 259 -2.57 5.91 -59.83
CA ALA C 259 -2.15 6.60 -61.05
C ALA C 259 -2.91 6.10 -62.26
N GLN C 260 -3.24 4.81 -62.30
CA GLN C 260 -4.04 4.25 -63.37
C GLN C 260 -5.50 4.70 -63.29
N GLY C 261 -5.91 5.33 -62.19
CA GLY C 261 -7.26 5.83 -62.05
C GLY C 261 -8.30 4.73 -61.90
N ALA C 262 -8.23 3.98 -60.81
CA ALA C 262 -9.20 2.91 -60.58
C ALA C 262 -10.35 3.38 -59.70
N ASP C 263 -10.05 3.75 -58.45
CA ASP C 263 -11.06 4.19 -57.50
C ASP C 263 -10.40 4.65 -56.21
N VAL C 264 -11.05 5.58 -55.50
CA VAL C 264 -10.57 6.02 -54.19
C VAL C 264 -11.75 6.01 -53.22
N HIS C 265 -12.86 5.42 -53.64
CA HIS C 265 -14.07 5.38 -52.82
C HIS C 265 -14.70 3.99 -52.79
N ALA C 266 -13.87 2.96 -52.96
CA ALA C 266 -14.37 1.59 -52.93
C ALA C 266 -14.86 1.23 -51.53
N GLN C 267 -15.92 0.43 -51.47
CA GLN C 267 -16.55 0.06 -50.21
C GLN C 267 -16.14 -1.36 -49.84
N ALA C 268 -15.64 -1.52 -48.61
CA ALA C 268 -15.30 -2.84 -48.07
C ALA C 268 -16.47 -3.30 -47.21
N ARG C 269 -17.45 -3.93 -47.85
CA ARG C 269 -18.70 -4.30 -47.21
C ARG C 269 -18.70 -5.71 -46.64
N GLY C 270 -17.57 -6.42 -46.71
CA GLY C 270 -17.55 -7.81 -46.31
C GLY C 270 -17.76 -8.01 -44.83
N ARG C 271 -18.14 -9.24 -44.47
CA ARG C 271 -18.38 -9.57 -43.07
C ARG C 271 -17.10 -9.49 -42.25
N PHE C 272 -15.95 -9.70 -42.88
CA PHE C 272 -14.67 -9.50 -42.19
C PHE C 272 -14.51 -8.03 -41.80
N PHE C 273 -14.95 -7.12 -42.66
CA PHE C 273 -14.76 -5.69 -42.44
C PHE C 273 -15.94 -5.08 -41.69
N GLN C 274 -16.30 -5.68 -40.57
CA GLN C 274 -17.44 -5.29 -39.76
C GLN C 274 -17.01 -5.15 -38.30
N PRO C 275 -17.74 -4.37 -37.50
CA PRO C 275 -17.39 -4.26 -36.08
C PRO C 275 -17.48 -5.61 -35.39
N LYS C 276 -16.68 -5.76 -34.33
CA LYS C 276 -16.63 -7.02 -33.61
C LYS C 276 -17.98 -7.41 -33.04
N ASP C 277 -18.86 -6.43 -32.78
CA ASP C 277 -20.20 -6.73 -32.30
C ASP C 277 -21.03 -7.45 -33.36
N GLU C 278 -20.75 -7.18 -34.64
CA GLU C 278 -21.49 -7.78 -35.74
C GLU C 278 -20.87 -9.07 -36.25
N GLY C 279 -19.77 -9.52 -35.65
CA GLY C 279 -19.12 -10.74 -36.08
C GLY C 279 -18.00 -10.53 -37.09
N GLY C 280 -17.29 -9.41 -36.96
CA GLY C 280 -16.17 -9.12 -37.82
C GLY C 280 -14.85 -9.16 -37.08
N TYR C 281 -13.78 -8.71 -37.72
CA TYR C 281 -12.47 -8.68 -37.09
C TYR C 281 -11.78 -7.33 -37.14
N PHE C 282 -12.10 -6.47 -38.10
CA PHE C 282 -11.47 -5.15 -38.19
C PHE C 282 -12.40 -4.21 -38.93
N TYR C 283 -12.98 -3.26 -38.21
CA TYR C 283 -13.80 -2.21 -38.81
C TYR C 283 -13.00 -0.92 -38.84
N PHE C 284 -12.70 -0.45 -40.05
CA PHE C 284 -11.93 0.77 -40.27
C PHE C 284 -12.74 1.82 -41.02
N GLY C 285 -14.06 1.73 -40.95
CA GLY C 285 -14.89 2.36 -41.95
C GLY C 285 -15.00 1.44 -43.16
N GLU C 286 -15.28 2.03 -44.32
CA GLU C 286 -15.39 1.23 -45.53
C GLU C 286 -14.75 1.90 -46.74
N LEU C 287 -13.75 2.75 -46.55
CA LEU C 287 -13.13 3.45 -47.67
C LEU C 287 -11.62 3.32 -47.60
N PRO C 288 -10.95 3.40 -48.76
CA PRO C 288 -9.48 3.36 -48.74
C PRO C 288 -8.85 4.45 -47.91
N LEU C 289 -9.42 5.66 -47.93
CA LEU C 289 -8.91 6.73 -47.08
C LEU C 289 -9.13 6.40 -45.60
N SER C 290 -10.30 5.84 -45.28
CA SER C 290 -10.56 5.42 -43.91
C SER C 290 -9.62 4.29 -43.49
N LEU C 291 -9.33 3.37 -44.42
CA LEU C 291 -8.39 2.30 -44.10
C LEU C 291 -7.00 2.86 -43.83
N ALA C 292 -6.56 3.81 -44.65
CA ALA C 292 -5.24 4.41 -44.44
C ALA C 292 -5.19 5.18 -43.13
N ALA C 293 -6.28 5.86 -42.77
CA ALA C 293 -6.30 6.60 -41.52
C ALA C 293 -6.33 5.68 -40.32
N CYS C 294 -7.03 4.55 -40.43
CA CYS C 294 -7.19 3.64 -39.29
C CYS C 294 -6.02 2.68 -39.11
N THR C 295 -5.10 2.61 -40.06
CA THR C 295 -3.92 1.76 -39.94
C THR C 295 -2.66 2.56 -39.65
N ASN C 296 -2.79 3.83 -39.28
CA ASN C 296 -1.67 4.70 -38.94
C ASN C 296 -0.67 4.80 -40.10
N GLN C 297 -1.15 5.34 -41.21
CA GLN C 297 -0.35 5.57 -42.41
C GLN C 297 -0.54 7.01 -42.84
N PRO C 298 0.11 7.96 -42.16
CA PRO C 298 -0.07 9.37 -42.52
C PRO C 298 0.33 9.70 -43.95
N HIS C 299 1.37 9.04 -44.48
CA HIS C 299 1.81 9.32 -45.84
C HIS C 299 0.74 8.91 -46.85
N ILE C 300 0.10 7.76 -46.63
CA ILE C 300 -0.96 7.33 -47.55
C ILE C 300 -2.13 8.29 -47.50
N VAL C 301 -2.49 8.76 -46.31
CA VAL C 301 -3.59 9.72 -46.19
C VAL C 301 -3.25 11.01 -46.90
N ASN C 302 -2.02 11.51 -46.71
CA ASN C 302 -1.60 12.73 -47.39
C ASN C 302 -1.62 12.57 -48.90
N TYR C 303 -1.11 11.44 -49.40
CA TYR C 303 -1.07 11.24 -50.84
C TYR C 303 -2.48 11.11 -51.43
N LEU C 304 -3.37 10.38 -50.74
CA LEU C 304 -4.73 10.22 -51.23
C LEU C 304 -5.53 11.52 -51.16
N THR C 305 -5.24 12.39 -50.20
CA THR C 305 -5.97 13.64 -50.09
C THR C 305 -5.53 14.63 -51.18
N GLU C 306 -4.23 14.71 -51.43
CA GLU C 306 -3.68 15.66 -52.41
C GLU C 306 -2.85 14.90 -53.44
N ASN C 307 -3.52 14.50 -54.52
CA ASN C 307 -2.87 13.88 -55.66
C ASN C 307 -3.50 14.38 -56.95
N PRO C 308 -2.72 14.44 -58.03
CA PRO C 308 -3.30 14.96 -59.29
C PRO C 308 -4.34 14.05 -59.91
N HIS C 309 -4.14 12.73 -59.86
CA HIS C 309 -5.03 11.81 -60.57
C HIS C 309 -6.44 11.86 -60.01
N LYS C 310 -6.61 11.44 -58.76
CA LYS C 310 -7.93 11.38 -58.15
C LYS C 310 -7.78 11.37 -56.63
N LYS C 311 -8.54 12.23 -55.97
CA LYS C 311 -8.47 12.39 -54.52
C LYS C 311 -9.81 12.02 -53.88
N ALA C 312 -9.75 11.37 -52.73
CA ALA C 312 -10.94 10.97 -51.99
C ALA C 312 -11.30 12.06 -50.99
N ASP C 313 -12.49 12.63 -51.15
CA ASP C 313 -12.94 13.68 -50.23
C ASP C 313 -13.13 13.12 -48.84
N MET C 314 -12.70 13.89 -47.84
CA MET C 314 -12.83 13.46 -46.45
C MET C 314 -14.27 13.44 -45.96
N ARG C 315 -15.20 14.05 -46.71
CA ARG C 315 -16.59 14.12 -46.29
C ARG C 315 -17.39 12.88 -46.66
N ARG C 316 -16.81 11.95 -47.41
CA ARG C 316 -17.57 10.81 -47.90
C ARG C 316 -17.96 9.89 -46.75
N GLN C 317 -19.17 9.35 -46.82
CA GLN C 317 -19.72 8.49 -45.79
C GLN C 317 -19.90 7.08 -46.35
N ASP C 318 -19.64 6.08 -45.50
CA ASP C 318 -19.77 4.69 -45.90
C ASP C 318 -21.23 4.24 -45.73
N SER C 319 -21.45 2.92 -45.77
CA SER C 319 -22.81 2.39 -45.64
C SER C 319 -23.42 2.75 -44.29
N ARG C 320 -22.63 2.69 -43.22
CA ARG C 320 -23.12 3.04 -41.89
C ARG C 320 -23.25 4.54 -41.69
N GLY C 321 -22.81 5.35 -42.65
CA GLY C 321 -22.77 6.79 -42.49
C GLY C 321 -21.53 7.32 -41.84
N ASN C 322 -20.61 6.44 -41.41
CA ASN C 322 -19.40 6.88 -40.72
C ASN C 322 -18.45 7.55 -41.70
N THR C 323 -17.97 8.74 -41.33
CA THR C 323 -16.90 9.40 -42.06
C THR C 323 -15.56 8.86 -41.56
N VAL C 324 -14.47 9.52 -41.93
CA VAL C 324 -13.15 9.06 -41.51
C VAL C 324 -12.98 9.23 -40.00
N LEU C 325 -13.51 10.32 -39.44
CA LEU C 325 -13.37 10.55 -38.00
C LEU C 325 -14.21 9.56 -37.19
N HIS C 326 -15.39 9.19 -37.68
CA HIS C 326 -16.17 8.16 -37.01
C HIS C 326 -15.41 6.83 -36.97
N ALA C 327 -14.75 6.48 -38.09
CA ALA C 327 -13.94 5.27 -38.11
C ALA C 327 -12.77 5.37 -37.15
N LEU C 328 -12.12 6.54 -37.09
CA LEU C 328 -11.01 6.73 -36.16
C LEU C 328 -11.47 6.58 -34.73
N VAL C 329 -12.67 7.05 -34.41
CA VAL C 329 -13.23 6.87 -33.08
C VAL C 329 -13.52 5.39 -32.83
N ALA C 330 -14.05 4.69 -33.83
CA ALA C 330 -14.42 3.29 -33.66
C ALA C 330 -13.20 2.42 -33.40
N ILE C 331 -12.10 2.64 -34.13
CA ILE C 331 -10.92 1.80 -33.95
C ILE C 331 -10.19 2.08 -32.64
N ALA C 332 -10.41 3.23 -32.03
CA ALA C 332 -9.62 3.65 -30.88
C ALA C 332 -10.08 2.90 -29.63
N ASP C 333 -9.13 2.29 -28.92
CA ASP C 333 -9.38 1.78 -27.58
C ASP C 333 -8.56 2.57 -26.57
N ASN C 334 -8.93 2.43 -25.31
CA ASN C 334 -8.36 3.25 -24.24
C ASN C 334 -6.97 2.74 -23.82
N THR C 335 -6.05 2.76 -24.78
CA THR C 335 -4.65 2.45 -24.55
C THR C 335 -3.81 3.69 -24.87
N ARG C 336 -2.49 3.53 -24.80
CA ARG C 336 -1.58 4.66 -25.02
C ARG C 336 -1.11 4.73 -26.47
N GLU C 337 -0.47 3.66 -26.95
CA GLU C 337 0.07 3.66 -28.31
C GLU C 337 -1.01 3.77 -29.36
N ASN C 338 -2.26 3.41 -29.04
CA ASN C 338 -3.34 3.56 -30.00
C ASN C 338 -3.87 4.99 -29.99
N THR C 339 -4.27 5.49 -28.82
CA THR C 339 -4.83 6.83 -28.73
C THR C 339 -3.83 7.88 -29.19
N LYS C 340 -2.52 7.60 -29.08
CA LYS C 340 -1.53 8.55 -29.57
C LYS C 340 -1.77 8.90 -31.03
N PHE C 341 -1.66 7.91 -31.92
CA PHE C 341 -1.84 8.22 -33.34
C PHE C 341 -3.30 8.47 -33.67
N VAL C 342 -4.24 7.93 -32.89
CA VAL C 342 -5.64 8.23 -33.15
C VAL C 342 -5.91 9.72 -33.00
N THR C 343 -5.47 10.30 -31.88
CA THR C 343 -5.63 11.74 -31.69
C THR C 343 -4.81 12.53 -32.69
N LYS C 344 -3.58 12.10 -32.96
CA LYS C 344 -2.73 12.83 -33.89
C LYS C 344 -3.37 12.91 -35.28
N MET C 345 -3.89 11.79 -35.77
CA MET C 345 -4.45 11.76 -37.11
C MET C 345 -5.86 12.34 -37.15
N TYR C 346 -6.61 12.25 -36.05
CA TYR C 346 -7.87 12.99 -35.96
C TYR C 346 -7.62 14.48 -36.11
N ASP C 347 -6.63 15.00 -35.38
CA ASP C 347 -6.21 16.40 -35.57
C ASP C 347 -5.87 16.66 -37.03
N LEU C 348 -4.85 15.95 -37.53
CA LEU C 348 -4.40 16.09 -38.91
C LEU C 348 -5.55 16.17 -39.91
N LEU C 349 -6.49 15.23 -39.85
CA LEU C 349 -7.58 15.19 -40.82
C LEU C 349 -8.55 16.33 -40.62
N LEU C 350 -8.86 16.69 -39.37
CA LEU C 350 -9.76 17.82 -39.14
C LEU C 350 -9.15 19.11 -39.67
N LEU C 351 -7.86 19.32 -39.41
CA LEU C 351 -7.17 20.51 -39.91
C LEU C 351 -7.13 20.51 -41.44
N LYS C 352 -6.86 19.34 -42.04
CA LYS C 352 -6.80 19.26 -43.50
C LYS C 352 -8.15 19.58 -44.13
N CYS C 353 -9.23 19.07 -43.56
CA CYS C 353 -10.55 19.42 -44.06
C CYS C 353 -10.96 20.84 -43.70
N ALA C 354 -10.29 21.46 -42.72
CA ALA C 354 -10.50 22.88 -42.47
C ALA C 354 -9.81 23.74 -43.52
N ARG C 355 -8.62 23.34 -43.97
CA ARG C 355 -7.92 24.08 -45.01
C ARG C 355 -8.75 24.12 -46.29
N LEU C 356 -9.00 22.97 -46.89
CA LEU C 356 -9.88 22.89 -48.05
C LEU C 356 -11.32 23.14 -47.62
N PHE C 357 -12.10 23.72 -48.53
CA PHE C 357 -13.51 24.00 -48.30
C PHE C 357 -13.77 24.76 -47.00
N PRO C 358 -13.48 26.08 -46.94
CA PRO C 358 -13.82 26.83 -45.73
C PRO C 358 -15.33 26.85 -45.50
N ASP C 359 -15.88 25.74 -45.03
CA ASP C 359 -17.32 25.52 -44.95
C ASP C 359 -17.60 24.83 -43.62
N SER C 360 -18.80 24.25 -43.50
CA SER C 360 -19.20 23.56 -42.28
C SER C 360 -18.19 22.50 -41.91
N ASN C 361 -17.92 22.39 -40.60
CA ASN C 361 -16.88 21.51 -40.10
C ASN C 361 -17.17 20.06 -40.44
N LEU C 362 -16.10 19.29 -40.66
CA LEU C 362 -16.26 17.86 -40.92
C LEU C 362 -16.87 17.16 -39.72
N GLU C 363 -16.49 17.57 -38.51
CA GLU C 363 -17.02 16.95 -37.31
C GLU C 363 -18.53 17.13 -37.17
N ALA C 364 -19.11 18.07 -37.92
CA ALA C 364 -20.54 18.33 -37.85
C ALA C 364 -21.39 17.29 -38.58
N VAL C 365 -20.78 16.46 -39.43
CA VAL C 365 -21.55 15.44 -40.15
C VAL C 365 -22.04 14.39 -39.16
N LEU C 366 -23.07 13.66 -39.56
CA LEU C 366 -23.68 12.66 -38.70
C LEU C 366 -23.78 11.33 -39.43
N ASN C 367 -23.64 10.24 -38.69
CA ASN C 367 -23.78 8.91 -39.25
C ASN C 367 -25.26 8.56 -39.36
N ASN C 368 -25.56 7.30 -39.65
CA ASN C 368 -26.94 6.88 -39.80
C ASN C 368 -27.67 6.73 -38.48
N ASP C 369 -27.04 7.09 -37.36
CA ASP C 369 -27.68 7.03 -36.05
C ASP C 369 -27.73 8.39 -35.37
N GLY C 370 -27.34 9.45 -36.07
CA GLY C 370 -27.36 10.79 -35.52
C GLY C 370 -26.17 11.17 -34.68
N LEU C 371 -25.27 10.24 -34.40
CA LEU C 371 -24.12 10.53 -33.55
C LEU C 371 -23.03 11.28 -34.32
N SER C 372 -22.35 12.17 -33.62
CA SER C 372 -21.15 12.82 -34.13
C SER C 372 -19.93 12.09 -33.63
N PRO C 373 -18.74 12.40 -34.16
CA PRO C 373 -17.53 11.76 -33.61
C PRO C 373 -17.37 11.94 -32.11
N LEU C 374 -17.68 13.14 -31.60
CA LEU C 374 -17.66 13.35 -30.15
C LEU C 374 -18.78 12.54 -29.48
N MET C 375 -19.98 12.57 -30.05
CA MET C 375 -21.08 11.80 -29.48
C MET C 375 -20.80 10.30 -29.55
N MET C 376 -20.22 9.84 -30.66
CA MET C 376 -19.90 8.42 -30.79
C MET C 376 -18.83 8.01 -29.78
N ALA C 377 -17.82 8.87 -29.58
CA ALA C 377 -16.79 8.56 -28.59
C ALA C 377 -17.37 8.52 -27.18
N ALA C 378 -18.32 9.43 -26.88
CA ALA C 378 -18.98 9.40 -25.58
C ALA C 378 -19.81 8.14 -25.41
N LYS C 379 -20.53 7.73 -26.47
CA LYS C 379 -21.42 6.59 -26.35
C LYS C 379 -20.68 5.27 -26.25
N THR C 380 -19.63 5.09 -27.05
CA THR C 380 -18.90 3.84 -27.09
C THR C 380 -17.74 3.79 -26.10
N GLY C 381 -17.63 4.79 -25.23
CA GLY C 381 -16.65 4.75 -24.16
C GLY C 381 -15.20 4.81 -24.57
N LYS C 382 -14.85 5.68 -25.52
CA LYS C 382 -13.46 5.88 -25.94
C LYS C 382 -12.96 7.13 -25.21
N ILE C 383 -12.25 6.93 -24.10
CA ILE C 383 -11.90 8.03 -23.22
C ILE C 383 -10.86 8.94 -23.86
N GLY C 384 -9.85 8.36 -24.50
CA GLY C 384 -8.74 9.18 -24.98
C GLY C 384 -9.16 10.17 -26.06
N ILE C 385 -9.84 9.68 -27.09
CA ILE C 385 -10.25 10.57 -28.19
C ILE C 385 -11.31 11.55 -27.72
N PHE C 386 -12.23 11.10 -26.84
CA PHE C 386 -13.24 12.00 -26.30
C PHE C 386 -12.59 13.14 -25.53
N GLN C 387 -11.64 12.82 -24.65
CA GLN C 387 -10.95 13.85 -23.89
C GLN C 387 -10.17 14.78 -24.81
N HIS C 388 -9.50 14.23 -25.82
CA HIS C 388 -8.73 15.07 -26.74
C HIS C 388 -9.65 16.04 -27.49
N ILE C 389 -10.81 15.56 -27.94
CA ILE C 389 -11.74 16.42 -28.65
C ILE C 389 -12.30 17.49 -27.73
N ILE C 390 -12.62 17.13 -26.48
CA ILE C 390 -13.31 18.06 -25.59
C ILE C 390 -12.44 19.28 -25.32
N ARG C 391 -11.20 19.07 -24.90
CA ARG C 391 -10.28 20.17 -24.62
C ARG C 391 -9.33 20.39 -25.80
N ARG C 392 -9.92 20.70 -26.95
CA ARG C 392 -9.16 20.91 -28.18
C ARG C 392 -8.94 22.41 -28.38
N GLU C 393 -7.67 22.80 -28.49
CA GLU C 393 -7.31 24.19 -28.77
C GLU C 393 -6.32 24.21 -29.93
N VAL C 394 -6.60 25.06 -30.91
CA VAL C 394 -5.75 25.23 -32.08
C VAL C 394 -5.34 26.69 -32.17
N THR C 395 -4.06 26.94 -32.43
CA THR C 395 -3.50 28.29 -32.38
C THR C 395 -3.66 29.06 -33.68
N ASP C 396 -3.51 28.39 -34.82
CA ASP C 396 -3.54 29.09 -36.10
C ASP C 396 -4.88 29.79 -36.31
N GLU C 397 -4.80 31.06 -36.73
CA GLU C 397 -6.00 31.88 -36.83
C GLU C 397 -6.95 31.37 -37.91
N ASP C 398 -6.41 30.94 -39.05
CA ASP C 398 -7.27 30.53 -40.15
C ASP C 398 -8.15 29.34 -39.77
N THR C 399 -7.55 28.28 -39.25
CA THR C 399 -8.29 27.13 -38.74
C THR C 399 -8.33 27.21 -37.20
N ARG C 400 -9.03 28.25 -36.71
CA ARG C 400 -9.18 28.45 -35.28
C ARG C 400 -10.58 28.16 -34.77
N HIS C 401 -11.58 28.14 -35.64
CA HIS C 401 -12.94 27.84 -35.22
C HIS C 401 -13.12 26.39 -34.79
N LEU C 402 -12.17 25.51 -35.11
CA LEU C 402 -12.28 24.12 -34.71
C LEU C 402 -12.05 23.93 -33.21
N SER C 403 -11.38 24.87 -32.55
CA SER C 403 -11.02 24.70 -31.16
C SER C 403 -12.26 24.74 -30.27
N ARG C 404 -12.13 24.11 -29.10
CA ARG C 404 -13.21 24.09 -28.11
C ARG C 404 -12.77 24.59 -26.75
N LYS C 405 -11.49 24.98 -26.59
CA LYS C 405 -10.97 25.58 -25.37
C LYS C 405 -10.27 26.86 -25.73
N PHE C 406 -10.61 27.95 -25.05
CA PHE C 406 -10.11 29.27 -25.41
C PHE C 406 -9.31 29.88 -24.25
N LYS C 407 -8.92 31.14 -24.41
CA LYS C 407 -8.00 31.84 -23.54
C LYS C 407 -8.54 33.22 -23.19
N ASP C 408 -9.78 33.25 -22.68
CA ASP C 408 -10.56 34.48 -22.49
C ASP C 408 -9.75 35.67 -22.02
N TRP C 409 -9.08 35.56 -20.88
CA TRP C 409 -8.25 36.66 -20.38
C TRP C 409 -7.19 36.10 -19.45
N ALA C 410 -6.20 36.93 -19.14
CA ALA C 410 -5.11 36.56 -18.26
C ALA C 410 -4.56 37.80 -17.58
N TYR C 411 -4.42 37.73 -16.25
CA TYR C 411 -3.82 38.82 -15.46
C TYR C 411 -2.81 38.18 -14.53
N GLY C 412 -1.55 38.15 -14.96
CA GLY C 412 -0.51 37.50 -14.21
C GLY C 412 -0.78 36.02 -14.07
N PRO C 413 -0.68 35.50 -12.84
CA PRO C 413 -0.84 34.07 -12.60
C PRO C 413 -2.29 33.64 -12.37
N VAL C 414 -3.19 34.09 -13.24
CA VAL C 414 -4.56 33.60 -13.28
C VAL C 414 -5.00 33.55 -14.73
N TYR C 415 -5.53 32.41 -15.16
CA TYR C 415 -5.88 32.17 -16.56
C TYR C 415 -7.34 31.73 -16.61
N SER C 416 -8.13 32.41 -17.44
CA SER C 416 -9.53 32.07 -17.63
C SER C 416 -9.68 31.28 -18.92
N SER C 417 -9.93 29.98 -18.79
CA SER C 417 -10.15 29.11 -19.94
C SER C 417 -11.64 29.05 -20.25
N LEU C 418 -11.98 29.12 -21.53
CA LEU C 418 -13.36 29.23 -21.98
C LEU C 418 -13.68 27.99 -22.80
N TYR C 419 -14.20 26.95 -22.14
CA TYR C 419 -14.58 25.73 -22.84
C TYR C 419 -15.84 25.96 -23.66
N ASP C 420 -16.01 25.12 -24.67
CA ASP C 420 -17.16 25.22 -25.58
C ASP C 420 -18.20 24.17 -25.21
N LEU C 421 -19.46 24.53 -25.40
CA LEU C 421 -20.61 23.69 -25.06
C LEU C 421 -21.51 23.52 -26.29
N SER C 422 -20.89 23.33 -27.45
CA SER C 422 -21.68 23.19 -28.68
C SER C 422 -22.51 21.92 -28.68
N SER C 423 -22.08 20.89 -27.95
CA SER C 423 -22.82 19.64 -27.87
C SER C 423 -22.93 19.06 -26.47
N LEU C 424 -22.25 19.63 -25.47
CA LEU C 424 -22.32 19.09 -24.12
C LEU C 424 -23.65 19.41 -23.46
N ASP C 425 -24.20 20.60 -23.72
CA ASP C 425 -25.44 21.05 -23.12
C ASP C 425 -26.35 21.59 -24.22
N THR C 426 -27.41 20.85 -24.52
CA THR C 426 -28.36 21.24 -25.54
C THR C 426 -29.77 21.03 -24.99
N CYS C 427 -30.66 22.00 -25.26
CA CYS C 427 -32.01 21.96 -24.71
C CYS C 427 -32.97 21.42 -25.76
N GLY C 428 -33.34 20.15 -25.61
CA GLY C 428 -34.45 19.57 -26.33
C GLY C 428 -34.20 19.18 -27.78
N GLU C 429 -34.00 20.16 -28.65
CA GLU C 429 -33.98 19.89 -30.09
C GLU C 429 -32.57 19.60 -30.60
N GLU C 430 -31.85 18.72 -29.88
CA GLU C 430 -30.53 18.22 -30.22
C GLU C 430 -30.28 16.97 -29.39
N ALA C 431 -29.24 16.24 -29.74
CA ALA C 431 -28.68 15.21 -28.88
C ALA C 431 -27.44 15.76 -28.18
N SER C 432 -27.30 15.42 -26.91
CA SER C 432 -26.26 16.01 -26.07
C SER C 432 -25.29 14.94 -25.61
N VAL C 433 -24.02 15.35 -25.44
CA VAL C 433 -23.00 14.44 -24.94
C VAL C 433 -23.26 14.04 -23.50
N LEU C 434 -23.84 14.94 -22.70
CA LEU C 434 -24.02 14.67 -21.28
C LEU C 434 -25.08 13.60 -21.04
N GLU C 435 -26.23 13.72 -21.72
CA GLU C 435 -27.28 12.72 -21.55
C GLU C 435 -26.83 11.35 -22.03
N ILE C 436 -26.13 11.30 -23.16
CA ILE C 436 -25.57 10.04 -23.63
C ILE C 436 -24.57 9.49 -22.64
N LEU C 437 -23.70 10.36 -22.11
CA LEU C 437 -22.65 9.92 -21.21
C LEU C 437 -23.20 9.40 -19.89
N VAL C 438 -24.37 9.88 -19.48
CA VAL C 438 -24.95 9.46 -18.22
C VAL C 438 -25.90 8.26 -18.39
N TYR C 439 -26.70 8.25 -19.45
CA TYR C 439 -27.70 7.20 -19.64
C TYR C 439 -27.17 6.05 -20.49
N ASN C 440 -26.78 6.33 -21.73
CA ASN C 440 -26.41 5.30 -22.70
C ASN C 440 -24.93 5.43 -23.03
N SER C 441 -24.10 4.78 -22.24
CA SER C 441 -22.65 4.81 -22.45
C SER C 441 -22.06 3.46 -22.09
N LYS C 442 -20.76 3.33 -22.30
CA LYS C 442 -20.05 2.09 -22.00
C LYS C 442 -19.65 2.13 -20.53
N ILE C 443 -20.28 1.26 -19.73
CA ILE C 443 -20.34 1.45 -18.29
C ILE C 443 -19.00 1.23 -17.58
N GLU C 444 -18.22 0.22 -17.98
CA GLU C 444 -17.10 -0.22 -17.16
C GLU C 444 -16.07 0.89 -16.95
N ASN C 445 -15.99 1.84 -17.89
CA ASN C 445 -15.13 3.00 -17.71
C ASN C 445 -15.90 4.27 -18.09
N ARG C 446 -17.15 4.37 -17.63
CA ARG C 446 -17.94 5.59 -17.84
C ARG C 446 -17.50 6.72 -16.92
N HIS C 447 -17.01 6.38 -15.73
CA HIS C 447 -16.78 7.39 -14.70
C HIS C 447 -15.64 8.33 -15.06
N GLU C 448 -14.63 7.85 -15.79
CA GLU C 448 -13.54 8.74 -16.20
C GLU C 448 -14.04 9.82 -17.15
N MET C 449 -14.95 9.45 -18.06
CA MET C 449 -15.47 10.42 -19.02
C MET C 449 -16.39 11.43 -18.39
N LEU C 450 -16.98 11.12 -17.22
CA LEU C 450 -17.73 12.10 -16.46
C LEU C 450 -16.84 12.96 -15.58
N ALA C 451 -15.54 12.71 -15.58
CA ALA C 451 -14.58 13.44 -14.77
C ALA C 451 -13.58 14.19 -15.63
N VAL C 452 -14.06 14.74 -16.74
CA VAL C 452 -13.23 15.55 -17.61
C VAL C 452 -13.48 17.02 -17.30
N GLU C 453 -12.65 17.89 -17.86
CA GLU C 453 -12.56 19.27 -17.38
C GLU C 453 -13.89 20.02 -17.40
N PRO C 454 -14.68 20.03 -18.50
CA PRO C 454 -15.92 20.80 -18.45
C PRO C 454 -17.09 20.05 -17.83
N ILE C 455 -17.11 18.72 -17.96
CA ILE C 455 -18.29 17.95 -17.59
C ILE C 455 -18.53 18.01 -16.09
N ASN C 456 -17.49 17.81 -15.29
CA ASN C 456 -17.66 17.85 -13.83
C ASN C 456 -18.09 19.24 -13.36
N GLU C 457 -17.42 20.27 -13.85
CA GLU C 457 -17.79 21.64 -13.48
C GLU C 457 -19.16 22.01 -14.04
N LEU C 458 -19.52 21.50 -15.23
CA LEU C 458 -20.86 21.73 -15.74
C LEU C 458 -21.92 21.11 -14.84
N LEU C 459 -21.66 19.89 -14.36
CA LEU C 459 -22.60 19.24 -13.45
C LEU C 459 -22.71 20.01 -12.14
N ARG C 460 -21.58 20.49 -11.61
CA ARG C 460 -21.62 21.27 -10.37
C ARG C 460 -22.37 22.57 -10.56
N ASP C 461 -22.17 23.24 -11.70
CA ASP C 461 -22.90 24.47 -11.99
C ASP C 461 -24.40 24.20 -12.09
N LYS C 462 -24.78 23.12 -12.77
CA LYS C 462 -26.19 22.76 -12.88
C LYS C 462 -26.78 22.47 -11.50
N TRP C 463 -26.00 21.77 -10.67
CA TRP C 463 -26.42 21.50 -9.30
C TRP C 463 -26.71 22.80 -8.56
N ARG C 464 -25.72 23.70 -8.50
CA ARG C 464 -25.88 24.96 -7.79
C ARG C 464 -27.03 25.79 -8.35
N LYS C 465 -27.27 25.68 -9.66
CA LYS C 465 -28.33 26.49 -10.27
C LYS C 465 -29.72 25.96 -9.89
N PHE C 466 -30.03 24.72 -10.24
CA PHE C 466 -31.40 24.26 -9.93
C PHE C 466 -31.39 22.88 -9.28
N GLY C 467 -30.49 21.99 -9.69
CA GLY C 467 -30.54 20.62 -9.16
C GLY C 467 -30.39 20.55 -7.66
N ALA C 468 -29.46 21.29 -7.05
CA ALA C 468 -29.34 21.14 -5.58
C ALA C 468 -30.62 21.62 -4.90
N VAL C 469 -31.11 22.80 -5.27
CA VAL C 469 -32.34 23.36 -4.63
C VAL C 469 -33.60 22.57 -5.01
N SER C 470 -33.71 22.15 -6.27
CA SER C 470 -34.91 21.39 -6.73
C SER C 470 -35.00 20.04 -6.03
N PHE C 471 -33.84 19.42 -5.76
CA PHE C 471 -33.80 18.11 -5.08
C PHE C 471 -34.35 18.22 -3.66
N TYR C 472 -33.98 19.28 -2.93
CA TYR C 472 -34.46 19.47 -1.53
C TYR C 472 -35.98 19.60 -1.52
N ILE C 473 -36.56 20.30 -2.50
CA ILE C 473 -38.05 20.44 -2.59
C ILE C 473 -38.66 19.05 -2.73
N ASN C 474 -38.07 18.16 -3.53
CA ASN C 474 -38.58 16.78 -3.66
C ASN C 474 -38.47 16.08 -2.30
N VAL C 475 -37.37 16.30 -1.58
CA VAL C 475 -37.15 15.61 -0.27
C VAL C 475 -38.18 16.09 0.78
N VAL C 476 -38.55 17.38 0.79
CA VAL C 476 -39.51 17.85 1.79
C VAL C 476 -40.94 17.51 1.36
N SER C 477 -41.23 17.62 0.06
CA SER C 477 -42.55 17.23 -0.42
C SER C 477 -42.81 15.75 -0.20
N TYR C 478 -41.80 14.91 -0.44
CA TYR C 478 -41.99 13.47 -0.28
C TYR C 478 -42.16 13.10 1.18
N LEU C 479 -41.39 13.73 2.08
CA LEU C 479 -41.57 13.46 3.51
C LEU C 479 -42.96 13.90 3.97
N CYS C 480 -43.43 15.06 3.50
CA CYS C 480 -44.78 15.50 3.87
C CYS C 480 -45.84 14.53 3.34
N ALA C 481 -45.69 14.09 2.09
CA ALA C 481 -46.65 13.14 1.53
C ALA C 481 -46.62 11.82 2.30
N MET C 482 -45.43 11.36 2.67
CA MET C 482 -45.33 10.09 3.40
C MET C 482 -45.96 10.20 4.78
N VAL C 483 -45.72 11.30 5.50
CA VAL C 483 -46.30 11.43 6.84
C VAL C 483 -47.81 11.57 6.75
N ILE C 484 -48.31 12.28 5.72
CA ILE C 484 -49.75 12.34 5.51
C ILE C 484 -50.31 10.96 5.21
N PHE C 485 -49.58 10.16 4.44
CA PHE C 485 -50.03 8.80 4.13
C PHE C 485 -50.10 7.95 5.37
N THR C 486 -49.10 8.05 6.26
CA THR C 486 -49.17 7.31 7.52
C THR C 486 -50.34 7.78 8.39
N LEU C 487 -50.59 9.09 8.43
CA LEU C 487 -51.73 9.58 9.20
C LEU C 487 -53.05 9.05 8.65
N THR C 488 -53.19 9.02 7.32
CA THR C 488 -54.42 8.54 6.70
C THR C 488 -54.56 7.03 6.71
N ALA C 489 -53.46 6.28 6.85
CA ALA C 489 -53.56 4.82 6.87
C ALA C 489 -54.30 4.32 8.11
N TYR C 490 -54.10 4.96 9.26
CA TYR C 490 -54.75 4.55 10.50
C TYR C 490 -56.25 4.73 10.47
N TYR C 491 -56.78 5.58 9.59
CA TYR C 491 -58.22 5.84 9.54
C TYR C 491 -58.90 4.99 8.48
N THR C 505 -64.05 18.75 11.48
CA THR C 505 -63.38 18.80 10.19
C THR C 505 -62.48 17.59 9.99
N VAL C 506 -62.72 16.54 10.78
CA VAL C 506 -61.96 15.30 10.64
C VAL C 506 -62.21 14.68 9.28
N ASP C 507 -63.47 14.73 8.81
CA ASP C 507 -63.79 14.20 7.48
C ASP C 507 -63.05 14.98 6.40
N TYR C 508 -63.00 16.31 6.52
CA TYR C 508 -62.26 17.11 5.55
C TYR C 508 -60.78 16.78 5.58
N LEU C 509 -60.21 16.61 6.77
CA LEU C 509 -58.79 16.28 6.88
C LEU C 509 -58.47 14.94 6.24
N ARG C 510 -59.28 13.91 6.53
CA ARG C 510 -59.02 12.60 5.95
C ARG C 510 -59.27 12.59 4.45
N LEU C 511 -60.26 13.34 3.97
CA LEU C 511 -60.48 13.44 2.54
C LEU C 511 -59.30 14.12 1.84
N ALA C 512 -58.77 15.20 2.43
CA ALA C 512 -57.61 15.86 1.86
C ALA C 512 -56.40 14.93 1.84
N GLY C 513 -56.16 14.21 2.93
CA GLY C 513 -55.07 13.27 2.94
C GLY C 513 -55.21 12.17 1.90
N GLU C 514 -56.43 11.63 1.77
CA GLU C 514 -56.67 10.57 0.81
C GLU C 514 -56.48 11.05 -0.62
N VAL C 515 -56.98 12.25 -0.95
CA VAL C 515 -56.83 12.74 -2.31
C VAL C 515 -55.37 13.07 -2.60
N ILE C 516 -54.63 13.58 -1.61
CA ILE C 516 -53.21 13.83 -1.80
C ILE C 516 -52.47 12.52 -2.07
N THR C 517 -52.79 11.48 -1.30
CA THR C 517 -52.14 10.18 -1.50
C THR C 517 -52.47 9.62 -2.88
N LEU C 518 -53.73 9.71 -3.29
CA LEU C 518 -54.13 9.20 -4.60
C LEU C 518 -53.43 9.97 -5.71
N PHE C 519 -53.33 11.30 -5.58
CA PHE C 519 -52.64 12.10 -6.57
C PHE C 519 -51.17 11.72 -6.68
N THR C 520 -50.50 11.54 -5.53
CA THR C 520 -49.11 11.13 -5.56
C THR C 520 -48.94 9.76 -6.22
N GLY C 521 -49.83 8.82 -5.88
CA GLY C 521 -49.73 7.49 -6.47
C GLY C 521 -49.93 7.50 -7.97
N VAL C 522 -50.96 8.20 -8.45
CA VAL C 522 -51.22 8.23 -9.88
C VAL C 522 -50.12 8.99 -10.62
N LEU C 523 -49.59 10.06 -10.02
CA LEU C 523 -48.49 10.79 -10.64
C LEU C 523 -47.26 9.92 -10.76
N PHE C 524 -46.92 9.17 -9.70
CA PHE C 524 -45.77 8.28 -9.76
C PHE C 524 -45.97 7.18 -10.79
N PHE C 525 -47.17 6.61 -10.86
CA PHE C 525 -47.45 5.60 -11.87
C PHE C 525 -47.25 6.16 -13.27
N PHE C 526 -47.77 7.37 -13.53
CA PHE C 526 -47.62 7.97 -14.85
C PHE C 526 -46.16 8.26 -15.17
N THR C 527 -45.40 8.75 -14.19
CA THR C 527 -43.99 9.05 -14.44
C THR C 527 -43.20 7.78 -14.75
N ASN C 528 -43.46 6.70 -14.02
CA ASN C 528 -42.73 5.46 -14.30
C ASN C 528 -43.17 4.83 -15.61
N ILE C 529 -44.45 4.94 -15.96
CA ILE C 529 -44.93 4.37 -17.21
C ILE C 529 -44.54 5.22 -18.41
N LYS C 530 -44.18 6.49 -18.19
CA LYS C 530 -43.69 7.32 -19.29
C LYS C 530 -42.34 6.83 -19.79
N ASP C 531 -41.51 6.30 -18.89
CA ASP C 531 -40.23 5.73 -19.31
C ASP C 531 -40.43 4.48 -20.16
N LEU C 532 -41.54 3.76 -19.95
CA LEU C 532 -41.83 2.61 -20.79
C LEU C 532 -42.11 3.03 -22.23
N PHE C 533 -42.89 4.10 -22.42
CA PHE C 533 -43.11 4.64 -23.75
C PHE C 533 -41.84 5.27 -24.31
N MET C 534 -41.04 5.90 -23.46
CA MET C 534 -39.79 6.52 -23.86
C MET C 534 -38.67 5.48 -23.80
N LYS C 535 -37.42 5.93 -23.84
CA LYS C 535 -36.25 5.06 -23.75
C LYS C 535 -36.39 4.08 -22.58
N LYS C 536 -36.18 2.80 -22.87
CA LYS C 536 -36.26 1.74 -21.88
C LYS C 536 -35.61 0.49 -22.48
N CYS C 537 -35.75 -0.63 -21.78
CA CYS C 537 -35.19 -1.94 -22.11
C CYS C 537 -33.66 -1.89 -22.26
N PRO C 538 -32.91 -1.48 -21.23
CA PRO C 538 -31.48 -1.83 -21.21
C PRO C 538 -31.29 -3.23 -20.67
N GLY C 539 -30.03 -3.65 -20.46
CA GLY C 539 -29.78 -4.86 -19.72
C GLY C 539 -29.93 -4.62 -18.22
N VAL C 540 -31.16 -4.35 -17.79
CA VAL C 540 -31.43 -3.93 -16.42
C VAL C 540 -32.04 -5.14 -15.69
N ASN C 541 -31.25 -5.73 -14.79
CA ASN C 541 -31.77 -6.73 -13.87
C ASN C 541 -31.40 -6.39 -12.44
N SER C 542 -30.19 -5.87 -12.23
CA SER C 542 -29.74 -5.49 -10.91
C SER C 542 -28.87 -4.23 -10.92
N LEU C 543 -29.03 -3.36 -11.91
CA LEU C 543 -28.16 -2.21 -12.05
C LEU C 543 -28.40 -1.19 -10.93
N PHE C 544 -27.36 -0.42 -10.63
CA PHE C 544 -27.42 0.66 -9.65
C PHE C 544 -27.59 2.02 -10.31
N ILE C 545 -28.17 2.06 -11.51
CA ILE C 545 -28.26 3.28 -12.30
C ILE C 545 -29.74 3.62 -12.42
N ASP C 546 -30.49 3.31 -11.36
CA ASP C 546 -31.95 3.43 -11.30
C ASP C 546 -32.64 2.51 -12.32
N GLY C 547 -31.93 1.53 -12.86
CA GLY C 547 -32.55 0.55 -13.74
C GLY C 547 -33.26 -0.57 -13.02
N SER C 548 -33.13 -0.63 -11.70
CA SER C 548 -33.83 -1.62 -10.89
C SER C 548 -34.55 -1.01 -9.69
N PHE C 549 -34.21 0.21 -9.26
CA PHE C 549 -34.89 0.84 -8.16
C PHE C 549 -36.24 1.42 -8.56
N GLN C 550 -36.47 1.65 -9.85
CA GLN C 550 -37.78 2.10 -10.31
C GLN C 550 -38.87 1.07 -10.05
N LEU C 551 -38.49 -0.21 -9.89
CA LEU C 551 -39.47 -1.25 -9.62
C LEU C 551 -40.17 -1.02 -8.28
N LEU C 552 -39.44 -0.54 -7.28
CA LEU C 552 -40.06 -0.27 -5.98
C LEU C 552 -41.14 0.79 -6.09
N TYR C 553 -40.84 1.88 -6.82
CA TYR C 553 -41.83 2.93 -7.01
C TYR C 553 -43.00 2.45 -7.86
N PHE C 554 -42.72 1.62 -8.86
CA PHE C 554 -43.81 1.06 -9.68
C PHE C 554 -44.74 0.21 -8.84
N ILE C 555 -44.18 -0.64 -7.98
CA ILE C 555 -45.00 -1.48 -7.11
C ILE C 555 -45.79 -0.62 -6.13
N TYR C 556 -45.15 0.42 -5.59
CA TYR C 556 -45.85 1.32 -4.68
C TYR C 556 -47.04 1.97 -5.36
N SER C 557 -46.84 2.49 -6.57
CA SER C 557 -47.92 3.15 -7.29
C SER C 557 -49.04 2.17 -7.61
N VAL C 558 -48.69 0.96 -8.05
CA VAL C 558 -49.70 -0.04 -8.38
C VAL C 558 -50.50 -0.41 -7.14
N LEU C 559 -49.83 -0.60 -6.01
CA LEU C 559 -50.52 -0.97 -4.78
C LEU C 559 -51.45 0.14 -4.29
N VAL C 560 -50.99 1.40 -4.36
CA VAL C 560 -51.85 2.51 -3.96
C VAL C 560 -53.07 2.59 -4.88
N ILE C 561 -52.88 2.40 -6.18
CA ILE C 561 -54.00 2.46 -7.11
C ILE C 561 -54.99 1.33 -6.83
N VAL C 562 -54.49 0.12 -6.57
CA VAL C 562 -55.37 -1.00 -6.26
C VAL C 562 -56.14 -0.72 -4.97
N SER C 563 -55.46 -0.18 -3.95
CA SER C 563 -56.14 0.13 -2.70
C SER C 563 -57.22 1.18 -2.91
N ALA C 564 -56.93 2.22 -3.71
CA ALA C 564 -57.94 3.23 -4.00
C ALA C 564 -59.13 2.64 -4.75
N ALA C 565 -58.87 1.78 -5.73
CA ALA C 565 -59.95 1.15 -6.47
C ALA C 565 -60.82 0.29 -5.56
N LEU C 566 -60.19 -0.46 -4.66
CA LEU C 566 -60.95 -1.25 -3.69
C LEU C 566 -61.75 -0.36 -2.74
N TYR C 567 -61.18 0.79 -2.36
CA TYR C 567 -61.92 1.72 -1.51
C TYR C 567 -63.13 2.29 -2.22
N LEU C 568 -63.02 2.50 -3.54
CA LEU C 568 -64.18 2.96 -4.30
C LEU C 568 -65.32 1.96 -4.23
N ALA C 569 -65.01 0.67 -4.34
CA ALA C 569 -66.04 -0.36 -4.21
C ALA C 569 -66.47 -0.52 -2.75
N GLY C 570 -65.60 -0.18 -1.80
CA GLY C 570 -65.90 -0.33 -0.39
C GLY C 570 -65.47 -1.63 0.24
N ILE C 571 -64.60 -2.39 -0.42
CA ILE C 571 -64.15 -3.66 0.13
C ILE C 571 -63.39 -3.43 1.42
N GLU C 572 -63.69 -4.26 2.43
CA GLU C 572 -63.08 -4.12 3.75
C GLU C 572 -61.59 -4.46 3.77
N ALA C 573 -61.07 -5.09 2.73
CA ALA C 573 -59.68 -5.53 2.70
C ALA C 573 -58.72 -4.50 2.10
N TYR C 574 -59.22 -3.32 1.72
CA TYR C 574 -58.35 -2.33 1.10
C TYR C 574 -57.33 -1.78 2.09
N LEU C 575 -57.67 -1.75 3.37
CA LEU C 575 -56.75 -1.18 4.37
C LEU C 575 -55.49 -2.02 4.49
N ALA C 576 -55.61 -3.34 4.37
CA ALA C 576 -54.44 -4.20 4.46
C ALA C 576 -53.43 -3.91 3.36
N VAL C 577 -53.91 -3.85 2.11
CA VAL C 577 -53.01 -3.57 1.00
C VAL C 577 -52.51 -2.12 1.06
N MET C 578 -53.33 -1.20 1.58
CA MET C 578 -52.88 0.18 1.75
C MET C 578 -51.70 0.25 2.72
N VAL C 579 -51.81 -0.42 3.87
CA VAL C 579 -50.74 -0.40 4.86
C VAL C 579 -49.52 -1.15 4.33
N PHE C 580 -49.73 -2.24 3.60
CA PHE C 580 -48.60 -2.95 3.00
C PHE C 580 -47.87 -2.06 2.01
N ALA C 581 -48.61 -1.30 1.20
CA ALA C 581 -48.00 -0.34 0.29
C ALA C 581 -47.22 0.72 1.07
N LEU C 582 -47.79 1.20 2.18
CA LEU C 582 -47.09 2.20 2.99
C LEU C 582 -45.76 1.67 3.51
N VAL C 583 -45.78 0.47 4.11
CA VAL C 583 -44.56 -0.06 4.70
C VAL C 583 -43.55 -0.44 3.62
N LEU C 584 -44.01 -0.85 2.44
CA LEU C 584 -43.08 -1.18 1.37
C LEU C 584 -42.50 0.08 0.72
N GLY C 585 -43.28 1.16 0.65
CA GLY C 585 -42.83 2.41 0.10
C GLY C 585 -42.03 3.29 1.04
N TRP C 586 -42.05 2.98 2.33
CA TRP C 586 -41.10 3.64 3.23
C TRP C 586 -39.66 3.28 2.89
N MET C 587 -39.44 2.12 2.25
CA MET C 587 -38.14 1.81 1.67
C MET C 587 -37.77 2.78 0.56
N ASN C 588 -38.76 3.34 -0.14
CA ASN C 588 -38.49 4.26 -1.24
C ASN C 588 -37.97 5.60 -0.77
N ALA C 589 -37.99 5.88 0.53
CA ALA C 589 -37.42 7.11 1.05
C ALA C 589 -35.90 7.17 0.88
N LEU C 590 -35.26 6.02 0.67
CA LEU C 590 -33.82 6.00 0.41
C LEU C 590 -33.49 6.47 -1.00
N TYR C 591 -34.50 6.62 -1.86
CA TYR C 591 -34.29 7.19 -3.20
C TYR C 591 -33.83 8.64 -3.13
N PHE C 592 -34.02 9.30 -1.99
CA PHE C 592 -33.64 10.70 -1.82
C PHE C 592 -32.31 10.85 -1.12
N THR C 593 -31.54 9.77 -1.00
CA THR C 593 -30.19 9.82 -0.46
C THR C 593 -29.15 10.17 -1.52
N ARG C 594 -29.57 10.30 -2.78
CA ARG C 594 -28.61 10.57 -3.86
C ARG C 594 -27.93 11.93 -3.69
N GLY C 595 -28.69 12.93 -3.26
CA GLY C 595 -28.16 14.28 -3.15
C GLY C 595 -27.20 14.50 -1.99
N LEU C 596 -27.15 13.57 -1.04
CA LEU C 596 -26.25 13.65 0.10
C LEU C 596 -25.19 12.56 -0.04
N LYS C 597 -23.92 12.95 0.02
CA LYS C 597 -22.83 12.01 -0.21
C LYS C 597 -22.80 10.91 0.84
N LEU C 598 -22.86 11.30 2.12
CA LEU C 598 -22.75 10.34 3.20
C LEU C 598 -23.91 9.34 3.19
N THR C 599 -25.08 9.77 2.73
CA THR C 599 -26.22 8.86 2.61
C THR C 599 -26.27 8.13 1.29
N GLY C 600 -25.81 8.76 0.20
CA GLY C 600 -25.76 8.07 -1.07
C GLY C 600 -24.80 6.90 -1.06
N THR C 601 -23.59 7.11 -0.51
CA THR C 601 -22.64 6.02 -0.38
C THR C 601 -23.17 4.92 0.53
N TYR C 602 -23.82 5.31 1.63
CA TYR C 602 -24.46 4.36 2.55
C TYR C 602 -25.47 3.48 1.81
N SER C 603 -26.38 4.11 1.05
CA SER C 603 -27.38 3.35 0.32
C SER C 603 -26.73 2.45 -0.72
N ILE C 604 -25.71 2.93 -1.41
CA ILE C 604 -25.03 2.12 -2.42
C ILE C 604 -24.44 0.87 -1.77
N MET C 605 -23.79 1.04 -0.62
CA MET C 605 -23.28 -0.12 0.12
C MET C 605 -24.41 -1.05 0.54
N ILE C 606 -25.57 -0.50 0.92
CA ILE C 606 -26.69 -1.35 1.31
C ILE C 606 -27.13 -2.23 0.14
N GLN C 607 -27.32 -1.63 -1.04
CA GLN C 607 -27.75 -2.45 -2.17
C GLN C 607 -26.67 -3.43 -2.60
N LYS C 608 -25.39 -3.03 -2.52
CA LYS C 608 -24.33 -3.95 -2.88
C LYS C 608 -24.30 -5.16 -1.94
N ILE C 609 -24.44 -4.93 -0.64
CA ILE C 609 -24.48 -6.01 0.33
C ILE C 609 -25.69 -6.90 0.10
N LEU C 610 -26.84 -6.28 -0.18
CA LEU C 610 -28.06 -7.06 -0.42
C LEU C 610 -27.91 -7.95 -1.65
N PHE C 611 -27.26 -7.44 -2.70
CA PHE C 611 -27.13 -8.22 -3.92
C PHE C 611 -26.07 -9.32 -3.79
N LYS C 612 -24.82 -8.94 -3.54
CA LYS C 612 -23.74 -9.92 -3.67
C LYS C 612 -23.66 -10.84 -2.46
N ASP C 613 -23.96 -10.32 -1.26
CA ASP C 613 -23.69 -11.04 -0.02
C ASP C 613 -24.93 -11.62 0.64
N LEU C 614 -26.05 -10.91 0.63
CA LEU C 614 -27.24 -11.38 1.34
C LEU C 614 -27.75 -12.69 0.76
N PHE C 615 -27.72 -12.83 -0.57
CA PHE C 615 -28.23 -14.04 -1.20
C PHE C 615 -27.38 -15.26 -0.84
N ARG C 616 -26.05 -15.11 -0.83
CA ARG C 616 -25.19 -16.23 -0.49
C ARG C 616 -25.36 -16.64 0.98
N PHE C 617 -25.42 -15.66 1.88
CA PHE C 617 -25.63 -15.95 3.30
C PHE C 617 -26.95 -16.69 3.50
N LEU C 618 -28.02 -16.19 2.88
CA LEU C 618 -29.32 -16.83 3.02
C LEU C 618 -29.32 -18.23 2.43
N LEU C 619 -28.66 -18.39 1.27
CA LEU C 619 -28.61 -19.70 0.62
C LEU C 619 -27.90 -20.72 1.51
N VAL C 620 -26.74 -20.35 2.05
CA VAL C 620 -26.00 -21.28 2.91
C VAL C 620 -26.77 -21.57 4.18
N TYR C 621 -27.37 -20.55 4.79
CA TYR C 621 -28.12 -20.74 6.03
C TYR C 621 -29.30 -21.69 5.80
N LEU C 622 -30.06 -21.46 4.74
CA LEU C 622 -31.20 -22.34 4.44
C LEU C 622 -30.74 -23.75 4.09
N LEU C 623 -29.64 -23.88 3.35
CA LEU C 623 -29.13 -25.21 3.02
C LEU C 623 -28.80 -25.99 4.28
N PHE C 624 -28.00 -25.39 5.17
CA PHE C 624 -27.64 -26.06 6.41
C PHE C 624 -28.86 -26.36 7.26
N MET C 625 -29.77 -25.38 7.38
CA MET C 625 -30.95 -25.56 8.23
C MET C 625 -31.82 -26.70 7.71
N ILE C 626 -32.11 -26.71 6.41
CA ILE C 626 -32.97 -27.74 5.84
C ILE C 626 -32.32 -29.11 5.97
N GLY C 627 -31.04 -29.22 5.64
CA GLY C 627 -30.37 -30.50 5.74
C GLY C 627 -30.36 -31.05 7.16
N TYR C 628 -29.98 -30.21 8.11
CA TYR C 628 -29.88 -30.68 9.49
C TYR C 628 -31.26 -30.95 10.09
N ALA C 629 -32.26 -30.13 9.75
CA ALA C 629 -33.61 -30.36 10.23
C ALA C 629 -34.17 -31.66 9.68
N SER C 630 -33.95 -31.95 8.40
CA SER C 630 -34.39 -33.23 7.85
C SER C 630 -33.69 -34.39 8.53
N ALA C 631 -32.38 -34.23 8.78
CA ALA C 631 -31.64 -35.28 9.48
C ALA C 631 -32.20 -35.53 10.87
N LEU C 632 -32.55 -34.46 11.58
CA LEU C 632 -33.11 -34.61 12.93
C LEU C 632 -34.50 -35.24 12.89
N VAL C 633 -35.33 -34.81 11.94
CA VAL C 633 -36.67 -35.39 11.78
C VAL C 633 -36.56 -36.86 11.42
N SER C 634 -35.47 -37.27 10.77
CA SER C 634 -35.25 -38.69 10.50
C SER C 634 -35.21 -39.54 11.76
N LEU C 635 -35.17 -38.93 12.94
CA LEU C 635 -35.20 -39.63 14.22
C LEU C 635 -36.52 -39.38 14.95
N LEU C 636 -37.61 -39.31 14.20
CA LEU C 636 -38.91 -38.96 14.76
C LEU C 636 -39.57 -40.15 15.44
N ASN C 637 -40.56 -39.86 16.27
CA ASN C 637 -41.39 -40.88 16.90
C ASN C 637 -42.83 -40.39 16.88
N PRO C 638 -43.72 -41.05 16.12
CA PRO C 638 -45.13 -40.67 16.01
C PRO C 638 -45.88 -40.73 17.34
N SER C 663 -45.65 -36.18 12.48
CA SER C 663 -46.01 -36.04 11.08
C SER C 663 -46.05 -34.56 10.67
N GLU C 664 -46.72 -33.75 11.50
CA GLU C 664 -46.85 -32.33 11.26
C GLU C 664 -45.86 -31.51 12.08
N THR C 665 -44.90 -32.16 12.72
CA THR C 665 -43.96 -31.48 13.62
C THR C 665 -42.92 -30.65 12.88
N PHE C 666 -43.01 -30.51 11.55
CA PHE C 666 -42.00 -29.78 10.81
C PHE C 666 -41.92 -28.32 11.26
N SER C 667 -43.06 -27.63 11.28
CA SER C 667 -43.06 -26.20 11.59
C SER C 667 -42.62 -25.96 13.03
N THR C 668 -43.18 -26.71 13.98
CA THR C 668 -42.84 -26.53 15.38
C THR C 668 -41.37 -26.84 15.63
N PHE C 669 -40.86 -27.90 15.01
CA PHE C 669 -39.48 -28.29 15.24
C PHE C 669 -38.52 -27.27 14.63
N LEU C 670 -38.85 -26.76 13.44
CA LEU C 670 -38.03 -25.69 12.85
C LEU C 670 -38.06 -24.45 13.71
N LEU C 671 -39.23 -24.10 14.26
CA LEU C 671 -39.32 -22.93 15.12
C LEU C 671 -38.48 -23.11 16.39
N ASP C 672 -38.53 -24.30 16.99
CA ASP C 672 -37.74 -24.51 18.21
C ASP C 672 -36.25 -24.52 17.91
N LEU C 673 -35.85 -25.05 16.75
CA LEU C 673 -34.44 -24.98 16.35
C LEU C 673 -34.00 -23.54 16.15
N PHE C 674 -34.83 -22.73 15.50
CA PHE C 674 -34.49 -21.32 15.30
C PHE C 674 -34.39 -20.59 16.63
N LYS C 675 -35.30 -20.88 17.56
CA LYS C 675 -35.23 -20.28 18.88
C LYS C 675 -33.97 -20.71 19.62
N LEU C 676 -33.60 -21.99 19.52
CA LEU C 676 -32.40 -22.49 20.16
C LEU C 676 -31.12 -21.95 19.51
N THR C 677 -31.20 -21.48 18.27
CA THR C 677 -30.03 -20.91 17.61
C THR C 677 -29.50 -19.70 18.39
N ILE C 678 -30.41 -18.83 18.83
CA ILE C 678 -30.01 -17.69 19.65
C ILE C 678 -29.90 -18.09 21.12
N GLY C 679 -30.67 -19.07 21.57
CA GLY C 679 -30.66 -19.51 22.94
C GLY C 679 -31.96 -19.33 23.71
N MET C 680 -33.06 -19.00 23.02
CA MET C 680 -34.35 -18.79 23.66
C MET C 680 -35.28 -19.99 23.49
N GLY C 681 -34.78 -21.12 22.99
CA GLY C 681 -35.62 -22.27 22.72
C GLY C 681 -35.69 -23.24 23.88
N ASP C 682 -36.52 -24.26 23.69
CA ASP C 682 -36.72 -25.32 24.68
C ASP C 682 -36.28 -26.65 24.09
N LEU C 683 -35.60 -27.46 24.90
CA LEU C 683 -35.10 -28.77 24.48
C LEU C 683 -35.95 -29.91 25.02
N GLU C 684 -37.26 -29.70 25.18
CA GLU C 684 -38.13 -30.72 25.73
C GLU C 684 -38.22 -31.93 24.79
N MET C 685 -38.31 -31.69 23.48
CA MET C 685 -38.45 -32.78 22.52
C MET C 685 -37.15 -33.55 22.32
N LEU C 686 -36.02 -33.05 22.81
CA LEU C 686 -34.74 -33.74 22.63
C LEU C 686 -34.74 -35.08 23.36
N SER C 687 -35.31 -35.14 24.56
CA SER C 687 -35.30 -36.37 25.34
C SER C 687 -36.20 -37.46 24.75
N SER C 688 -37.12 -37.09 23.86
CA SER C 688 -38.03 -38.08 23.29
C SER C 688 -37.35 -38.96 22.25
N THR C 689 -36.15 -38.59 21.79
CA THR C 689 -35.46 -39.37 20.78
C THR C 689 -34.86 -40.64 21.38
N LYS C 690 -34.62 -41.61 20.50
CA LYS C 690 -34.08 -42.90 20.94
C LYS C 690 -32.66 -42.75 21.47
N TYR C 691 -31.80 -42.07 20.71
CA TYR C 691 -30.40 -41.89 21.09
C TYR C 691 -30.16 -40.45 21.49
N PRO C 692 -29.90 -40.16 22.77
CA PRO C 692 -29.68 -38.76 23.17
C PRO C 692 -28.31 -38.23 22.82
N VAL C 693 -27.30 -39.11 22.87
CA VAL C 693 -25.91 -38.67 22.71
C VAL C 693 -25.68 -38.10 21.31
N VAL C 694 -26.09 -38.85 20.29
CA VAL C 694 -25.84 -38.40 18.92
C VAL C 694 -26.68 -37.18 18.59
N PHE C 695 -27.91 -37.13 19.10
CA PHE C 695 -28.77 -35.98 18.85
C PHE C 695 -28.19 -34.71 19.48
N ILE C 696 -27.71 -34.81 20.72
CA ILE C 696 -27.11 -33.66 21.39
C ILE C 696 -25.84 -33.23 20.68
N ILE C 697 -25.01 -34.20 20.28
CA ILE C 697 -23.77 -33.88 19.58
C ILE C 697 -24.06 -33.17 18.26
N LEU C 698 -25.06 -33.66 17.52
CA LEU C 698 -25.40 -33.07 16.23
C LEU C 698 -25.97 -31.67 16.41
N LEU C 699 -26.77 -31.45 17.46
CA LEU C 699 -27.26 -30.11 17.76
C LEU C 699 -26.11 -29.17 18.09
N VAL C 700 -25.14 -29.64 18.88
CA VAL C 700 -23.99 -28.81 19.23
C VAL C 700 -23.22 -28.43 17.97
N THR C 701 -22.99 -29.41 17.09
CA THR C 701 -22.28 -29.14 15.84
C THR C 701 -23.04 -28.14 14.99
N TYR C 702 -24.36 -28.33 14.86
CA TYR C 702 -25.18 -27.39 14.12
C TYR C 702 -25.00 -25.97 14.64
N ILE C 703 -25.18 -25.80 15.96
CA ILE C 703 -25.13 -24.46 16.54
C ILE C 703 -23.76 -23.82 16.28
N ILE C 704 -22.69 -24.55 16.62
CA ILE C 704 -21.36 -23.97 16.53
C ILE C 704 -21.01 -23.65 15.08
N LEU C 705 -21.23 -24.61 14.17
CA LEU C 705 -20.87 -24.40 12.78
C LEU C 705 -21.66 -23.25 12.17
N THR C 706 -22.99 -23.29 12.27
CA THR C 706 -23.79 -22.23 11.68
C THR C 706 -23.41 -20.87 12.24
N PHE C 707 -23.44 -20.73 13.58
CA PHE C 707 -23.18 -19.41 14.17
C PHE C 707 -21.79 -18.91 13.79
N VAL C 708 -20.75 -19.69 14.09
CA VAL C 708 -19.38 -19.22 13.89
C VAL C 708 -19.11 -18.97 12.41
N LEU C 709 -19.40 -19.95 11.56
CA LEU C 709 -19.08 -19.82 10.14
C LEU C 709 -19.83 -18.65 9.51
N LEU C 710 -21.13 -18.55 9.78
CA LEU C 710 -21.92 -17.51 9.10
C LEU C 710 -21.56 -16.12 9.61
N LEU C 711 -21.37 -15.96 10.93
CA LEU C 711 -20.95 -14.66 11.44
C LEU C 711 -19.59 -14.27 10.89
N ASN C 712 -18.65 -15.22 10.86
CA ASN C 712 -17.30 -14.93 10.37
C ASN C 712 -17.33 -14.56 8.89
N MET C 713 -18.12 -15.27 8.07
CA MET C 713 -18.16 -14.93 6.65
C MET C 713 -18.84 -13.58 6.42
N LEU C 714 -19.91 -13.27 7.16
CA LEU C 714 -20.48 -11.92 7.08
C LEU C 714 -19.44 -10.86 7.39
N ILE C 715 -18.74 -11.01 8.52
CA ILE C 715 -17.78 -9.98 8.95
C ILE C 715 -16.67 -9.84 7.93
N ALA C 716 -16.10 -10.97 7.50
CA ALA C 716 -14.98 -10.92 6.56
C ALA C 716 -15.39 -10.31 5.23
N LEU C 717 -16.55 -10.72 4.69
CA LEU C 717 -16.98 -10.18 3.40
C LEU C 717 -17.28 -8.69 3.49
N MET C 718 -17.96 -8.25 4.54
CA MET C 718 -18.26 -6.83 4.65
C MET C 718 -16.98 -6.02 4.82
N GLY C 719 -16.05 -6.51 5.64
CA GLY C 719 -14.79 -5.80 5.81
C GLY C 719 -13.99 -5.70 4.53
N GLU C 720 -13.90 -6.81 3.79
CA GLU C 720 -13.17 -6.79 2.53
C GLU C 720 -13.84 -5.85 1.53
N THR C 721 -15.17 -5.88 1.45
CA THR C 721 -15.87 -4.99 0.53
C THR C 721 -15.62 -3.53 0.87
N VAL C 722 -15.75 -3.17 2.15
CA VAL C 722 -15.61 -1.78 2.52
C VAL C 722 -14.16 -1.32 2.45
N GLY C 723 -13.20 -2.24 2.54
CA GLY C 723 -11.81 -1.86 2.39
C GLY C 723 -11.33 -1.87 0.95
N GLN C 724 -12.09 -2.49 0.06
CA GLN C 724 -11.69 -2.61 -1.34
C GLN C 724 -12.43 -1.67 -2.27
N VAL C 725 -13.76 -1.61 -2.22
CA VAL C 725 -14.52 -0.92 -3.27
C VAL C 725 -15.11 0.39 -2.75
N SER C 726 -14.48 0.98 -1.73
CA SER C 726 -14.91 2.31 -1.30
C SER C 726 -14.72 3.34 -2.40
N LYS C 727 -13.58 3.28 -3.10
CA LYS C 727 -13.35 4.18 -4.23
C LYS C 727 -14.33 3.91 -5.36
N GLU C 728 -14.69 2.65 -5.60
CA GLU C 728 -15.66 2.34 -6.63
C GLU C 728 -17.04 2.87 -6.27
N SER C 729 -17.41 2.81 -4.99
CA SER C 729 -18.68 3.40 -4.56
C SER C 729 -18.65 4.92 -4.70
N LYS C 730 -17.50 5.53 -4.41
CA LYS C 730 -17.33 6.96 -4.64
C LYS C 730 -17.56 7.28 -6.11
N HIS C 731 -16.95 6.50 -7.00
CA HIS C 731 -17.15 6.70 -8.44
C HIS C 731 -18.62 6.51 -8.82
N ILE C 732 -19.29 5.54 -8.20
CA ILE C 732 -20.67 5.25 -8.54
C ILE C 732 -21.57 6.42 -8.17
N TRP C 733 -21.43 6.94 -6.94
CA TRP C 733 -22.38 7.94 -6.45
C TRP C 733 -22.52 9.11 -7.40
N LYS C 734 -21.40 9.53 -8.01
CA LYS C 734 -21.43 10.59 -9.01
C LYS C 734 -22.41 10.27 -10.13
N LEU C 735 -22.52 8.98 -10.49
CA LEU C 735 -23.33 8.61 -11.65
C LEU C 735 -24.80 8.89 -11.40
N GLN C 736 -25.37 8.42 -10.28
CA GLN C 736 -26.77 8.75 -10.05
C GLN C 736 -26.97 10.17 -9.57
N TRP C 737 -25.93 10.84 -9.05
CA TRP C 737 -26.07 12.27 -8.80
C TRP C 737 -26.31 13.03 -10.11
N ALA C 738 -25.47 12.76 -11.11
CA ALA C 738 -25.67 13.35 -12.43
C ALA C 738 -26.97 12.90 -13.05
N THR C 739 -27.36 11.63 -12.83
CA THR C 739 -28.62 11.14 -13.35
C THR C 739 -29.80 11.92 -12.77
N THR C 740 -29.79 12.15 -11.45
CA THR C 740 -30.84 12.93 -10.81
C THR C 740 -30.90 14.34 -11.37
N ILE C 741 -29.72 14.97 -11.52
CA ILE C 741 -29.69 16.32 -12.10
C ILE C 741 -30.29 16.31 -13.50
N LEU C 742 -30.00 15.28 -14.29
CA LEU C 742 -30.49 15.26 -15.66
C LEU C 742 -31.98 14.97 -15.75
N ASP C 743 -32.51 14.12 -14.86
CA ASP C 743 -33.97 13.92 -14.87
C ASP C 743 -34.69 15.17 -14.35
N ILE C 744 -34.07 15.91 -13.43
CA ILE C 744 -34.65 17.18 -13.04
C ILE C 744 -34.67 18.15 -14.22
N GLU C 745 -33.56 18.22 -14.97
CA GLU C 745 -33.50 19.10 -16.13
C GLU C 745 -34.50 18.69 -17.21
N ARG C 746 -34.62 17.40 -17.48
CA ARG C 746 -35.43 16.93 -18.59
C ARG C 746 -36.91 17.26 -18.39
N SER C 747 -37.41 17.12 -17.15
CA SER C 747 -38.82 17.37 -16.88
C SER C 747 -39.19 18.84 -17.06
N PHE C 748 -38.20 19.74 -17.03
CA PHE C 748 -38.48 21.15 -17.15
C PHE C 748 -39.00 21.48 -18.55
N PRO C 749 -39.82 22.52 -18.68
CA PRO C 749 -40.23 22.97 -20.02
C PRO C 749 -39.04 23.49 -20.81
N VAL C 750 -39.17 23.42 -22.14
CA VAL C 750 -38.04 23.73 -23.02
C VAL C 750 -37.56 25.17 -22.80
N PHE C 751 -38.50 26.12 -22.73
CA PHE C 751 -38.12 27.50 -22.46
C PHE C 751 -37.55 27.65 -21.06
N LEU C 752 -38.13 26.96 -20.07
CA LEU C 752 -37.56 26.98 -18.73
C LEU C 752 -36.22 26.26 -18.71
N ARG C 753 -36.08 25.18 -19.49
CA ARG C 753 -34.81 24.49 -19.60
C ARG C 753 -33.72 25.42 -20.14
N LYS C 754 -34.07 26.28 -21.11
CA LYS C 754 -33.14 27.28 -21.59
C LYS C 754 -32.95 28.43 -20.60
N ALA C 755 -33.92 28.67 -19.72
CA ALA C 755 -33.82 29.78 -18.78
C ALA C 755 -32.69 29.58 -17.79
N PHE C 756 -32.59 28.38 -17.22
CA PHE C 756 -31.53 28.03 -16.28
C PHE C 756 -30.32 27.41 -16.96
N ARG C 757 -30.09 27.73 -18.22
CA ARG C 757 -29.00 27.10 -18.98
C ARG C 757 -27.68 27.68 -18.54
N SER C 758 -26.76 26.80 -18.13
CA SER C 758 -25.45 27.22 -17.65
C SER C 758 -24.60 27.73 -18.81
N GLY C 759 -23.45 28.30 -18.47
CA GLY C 759 -22.60 28.93 -19.46
C GLY C 759 -23.04 30.34 -19.80
N GLU C 760 -22.31 30.94 -20.73
CA GLU C 760 -22.59 32.31 -21.12
C GLU C 760 -22.42 32.46 -22.63
N MET C 761 -23.15 33.41 -23.20
CA MET C 761 -23.04 33.75 -24.62
C MET C 761 -21.83 34.65 -24.80
N VAL C 762 -20.82 34.18 -25.53
CA VAL C 762 -19.58 34.90 -25.72
C VAL C 762 -19.16 34.80 -27.18
N THR C 763 -18.49 35.84 -27.67
CA THR C 763 -17.94 35.84 -29.03
C THR C 763 -16.47 35.42 -28.94
N VAL C 764 -16.20 34.15 -29.25
CA VAL C 764 -14.84 33.64 -29.14
C VAL C 764 -13.96 34.03 -30.31
N GLY C 765 -14.54 34.53 -31.39
CA GLY C 765 -13.75 34.93 -32.54
C GLY C 765 -14.62 35.21 -33.74
N LYS C 766 -13.96 35.52 -34.85
CA LYS C 766 -14.62 35.81 -36.11
C LYS C 766 -14.64 34.56 -36.99
N SER C 767 -15.43 34.64 -38.07
CA SER C 767 -15.53 33.56 -39.04
C SER C 767 -15.54 34.17 -40.43
N SER C 768 -15.88 33.35 -41.42
CA SER C 768 -15.97 33.83 -42.80
C SER C 768 -17.09 34.86 -42.92
N ASP C 769 -16.87 35.86 -43.77
CA ASP C 769 -17.81 36.95 -44.01
C ASP C 769 -18.09 37.79 -42.76
N GLY C 770 -17.21 37.70 -41.77
CA GLY C 770 -17.34 38.53 -40.58
C GLY C 770 -18.39 38.10 -39.59
N THR C 771 -18.95 36.91 -39.73
CA THR C 771 -19.95 36.44 -38.79
C THR C 771 -19.28 36.05 -37.48
N PRO C 772 -19.67 36.66 -36.35
CA PRO C 772 -19.03 36.30 -35.08
C PRO C 772 -19.38 34.89 -34.65
N ASP C 773 -18.44 34.27 -33.94
CA ASP C 773 -18.63 32.92 -33.38
C ASP C 773 -19.38 33.05 -32.06
N ARG C 774 -20.71 33.07 -32.15
CA ARG C 774 -21.56 33.20 -30.97
C ARG C 774 -21.80 31.80 -30.41
N ARG C 775 -20.94 31.38 -29.49
CA ARG C 775 -21.00 30.06 -28.89
C ARG C 775 -21.28 30.16 -27.40
N TRP C 776 -22.25 29.38 -26.94
CA TRP C 776 -22.44 29.20 -25.51
C TRP C 776 -21.23 28.50 -24.92
N CYS C 777 -20.57 29.16 -23.96
CA CYS C 777 -19.29 28.69 -23.45
C CYS C 777 -19.30 28.67 -21.93
N PHE C 778 -18.49 27.79 -21.37
CA PHE C 778 -18.36 27.64 -19.92
C PHE C 778 -16.96 28.08 -19.51
N ARG C 779 -16.88 28.94 -18.50
CA ARG C 779 -15.63 29.53 -18.07
C ARG C 779 -15.10 28.82 -16.82
N VAL C 780 -13.83 28.41 -16.87
CA VAL C 780 -13.13 27.89 -15.71
C VAL C 780 -11.91 28.77 -15.47
N ASP C 781 -11.60 29.02 -14.19
CA ASP C 781 -10.50 29.87 -13.80
C ASP C 781 -9.31 29.03 -13.35
N GLU C 782 -8.16 29.27 -13.95
CA GLU C 782 -6.95 28.53 -13.65
C GLU C 782 -5.91 29.46 -13.04
N VAL C 783 -5.16 28.93 -12.08
CA VAL C 783 -4.08 29.67 -11.42
C VAL C 783 -2.82 28.81 -11.48
N ASN C 784 -1.73 29.39 -11.97
CA ASN C 784 -0.50 28.62 -12.17
C ASN C 784 0.69 29.57 -12.15
N TRP C 785 1.56 29.41 -11.16
CA TRP C 785 2.83 30.15 -11.12
C TRP C 785 3.96 29.36 -11.77
N SER C 786 3.74 28.89 -12.99
CA SER C 786 4.80 28.15 -13.68
C SER C 786 5.09 28.70 -15.07
N HIS C 787 4.07 29.11 -15.81
CA HIS C 787 4.22 29.67 -17.14
C HIS C 787 3.51 31.02 -17.18
N TRP C 788 4.19 32.03 -17.70
CA TRP C 788 3.67 33.39 -17.70
C TRP C 788 3.32 33.86 -19.10
N VAL D 148 -11.98 64.97 -36.65
CA VAL D 148 -11.14 64.08 -37.46
C VAL D 148 -10.84 62.80 -36.70
N PHE D 149 -10.37 62.95 -35.47
CA PHE D 149 -10.02 61.81 -34.62
C PHE D 149 -11.09 61.64 -33.56
N ASN D 150 -11.88 60.58 -33.68
CA ASN D 150 -12.87 60.21 -32.68
C ASN D 150 -12.28 59.19 -31.71
N ARG D 151 -13.00 58.95 -30.62
CA ARG D 151 -12.53 57.96 -29.64
C ARG D 151 -12.40 56.56 -30.24
N PRO D 152 -13.41 55.99 -30.92
CA PRO D 152 -13.19 54.67 -31.54
C PRO D 152 -12.10 54.68 -32.59
N ILE D 153 -11.98 55.75 -33.37
CA ILE D 153 -10.97 55.78 -34.43
C ILE D 153 -9.57 55.75 -33.84
N LEU D 154 -9.30 56.62 -32.87
CA LEU D 154 -7.98 56.65 -32.25
C LEU D 154 -7.71 55.37 -31.47
N PHE D 155 -8.72 54.84 -30.79
CA PHE D 155 -8.53 53.59 -30.06
C PHE D 155 -8.15 52.45 -30.99
N ASP D 156 -8.84 52.34 -32.14
CA ASP D 156 -8.51 51.30 -33.11
C ASP D 156 -7.12 51.53 -33.70
N ILE D 157 -6.78 52.79 -33.98
CA ILE D 157 -5.45 53.09 -34.54
C ILE D 157 -4.36 52.65 -33.58
N VAL D 158 -4.52 52.98 -32.29
CA VAL D 158 -3.52 52.60 -31.31
C VAL D 158 -3.49 51.09 -31.12
N SER D 159 -4.65 50.44 -31.11
CA SER D 159 -4.70 49.00 -30.93
C SER D 159 -4.07 48.25 -32.09
N ARG D 160 -4.14 48.81 -33.30
CA ARG D 160 -3.54 48.17 -34.47
C ARG D 160 -2.02 48.12 -34.39
N GLY D 161 -1.40 48.89 -33.50
CA GLY D 161 0.05 48.90 -33.38
C GLY D 161 0.76 49.44 -34.60
N SER D 162 0.23 50.50 -35.22
CA SER D 162 0.83 51.12 -36.38
C SER D 162 0.98 52.61 -36.11
N THR D 163 2.22 53.08 -36.02
CA THR D 163 2.49 54.50 -35.74
C THR D 163 2.58 55.31 -37.03
N ALA D 164 1.59 55.15 -37.89
CA ALA D 164 1.50 55.92 -39.13
C ALA D 164 0.15 56.60 -39.30
N ASP D 165 -0.93 55.95 -38.90
CA ASP D 165 -2.26 56.56 -39.02
C ASP D 165 -2.46 57.68 -38.01
N LEU D 166 -1.85 57.56 -36.82
CA LEU D 166 -2.03 58.55 -35.77
C LEU D 166 -1.18 59.80 -35.99
N ASP D 167 -0.27 59.79 -36.96
CA ASP D 167 0.58 60.94 -37.20
C ASP D 167 -0.26 62.16 -37.61
N GLY D 168 0.00 63.28 -36.95
CA GLY D 168 -0.70 64.52 -37.24
C GLY D 168 -1.92 64.80 -36.40
N LEU D 169 -2.04 64.10 -35.27
CA LEU D 169 -3.21 64.32 -34.36
C LEU D 169 -2.85 65.42 -33.35
N LEU D 170 -1.55 65.63 -33.09
CA LEU D 170 -1.11 66.64 -32.10
C LEU D 170 -1.55 68.04 -32.54
N PRO D 171 -1.39 68.41 -33.84
CA PRO D 171 -1.82 69.74 -34.31
C PRO D 171 -3.34 69.94 -34.17
N PHE D 172 -4.12 68.91 -34.51
CA PHE D 172 -5.61 68.96 -34.48
C PHE D 172 -6.10 69.21 -33.05
N LEU D 173 -5.64 68.35 -32.14
CA LEU D 173 -5.98 68.35 -30.71
C LEU D 173 -5.66 69.69 -30.08
N LEU D 174 -4.58 70.35 -30.52
CA LEU D 174 -4.24 71.66 -29.98
C LEU D 174 -5.21 72.74 -30.47
N THR D 175 -5.62 72.67 -31.74
CA THR D 175 -6.46 73.72 -32.31
C THR D 175 -7.84 73.77 -31.65
N HIS D 176 -8.41 72.62 -31.31
CA HIS D 176 -9.78 72.57 -30.80
C HIS D 176 -9.82 72.66 -29.27
N LYS D 177 -8.67 72.88 -28.63
CA LYS D 177 -8.59 73.08 -27.18
C LYS D 177 -9.04 71.83 -26.41
N LYS D 178 -8.49 70.70 -26.79
CA LYS D 178 -8.78 69.42 -26.15
C LYS D 178 -7.53 68.88 -25.47
N ARG D 179 -7.69 67.71 -24.85
CA ARG D 179 -6.58 66.99 -24.21
C ARG D 179 -6.85 65.51 -24.33
N LEU D 180 -5.80 64.71 -24.15
CA LEU D 180 -5.92 63.27 -24.24
C LEU D 180 -6.70 62.66 -23.08
N THR D 181 -6.96 63.43 -22.03
CA THR D 181 -7.67 62.95 -20.85
C THR D 181 -9.07 63.54 -20.73
N ASP D 182 -9.67 63.96 -21.84
CA ASP D 182 -11.01 64.53 -21.80
C ASP D 182 -12.05 63.48 -21.44
N GLU D 183 -13.12 63.92 -20.78
CA GLU D 183 -14.17 62.99 -20.36
C GLU D 183 -14.85 62.35 -21.56
N GLU D 184 -15.13 63.13 -22.59
CA GLU D 184 -15.76 62.61 -23.81
C GLU D 184 -14.78 61.89 -24.72
N PHE D 185 -13.55 61.67 -24.27
CA PHE D 185 -12.52 61.02 -25.08
C PHE D 185 -12.15 59.63 -24.58
N ARG D 186 -12.37 59.34 -23.31
CA ARG D 186 -12.10 58.02 -22.75
C ARG D 186 -13.38 57.17 -22.76
N GLU D 187 -13.20 55.87 -22.59
CA GLU D 187 -14.34 54.96 -22.58
C GLU D 187 -15.23 55.26 -21.38
N PRO D 188 -16.54 55.44 -21.58
CA PRO D 188 -17.41 55.80 -20.45
C PRO D 188 -17.50 54.72 -19.37
N SER D 189 -17.23 53.46 -19.71
CA SER D 189 -17.36 52.39 -18.72
C SER D 189 -16.25 52.46 -17.68
N THR D 190 -15.00 52.33 -18.12
CA THR D 190 -13.86 52.31 -17.21
C THR D 190 -13.14 53.65 -17.11
N GLY D 191 -13.00 54.37 -18.22
CA GLY D 191 -12.16 55.54 -18.26
C GLY D 191 -10.79 55.30 -18.88
N LYS D 192 -10.58 54.13 -19.48
CA LYS D 192 -9.30 53.81 -20.10
C LYS D 192 -8.94 54.82 -21.17
N THR D 193 -7.70 55.31 -21.13
CA THR D 193 -7.19 56.24 -22.11
C THR D 193 -6.32 55.50 -23.12
N CYS D 194 -5.64 56.26 -23.98
CA CYS D 194 -4.87 55.65 -25.07
C CYS D 194 -3.73 54.80 -24.54
N LEU D 195 -3.04 55.26 -23.49
CA LEU D 195 -1.87 54.53 -23.00
C LEU D 195 -2.22 53.17 -22.43
N PRO D 196 -3.24 53.00 -21.57
CA PRO D 196 -3.60 51.63 -21.15
C PRO D 196 -4.02 50.75 -22.30
N LYS D 197 -4.69 51.31 -23.31
CA LYS D 197 -5.08 50.52 -24.47
C LYS D 197 -3.86 50.04 -25.23
N ALA D 198 -2.85 50.90 -25.39
CA ALA D 198 -1.62 50.51 -26.05
C ALA D 198 -0.88 49.44 -25.25
N LEU D 199 -0.82 49.61 -23.93
CA LEU D 199 -0.07 48.67 -23.11
C LEU D 199 -0.77 47.31 -23.03
N LEU D 200 -2.11 47.30 -23.08
CA LEU D 200 -2.84 46.05 -23.05
C LEU D 200 -2.62 45.24 -24.32
N ASN D 201 -2.53 45.91 -25.47
CA ASN D 201 -2.43 45.26 -26.76
C ASN D 201 -0.99 45.19 -27.27
N LEU D 202 -0.03 44.94 -26.39
CA LEU D 202 1.35 44.78 -26.83
C LEU D 202 1.49 43.56 -27.72
N SER D 203 2.23 43.73 -28.82
CA SER D 203 2.48 42.65 -29.76
C SER D 203 3.99 42.47 -29.90
N ASN D 204 4.43 41.21 -29.75
CA ASN D 204 5.85 40.84 -29.80
C ASN D 204 6.67 41.56 -28.74
N GLY D 205 6.03 42.07 -27.69
CA GLY D 205 6.72 42.72 -26.60
C GLY D 205 6.99 44.20 -26.77
N ARG D 206 6.65 44.78 -27.93
CA ARG D 206 6.92 46.19 -28.17
C ARG D 206 5.87 46.77 -29.10
N ASN D 207 5.28 47.89 -28.69
CA ASN D 207 4.46 48.73 -29.55
C ASN D 207 5.10 50.11 -29.60
N ASP D 208 5.28 50.66 -30.80
CA ASP D 208 5.94 51.94 -30.96
C ASP D 208 5.01 53.13 -30.74
N THR D 209 3.72 52.88 -30.46
CA THR D 209 2.79 53.98 -30.29
C THR D 209 2.97 54.68 -28.94
N ILE D 210 3.46 53.97 -27.93
CA ILE D 210 3.58 54.56 -26.59
C ILE D 210 4.50 55.77 -26.55
N PRO D 211 5.73 55.73 -27.10
CA PRO D 211 6.55 56.96 -27.08
C PRO D 211 5.92 58.12 -27.81
N VAL D 212 5.25 57.85 -28.95
CA VAL D 212 4.62 58.93 -29.70
C VAL D 212 3.49 59.55 -28.91
N LEU D 213 2.65 58.72 -28.29
CA LEU D 213 1.55 59.23 -27.47
C LEU D 213 2.07 60.04 -26.29
N LEU D 214 3.15 59.58 -25.66
CA LEU D 214 3.73 60.35 -24.56
C LEU D 214 4.29 61.68 -25.06
N ASP D 215 4.88 61.69 -26.26
CA ASP D 215 5.36 62.94 -26.84
C ASP D 215 4.22 63.92 -27.08
N ILE D 216 3.10 63.44 -27.63
CA ILE D 216 1.93 64.30 -27.82
C ILE D 216 1.42 64.81 -26.48
N ALA D 217 1.41 63.95 -25.47
CA ALA D 217 0.93 64.36 -24.14
C ALA D 217 1.82 65.46 -23.57
N GLU D 218 3.14 65.32 -23.69
CA GLU D 218 4.04 66.33 -23.16
C GLU D 218 3.96 67.62 -23.98
N ARG D 219 3.63 67.51 -25.27
CA ARG D 219 3.35 68.71 -26.05
C ARG D 219 2.09 69.40 -25.54
N THR D 220 1.06 68.64 -25.19
CA THR D 220 -0.19 69.21 -24.71
C THR D 220 -0.10 69.74 -23.28
N GLY D 221 0.98 69.43 -22.57
CA GLY D 221 1.14 69.93 -21.21
C GLY D 221 0.15 69.37 -20.21
N ASN D 222 -0.14 68.08 -20.30
CA ASN D 222 -0.99 67.38 -19.33
C ASN D 222 -0.35 66.06 -18.94
N MET D 223 0.98 66.00 -18.91
CA MET D 223 1.69 64.74 -18.79
C MET D 223 1.45 64.09 -17.44
N ARG D 224 1.32 64.90 -16.39
CA ARG D 224 1.02 64.34 -15.07
C ARG D 224 -0.32 63.63 -15.07
N GLU D 225 -1.34 64.23 -15.68
CA GLU D 225 -2.66 63.63 -15.72
C GLU D 225 -2.85 62.69 -16.89
N PHE D 226 -1.97 62.72 -17.90
CA PHE D 226 -2.09 61.78 -19.00
C PHE D 226 -1.73 60.37 -18.56
N ILE D 227 -0.48 60.18 -18.12
CA ILE D 227 -0.07 58.86 -17.67
C ILE D 227 -0.43 58.75 -16.19
N ASN D 228 -1.72 58.52 -15.95
CA ASN D 228 -2.30 58.15 -14.68
C ASN D 228 -3.74 57.77 -14.99
N SER D 229 -4.15 56.55 -14.65
CA SER D 229 -5.41 55.99 -15.14
C SER D 229 -6.20 55.39 -14.01
N PRO D 230 -6.81 56.22 -13.16
CA PRO D 230 -7.73 55.69 -12.16
C PRO D 230 -9.05 55.27 -12.78
N PHE D 231 -9.08 54.07 -13.37
CA PHE D 231 -10.30 53.54 -13.96
C PHE D 231 -11.45 53.66 -12.97
N ARG D 232 -12.47 54.45 -13.32
CA ARG D 232 -13.61 54.60 -12.42
C ARG D 232 -14.50 53.37 -12.39
N ASP D 233 -14.25 52.40 -13.26
CA ASP D 233 -14.97 51.13 -13.20
C ASP D 233 -14.75 50.47 -11.85
N ILE D 234 -15.83 49.98 -11.25
CA ILE D 234 -15.75 49.36 -9.93
C ILE D 234 -14.83 48.15 -9.93
N TYR D 235 -14.69 47.47 -11.07
CA TYR D 235 -13.82 46.30 -11.14
C TYR D 235 -12.34 46.69 -11.17
N TYR D 236 -12.00 47.82 -11.78
CA TYR D 236 -10.62 48.25 -11.97
C TYR D 236 -10.36 49.59 -11.31
N ARG D 237 -10.88 49.79 -10.10
CA ARG D 237 -10.80 51.09 -9.45
C ARG D 237 -9.38 51.40 -8.99
N GLY D 238 -8.57 51.97 -9.88
CA GLY D 238 -7.25 52.43 -9.50
C GLY D 238 -6.11 51.91 -10.36
N GLN D 239 -6.39 50.90 -11.18
CA GLN D 239 -5.33 50.32 -12.01
C GLN D 239 -4.87 51.31 -13.07
N THR D 240 -3.69 51.87 -12.87
CA THR D 240 -3.11 52.84 -13.79
C THR D 240 -2.29 52.11 -14.86
N ALA D 241 -1.55 52.89 -15.65
CA ALA D 241 -0.76 52.31 -16.73
C ALA D 241 0.44 51.53 -16.21
N LEU D 242 0.98 51.94 -15.05
CA LEU D 242 2.15 51.24 -14.50
C LEU D 242 1.80 49.81 -14.13
N HIS D 243 0.61 49.59 -13.56
CA HIS D 243 0.20 48.23 -13.21
C HIS D 243 0.13 47.36 -14.45
N ILE D 244 -0.45 47.88 -15.54
CA ILE D 244 -0.57 47.12 -16.78
C ILE D 244 0.82 46.83 -17.35
N ALA D 245 1.72 47.81 -17.31
CA ALA D 245 3.06 47.60 -17.81
C ALA D 245 3.79 46.53 -17.02
N ILE D 246 3.65 46.53 -15.69
CA ILE D 246 4.36 45.57 -14.88
C ILE D 246 3.79 44.17 -15.05
N GLU D 247 2.45 44.04 -15.06
CA GLU D 247 1.86 42.70 -15.10
C GLU D 247 2.03 42.03 -16.45
N ARG D 248 2.48 42.75 -17.48
CA ARG D 248 2.76 42.16 -18.78
C ARG D 248 4.17 41.61 -18.90
N ARG D 249 4.90 41.52 -17.78
CA ARG D 249 6.26 40.99 -17.74
C ARG D 249 7.18 41.76 -18.69
N CYS D 250 7.11 43.09 -18.64
CA CYS D 250 7.89 43.97 -19.50
C CYS D 250 8.76 44.88 -18.66
N LYS D 251 10.06 44.93 -18.98
CA LYS D 251 10.98 45.76 -18.21
C LYS D 251 11.22 47.11 -18.87
N HIS D 252 11.46 47.12 -20.18
CA HIS D 252 11.82 48.37 -20.85
C HIS D 252 10.65 49.37 -20.84
N TYR D 253 9.43 48.90 -21.05
CA TYR D 253 8.30 49.84 -20.95
C TYR D 253 8.06 50.32 -19.52
N VAL D 254 8.22 49.46 -18.51
CA VAL D 254 7.98 49.98 -17.17
C VAL D 254 9.05 51.01 -16.81
N GLU D 255 10.30 50.79 -17.24
CA GLU D 255 11.34 51.80 -17.05
C GLU D 255 10.98 53.08 -17.78
N LEU D 256 10.48 52.97 -19.02
CA LEU D 256 10.16 54.15 -19.81
C LEU D 256 9.05 54.97 -19.17
N LEU D 257 7.97 54.30 -18.73
CA LEU D 257 6.87 55.01 -18.08
C LEU D 257 7.30 55.62 -16.75
N VAL D 258 8.08 54.89 -15.96
CA VAL D 258 8.52 55.46 -14.68
C VAL D 258 9.59 56.52 -14.86
N ALA D 259 10.17 56.64 -16.05
CA ALA D 259 11.22 57.64 -16.28
C ALA D 259 10.68 59.06 -16.10
N GLN D 260 9.48 59.34 -16.59
CA GLN D 260 8.92 60.68 -16.48
C GLN D 260 8.21 60.90 -15.14
N GLY D 261 8.19 59.89 -14.27
CA GLY D 261 7.63 60.06 -12.94
C GLY D 261 6.14 60.28 -12.93
N ALA D 262 5.38 59.25 -13.31
CA ALA D 262 3.93 59.33 -13.28
C ALA D 262 3.39 59.06 -11.88
N ASP D 263 3.60 57.84 -11.38
CA ASP D 263 3.23 57.42 -10.04
C ASP D 263 3.78 56.03 -9.81
N VAL D 264 4.19 55.76 -8.57
CA VAL D 264 4.72 54.47 -8.18
C VAL D 264 3.97 53.84 -7.02
N HIS D 265 3.07 54.58 -6.38
CA HIS D 265 2.27 54.05 -5.27
C HIS D 265 0.78 54.09 -5.60
N ALA D 266 0.43 53.77 -6.84
CA ALA D 266 -0.97 53.81 -7.26
C ALA D 266 -1.74 52.65 -6.64
N GLN D 267 -2.88 52.97 -6.03
CA GLN D 267 -3.69 51.98 -5.33
C GLN D 267 -4.65 51.32 -6.31
N ALA D 268 -4.43 50.03 -6.57
CA ALA D 268 -5.33 49.25 -7.42
C ALA D 268 -6.47 48.69 -6.59
N ARG D 269 -7.35 49.59 -6.15
CA ARG D 269 -8.45 49.28 -5.25
C ARG D 269 -9.62 48.59 -5.94
N GLY D 270 -9.45 48.12 -7.17
CA GLY D 270 -10.56 47.53 -7.89
C GLY D 270 -11.03 46.23 -7.28
N ARG D 271 -12.31 45.92 -7.52
CA ARG D 271 -12.87 44.67 -7.00
C ARG D 271 -12.23 43.46 -7.66
N PHE D 272 -11.69 43.63 -8.87
CA PHE D 272 -10.94 42.53 -9.49
C PHE D 272 -9.64 42.27 -8.74
N PHE D 273 -9.03 43.30 -8.17
CA PHE D 273 -7.80 43.16 -7.40
C PHE D 273 -8.07 42.96 -5.91
N GLN D 274 -8.90 41.98 -5.59
CA GLN D 274 -9.26 41.65 -4.22
C GLN D 274 -9.08 40.16 -4.00
N PRO D 275 -8.90 39.73 -2.75
CA PRO D 275 -8.74 38.30 -2.48
C PRO D 275 -9.96 37.51 -2.93
N LYS D 276 -9.71 36.26 -3.34
CA LYS D 276 -10.77 35.42 -3.89
C LYS D 276 -11.92 35.24 -2.91
N ASP D 277 -11.65 35.31 -1.60
CA ASP D 277 -12.72 35.19 -0.62
C ASP D 277 -13.66 36.39 -0.63
N GLU D 278 -13.19 37.56 -1.04
CA GLU D 278 -14.02 38.76 -1.07
C GLU D 278 -14.73 38.94 -2.41
N GLY D 279 -14.43 38.12 -3.40
CA GLY D 279 -15.04 38.23 -4.70
C GLY D 279 -14.14 38.74 -5.80
N GLY D 280 -12.82 38.66 -5.64
CA GLY D 280 -11.88 39.01 -6.67
C GLY D 280 -11.23 37.77 -7.27
N TYR D 281 -10.24 38.03 -8.13
CA TYR D 281 -9.52 36.96 -8.79
C TYR D 281 -8.02 36.98 -8.58
N PHE D 282 -7.45 38.12 -8.15
CA PHE D 282 -6.02 38.19 -7.90
C PHE D 282 -5.75 39.34 -6.93
N TYR D 283 -5.32 39.01 -5.72
CA TYR D 283 -4.88 39.99 -4.75
C TYR D 283 -3.36 39.96 -4.66
N PHE D 284 -2.74 41.12 -4.88
CA PHE D 284 -1.29 41.26 -4.87
C PHE D 284 -0.84 42.41 -4.00
N GLY D 285 -1.64 42.79 -3.02
CA GLY D 285 -1.52 44.11 -2.45
C GLY D 285 -2.20 45.11 -3.38
N GLU D 286 -1.84 46.38 -3.22
CA GLU D 286 -2.42 47.42 -4.07
C GLU D 286 -1.37 48.41 -4.54
N LEU D 287 -0.15 47.93 -4.79
CA LEU D 287 0.93 48.80 -5.24
C LEU D 287 1.64 48.19 -6.43
N PRO D 288 2.20 49.02 -7.31
CA PRO D 288 3.03 48.49 -8.39
C PRO D 288 4.22 47.68 -7.89
N LEU D 289 4.83 48.10 -6.80
CA LEU D 289 5.93 47.33 -6.21
C LEU D 289 5.43 45.97 -5.72
N SER D 290 4.30 45.96 -5.03
CA SER D 290 3.72 44.70 -4.58
C SER D 290 3.26 43.84 -5.75
N LEU D 291 2.75 44.47 -6.81
CA LEU D 291 2.35 43.71 -7.99
C LEU D 291 3.54 43.05 -8.64
N ALA D 292 4.66 43.78 -8.76
CA ALA D 292 5.87 43.21 -9.33
C ALA D 292 6.42 42.09 -8.45
N ALA D 293 6.31 42.25 -7.13
CA ALA D 293 6.81 41.22 -6.23
C ALA D 293 5.92 39.99 -6.21
N CYS D 294 4.63 40.15 -6.52
CA CYS D 294 3.70 39.04 -6.49
C CYS D 294 3.57 38.31 -7.83
N THR D 295 4.34 38.71 -8.84
CA THR D 295 4.33 38.03 -10.13
C THR D 295 5.71 37.48 -10.49
N ASN D 296 6.59 37.32 -9.51
CA ASN D 296 7.93 36.76 -9.71
C ASN D 296 8.71 37.56 -10.77
N GLN D 297 8.97 38.82 -10.43
CA GLN D 297 9.69 39.74 -11.31
C GLN D 297 10.83 40.38 -10.54
N PRO D 298 11.92 39.64 -10.33
CA PRO D 298 13.04 40.21 -9.55
C PRO D 298 13.64 41.46 -10.16
N HIS D 299 13.71 41.53 -11.49
CA HIS D 299 14.29 42.71 -12.13
C HIS D 299 13.42 43.94 -11.91
N ILE D 300 12.10 43.80 -12.01
CA ILE D 300 11.21 44.94 -11.84
C ILE D 300 11.25 45.45 -10.41
N VAL D 301 11.23 44.54 -9.43
CA VAL D 301 11.28 44.98 -8.04
C VAL D 301 12.63 45.58 -7.71
N ASN D 302 13.71 45.06 -8.30
CA ASN D 302 15.02 45.69 -8.13
C ASN D 302 15.02 47.10 -8.69
N TYR D 303 14.47 47.28 -9.90
CA TYR D 303 14.54 48.58 -10.56
C TYR D 303 13.65 49.60 -9.87
N LEU D 304 12.48 49.18 -9.38
CA LEU D 304 11.55 50.11 -8.76
C LEU D 304 12.07 50.69 -7.45
N THR D 305 13.14 50.13 -6.89
CA THR D 305 13.70 50.62 -5.64
C THR D 305 14.98 51.43 -5.84
N GLU D 306 15.95 50.88 -6.57
CA GLU D 306 17.20 51.60 -6.83
C GLU D 306 17.16 52.24 -8.22
N ASN D 307 16.33 53.27 -8.33
CA ASN D 307 16.23 54.06 -9.54
C ASN D 307 16.34 55.54 -9.21
N PRO D 308 16.88 56.35 -10.12
CA PRO D 308 17.09 57.77 -9.82
C PRO D 308 15.80 58.57 -9.66
N HIS D 309 14.88 58.42 -10.62
CA HIS D 309 13.73 59.31 -10.73
C HIS D 309 12.80 59.21 -9.53
N LYS D 310 12.20 58.04 -9.29
CA LYS D 310 11.25 57.88 -8.21
C LYS D 310 11.22 56.42 -7.80
N LYS D 311 11.25 56.17 -6.50
CA LYS D 311 11.34 54.81 -5.95
C LYS D 311 10.21 54.56 -4.98
N ALA D 312 9.80 53.30 -4.89
CA ALA D 312 8.75 52.87 -3.98
C ALA D 312 9.37 52.33 -2.70
N ASP D 313 9.07 52.97 -1.57
CA ASP D 313 9.53 52.47 -0.29
C ASP D 313 8.81 51.17 0.05
N MET D 314 9.57 50.17 0.50
CA MET D 314 8.99 48.87 0.80
C MET D 314 8.07 48.92 2.02
N ARG D 315 8.14 49.98 2.82
CA ARG D 315 7.31 50.08 4.02
C ARG D 315 5.88 50.52 3.70
N ARG D 316 5.59 50.93 2.47
CA ARG D 316 4.28 51.49 2.15
C ARG D 316 3.20 50.43 2.31
N GLN D 317 2.04 50.86 2.78
CA GLN D 317 0.92 49.97 3.05
C GLN D 317 -0.27 50.34 2.18
N ASP D 318 -1.02 49.33 1.78
CA ASP D 318 -2.21 49.53 0.95
C ASP D 318 -3.41 49.83 1.84
N SER D 319 -4.61 49.78 1.26
CA SER D 319 -5.82 50.09 2.00
C SER D 319 -6.08 49.10 3.12
N ARG D 320 -5.50 47.90 3.06
CA ARG D 320 -5.62 46.91 4.11
C ARG D 320 -4.50 46.99 5.13
N GLY D 321 -3.56 47.91 4.94
CA GLY D 321 -2.37 47.95 5.78
C GLY D 321 -1.32 46.92 5.44
N ASN D 322 -1.52 46.17 4.35
CA ASN D 322 -0.60 45.11 3.97
C ASN D 322 0.62 45.69 3.29
N THR D 323 1.80 45.34 3.78
CA THR D 323 3.04 45.69 3.09
C THR D 323 3.26 44.71 1.94
N VAL D 324 4.44 44.77 1.32
CA VAL D 324 4.71 43.86 0.22
C VAL D 324 4.90 42.44 0.72
N LEU D 325 5.42 42.28 1.94
CA LEU D 325 5.58 40.94 2.51
C LEU D 325 4.24 40.31 2.84
N HIS D 326 3.28 41.12 3.29
CA HIS D 326 1.93 40.61 3.50
C HIS D 326 1.33 40.14 2.18
N ALA D 327 1.56 40.88 1.10
CA ALA D 327 1.06 40.47 -0.22
C ALA D 327 1.72 39.17 -0.65
N LEU D 328 3.03 39.02 -0.42
CA LEU D 328 3.71 37.78 -0.77
C LEU D 328 3.14 36.61 0.01
N VAL D 329 2.83 36.82 1.29
CA VAL D 329 2.20 35.77 2.08
C VAL D 329 0.82 35.44 1.54
N ALA D 330 0.06 36.46 1.15
CA ALA D 330 -1.31 36.24 0.68
C ALA D 330 -1.33 35.45 -0.63
N ILE D 331 -0.43 35.78 -1.56
CA ILE D 331 -0.43 35.07 -2.85
C ILE D 331 0.12 33.66 -2.75
N ALA D 332 0.93 33.37 -1.73
CA ALA D 332 1.60 32.07 -1.66
C ALA D 332 0.60 30.97 -1.33
N ASP D 333 0.74 29.83 -2.00
CA ASP D 333 0.07 28.60 -1.61
C ASP D 333 1.12 27.53 -1.32
N ASN D 334 0.66 26.31 -1.09
CA ASN D 334 1.54 25.21 -0.70
C ASN D 334 1.92 24.37 -1.91
N THR D 335 2.55 25.03 -2.89
CA THR D 335 3.08 24.37 -4.07
C THR D 335 4.54 24.78 -4.25
N ARG D 336 5.31 23.88 -4.86
CA ARG D 336 6.76 24.09 -4.96
C ARG D 336 7.11 25.30 -5.80
N GLU D 337 6.54 25.37 -7.02
CA GLU D 337 6.88 26.46 -7.94
C GLU D 337 6.43 27.82 -7.43
N ASN D 338 5.49 27.85 -6.49
CA ASN D 338 5.04 29.10 -5.88
C ASN D 338 5.89 29.44 -4.66
N THR D 339 5.99 28.49 -3.72
CA THR D 339 6.75 28.73 -2.50
C THR D 339 8.20 29.08 -2.79
N LYS D 340 8.77 28.51 -3.87
CA LYS D 340 10.16 28.80 -4.18
C LYS D 340 10.39 30.29 -4.36
N PHE D 341 9.67 30.92 -5.30
CA PHE D 341 9.91 32.33 -5.55
C PHE D 341 9.34 33.19 -4.43
N VAL D 342 8.26 32.74 -3.76
CA VAL D 342 7.75 33.52 -2.63
C VAL D 342 8.80 33.65 -1.55
N THR D 343 9.42 32.53 -1.14
CA THR D 343 10.45 32.59 -0.12
C THR D 343 11.68 33.36 -0.62
N LYS D 344 12.10 33.10 -1.86
CA LYS D 344 13.29 33.77 -2.37
C LYS D 344 13.13 35.28 -2.39
N MET D 345 11.99 35.76 -2.86
CA MET D 345 11.81 37.20 -2.98
C MET D 345 11.35 37.83 -1.68
N TYR D 346 10.74 37.07 -0.77
CA TYR D 346 10.55 37.55 0.60
C TYR D 346 11.89 37.83 1.25
N ASP D 347 12.84 36.90 1.11
CA ASP D 347 14.21 37.16 1.53
C ASP D 347 14.74 38.43 0.88
N LEU D 348 14.83 38.42 -0.45
CA LEU D 348 15.29 39.58 -1.21
C LEU D 348 14.76 40.90 -0.68
N LEU D 349 13.44 40.99 -0.50
CA LEU D 349 12.83 42.23 -0.03
C LEU D 349 13.23 42.56 1.41
N LEU D 350 13.28 41.55 2.29
CA LEU D 350 13.66 41.82 3.67
C LEU D 350 15.09 42.34 3.75
N LEU D 351 16.01 41.69 3.02
CA LEU D 351 17.39 42.15 2.99
C LEU D 351 17.50 43.54 2.37
N LYS D 352 16.77 43.79 1.29
CA LYS D 352 16.83 45.11 0.64
C LYS D 352 16.34 46.20 1.58
N CYS D 353 15.24 45.95 2.29
CA CYS D 353 14.75 46.92 3.27
C CYS D 353 15.62 46.98 4.50
N ALA D 354 16.51 46.00 4.69
CA ALA D 354 17.47 46.08 5.79
C ALA D 354 18.68 46.93 5.44
N ARG D 355 19.20 46.79 4.22
CA ARG D 355 20.33 47.63 3.79
C ARG D 355 19.98 49.10 3.89
N LEU D 356 19.01 49.56 3.09
CA LEU D 356 18.51 50.91 3.25
C LEU D 356 17.67 51.00 4.52
N PHE D 357 17.56 52.22 5.05
CA PHE D 357 16.82 52.50 6.27
C PHE D 357 17.26 51.59 7.41
N PRO D 358 18.46 51.80 7.98
CA PRO D 358 18.91 50.92 9.07
C PRO D 358 18.07 51.07 10.31
N ASP D 359 16.89 50.47 10.30
CA ASP D 359 15.90 50.62 11.36
C ASP D 359 15.15 49.30 11.51
N SER D 360 13.98 49.34 12.14
CA SER D 360 13.18 48.15 12.33
C SER D 360 12.89 47.48 11.00
N ASN D 361 12.96 46.15 10.99
CA ASN D 361 12.81 45.40 9.75
C ASN D 361 11.40 45.53 9.19
N LEU D 362 11.28 45.25 7.89
CA LEU D 362 9.98 45.35 7.22
C LEU D 362 8.97 44.37 7.78
N GLU D 363 9.43 43.25 8.35
CA GLU D 363 8.53 42.25 8.88
C GLU D 363 7.80 42.72 10.14
N ALA D 364 8.30 43.77 10.79
CA ALA D 364 7.71 44.27 12.02
C ALA D 364 6.54 45.21 11.77
N VAL D 365 6.20 45.50 10.52
CA VAL D 365 5.10 46.39 10.20
C VAL D 365 3.81 45.57 10.18
N LEU D 366 2.86 45.94 11.02
CA LEU D 366 1.60 45.23 11.11
C LEU D 366 0.56 45.87 10.19
N ASN D 367 -0.36 45.05 9.70
CA ASN D 367 -1.45 45.53 8.85
C ASN D 367 -2.57 46.08 9.74
N ASN D 368 -3.73 46.35 9.14
CA ASN D 368 -4.86 46.89 9.88
C ASN D 368 -5.43 45.90 10.89
N ASP D 369 -5.12 44.61 10.76
CA ASP D 369 -5.55 43.59 11.70
C ASP D 369 -4.51 43.33 12.78
N GLY D 370 -3.38 44.05 12.75
CA GLY D 370 -2.31 43.82 13.69
C GLY D 370 -1.40 42.66 13.38
N LEU D 371 -1.60 41.99 12.25
CA LEU D 371 -0.81 40.82 11.90
C LEU D 371 0.44 41.23 11.13
N SER D 372 1.59 40.69 11.53
CA SER D 372 2.78 40.74 10.70
C SER D 372 2.70 39.64 9.67
N PRO D 373 3.66 39.55 8.74
CA PRO D 373 3.64 38.41 7.80
C PRO D 373 3.69 37.07 8.50
N LEU D 374 4.36 36.96 9.65
CA LEU D 374 4.49 35.67 10.32
C LEU D 374 3.13 35.14 10.80
N MET D 375 2.39 35.96 11.57
CA MET D 375 1.08 35.48 12.02
C MET D 375 0.08 35.45 10.88
N MET D 376 0.25 36.28 9.85
CA MET D 376 -0.62 36.18 8.69
C MET D 376 -0.46 34.82 8.01
N ALA D 377 0.79 34.37 7.84
CA ALA D 377 1.01 33.05 7.27
C ALA D 377 0.54 31.94 8.20
N ALA D 378 0.71 32.14 9.51
CA ALA D 378 0.25 31.12 10.46
C ALA D 378 -1.26 30.96 10.44
N LYS D 379 -2.00 32.08 10.39
CA LYS D 379 -3.44 32.01 10.41
C LYS D 379 -4.00 31.56 9.06
N THR D 380 -3.45 32.08 7.96
CA THR D 380 -4.00 31.75 6.65
C THR D 380 -3.60 30.34 6.21
N GLY D 381 -2.53 29.80 6.77
CA GLY D 381 -2.17 28.41 6.53
C GLY D 381 -1.27 28.15 5.34
N LYS D 382 -0.08 28.74 5.33
CA LYS D 382 0.93 28.51 4.30
C LYS D 382 2.16 27.92 4.97
N ILE D 383 2.45 26.64 4.69
CA ILE D 383 3.61 26.01 5.30
C ILE D 383 4.90 26.63 4.76
N GLY D 384 4.95 26.93 3.47
CA GLY D 384 6.17 27.41 2.85
C GLY D 384 6.76 28.66 3.48
N ILE D 385 6.04 29.77 3.36
CA ILE D 385 6.57 31.05 3.83
C ILE D 385 6.68 31.05 5.35
N PHE D 386 5.73 30.44 6.05
CA PHE D 386 5.79 30.39 7.51
C PHE D 386 7.02 29.63 7.98
N GLN D 387 7.24 28.43 7.45
CA GLN D 387 8.40 27.64 7.83
C GLN D 387 9.69 28.35 7.43
N HIS D 388 9.72 29.01 6.28
CA HIS D 388 10.90 29.73 5.87
C HIS D 388 11.22 30.87 6.84
N ILE D 389 10.19 31.59 7.30
CA ILE D 389 10.40 32.66 8.26
C ILE D 389 10.86 32.11 9.60
N ILE D 390 10.29 30.99 10.04
CA ILE D 390 10.59 30.48 11.38
C ILE D 390 12.06 30.11 11.50
N ARG D 391 12.56 29.28 10.58
CA ARG D 391 13.98 28.91 10.58
C ARG D 391 14.74 29.75 9.56
N ARG D 392 14.69 31.06 9.73
CA ARG D 392 15.39 31.98 8.85
C ARG D 392 16.78 32.25 9.42
N GLU D 393 17.81 31.96 8.63
CA GLU D 393 19.19 32.14 9.04
C GLU D 393 19.92 32.97 7.98
N VAL D 394 20.34 34.16 8.35
CA VAL D 394 21.14 35.03 7.49
C VAL D 394 22.54 35.15 8.09
N THR D 395 23.56 35.00 7.25
CA THR D 395 24.94 34.92 7.72
C THR D 395 25.72 36.21 7.53
N ASP D 396 25.23 37.12 6.70
CA ASP D 396 25.96 38.37 6.46
C ASP D 396 26.08 39.18 7.74
N GLU D 397 27.25 39.80 7.91
CA GLU D 397 27.53 40.53 9.14
C GLU D 397 26.59 41.74 9.31
N ASP D 398 26.38 42.50 8.24
CA ASP D 398 25.55 43.69 8.34
C ASP D 398 24.09 43.33 8.61
N THR D 399 23.52 42.47 7.77
CA THR D 399 22.12 42.06 7.91
C THR D 399 22.05 40.69 8.56
N ARG D 400 22.39 40.66 9.86
CA ARG D 400 22.33 39.43 10.65
C ARG D 400 21.19 39.43 11.65
N HIS D 401 20.74 40.60 12.10
CA HIS D 401 19.64 40.68 13.05
C HIS D 401 18.32 40.18 12.48
N LEU D 402 18.22 40.00 11.17
CA LEU D 402 16.98 39.52 10.57
C LEU D 402 16.74 38.05 10.84
N SER D 403 17.76 37.30 11.23
CA SER D 403 17.62 35.86 11.40
C SER D 403 16.80 35.52 12.63
N ARG D 404 16.20 34.33 12.60
CA ARG D 404 15.43 33.82 13.72
C ARG D 404 15.95 32.47 14.23
N LYS D 405 17.06 31.99 13.66
CA LYS D 405 17.66 30.74 14.07
C LYS D 405 19.17 30.92 14.06
N PHE D 406 19.79 30.76 15.22
CA PHE D 406 21.21 31.06 15.40
C PHE D 406 22.02 29.76 15.54
N LYS D 407 23.32 29.93 15.84
CA LYS D 407 24.30 28.85 15.83
C LYS D 407 25.16 28.91 17.09
N ASP D 408 24.49 28.93 18.25
CA ASP D 408 25.11 29.20 19.55
C ASP D 408 26.51 28.61 19.71
N TRP D 409 26.65 27.29 19.56
CA TRP D 409 27.96 26.68 19.65
C TRP D 409 28.00 25.43 18.78
N ALA D 410 29.22 25.03 18.42
CA ALA D 410 29.42 23.87 17.58
C ALA D 410 30.75 23.22 17.95
N TYR D 411 30.76 21.89 18.02
CA TYR D 411 31.97 21.12 18.31
C TYR D 411 31.95 19.87 17.43
N GLY D 412 32.56 19.97 16.26
CA GLY D 412 32.55 18.90 15.30
C GLY D 412 31.14 18.60 14.83
N PRO D 413 30.72 17.34 14.95
CA PRO D 413 29.38 16.92 14.52
C PRO D 413 28.31 17.10 15.60
N VAL D 414 28.18 18.32 16.12
CA VAL D 414 27.05 18.67 16.97
C VAL D 414 26.80 20.17 16.82
N TYR D 415 25.57 20.54 16.50
CA TYR D 415 25.23 21.90 16.11
C TYR D 415 24.04 22.37 16.95
N SER D 416 24.33 23.09 18.03
CA SER D 416 23.27 23.61 18.88
C SER D 416 22.70 24.89 18.30
N SER D 417 21.59 24.77 17.59
CA SER D 417 20.90 25.91 17.02
C SER D 417 20.03 26.57 18.08
N LEU D 418 19.74 27.85 17.88
CA LEU D 418 19.10 28.67 18.91
C LEU D 418 17.95 29.45 18.25
N TYR D 419 16.77 28.83 18.22
CA TYR D 419 15.61 29.43 17.56
C TYR D 419 15.10 30.64 18.36
N ASP D 420 14.54 31.60 17.65
CA ASP D 420 13.99 32.80 18.26
C ASP D 420 12.51 32.60 18.58
N LEU D 421 12.07 33.18 19.70
CA LEU D 421 10.69 33.11 20.15
C LEU D 421 10.11 34.51 20.30
N SER D 422 10.40 35.39 19.35
CA SER D 422 9.89 36.76 19.43
C SER D 422 8.37 36.79 19.36
N SER D 423 7.79 35.98 18.47
CA SER D 423 6.35 35.93 18.31
C SER D 423 5.75 34.56 18.58
N LEU D 424 6.56 33.51 18.66
CA LEU D 424 6.03 32.17 18.86
C LEU D 424 5.52 31.99 20.29
N ASP D 425 6.28 32.46 21.27
CA ASP D 425 5.95 32.29 22.68
C ASP D 425 5.98 33.67 23.34
N THR D 426 4.82 34.29 23.50
CA THR D 426 4.67 35.55 24.19
C THR D 426 3.77 35.33 25.40
N CYS D 427 4.21 35.82 26.56
CA CYS D 427 3.50 35.60 27.82
C CYS D 427 2.27 36.52 27.90
N GLY D 428 1.33 36.28 27.00
CA GLY D 428 0.06 36.97 27.02
C GLY D 428 0.07 38.37 26.44
N GLU D 429 1.11 39.15 26.75
CA GLU D 429 1.13 40.56 26.38
C GLU D 429 1.60 40.76 24.94
N GLU D 430 1.04 39.99 24.01
CA GLU D 430 1.29 40.12 22.57
C GLU D 430 0.44 39.08 21.86
N ALA D 431 0.31 39.25 20.55
CA ALA D 431 -0.29 38.22 19.72
C ALA D 431 0.76 37.17 19.40
N SER D 432 0.41 35.89 19.60
CA SER D 432 1.35 34.80 19.49
C SER D 432 0.98 33.88 18.34
N VAL D 433 2.01 33.32 17.70
CA VAL D 433 1.81 32.43 16.57
C VAL D 433 1.19 31.11 17.03
N LEU D 434 1.53 30.65 18.23
CA LEU D 434 1.08 29.34 18.68
C LEU D 434 -0.43 29.31 18.94
N GLU D 435 -0.95 30.34 19.62
CA GLU D 435 -2.38 30.39 19.88
C GLU D 435 -3.17 30.52 18.58
N ILE D 436 -2.67 31.31 17.63
CA ILE D 436 -3.30 31.42 16.32
C ILE D 436 -3.29 30.08 15.61
N LEU D 437 -2.16 29.38 15.65
CA LEU D 437 -2.05 28.07 15.01
C LEU D 437 -3.05 27.09 15.58
N VAL D 438 -3.21 27.09 16.91
CA VAL D 438 -4.07 26.09 17.53
C VAL D 438 -5.54 26.46 17.39
N TYR D 439 -5.88 27.75 17.39
CA TYR D 439 -7.27 28.20 17.41
C TYR D 439 -7.73 28.75 16.06
N ASN D 440 -7.05 29.78 15.53
CA ASN D 440 -7.51 30.51 14.36
C ASN D 440 -6.60 30.19 13.19
N SER D 441 -6.90 29.09 12.50
CA SER D 441 -6.13 28.66 11.34
C SER D 441 -7.03 27.79 10.47
N LYS D 442 -6.47 27.34 9.35
CA LYS D 442 -7.18 26.45 8.44
C LYS D 442 -6.99 25.02 8.94
N ILE D 443 -8.06 24.42 9.45
CA ILE D 443 -8.00 23.06 9.98
C ILE D 443 -7.58 22.08 8.90
N GLU D 444 -7.82 22.40 7.63
CA GLU D 444 -7.36 21.55 6.54
C GLU D 444 -5.84 21.42 6.53
N ASN D 445 -5.13 22.37 7.13
CA ASN D 445 -3.68 22.41 7.03
C ASN D 445 -3.02 22.78 8.36
N ARG D 446 -3.73 22.58 9.47
CA ARG D 446 -3.22 22.98 10.77
C ARG D 446 -2.16 22.02 11.30
N HIS D 447 -2.29 20.72 11.00
CA HIS D 447 -1.38 19.74 11.58
C HIS D 447 0.05 19.94 11.10
N GLU D 448 0.24 20.20 9.82
CA GLU D 448 1.58 20.28 9.26
C GLU D 448 2.35 21.50 9.74
N MET D 449 1.67 22.49 10.31
CA MET D 449 2.34 23.70 10.76
C MET D 449 2.58 23.73 12.26
N LEU D 450 1.95 22.83 13.01
CA LEU D 450 2.30 22.60 14.40
C LEU D 450 3.45 21.61 14.55
N ALA D 451 3.96 21.07 13.45
CA ALA D 451 5.02 20.08 13.45
C ALA D 451 6.29 20.65 12.84
N VAL D 452 6.61 21.91 13.18
CA VAL D 452 7.83 22.55 12.70
C VAL D 452 8.83 22.56 13.85
N GLU D 453 10.06 22.98 13.56
CA GLU D 453 11.18 22.73 14.47
C GLU D 453 10.97 23.30 15.86
N PRO D 454 10.61 24.59 16.05
CA PRO D 454 10.47 25.09 17.42
C PRO D 454 9.14 24.75 18.06
N ILE D 455 8.07 24.70 17.27
CA ILE D 455 6.72 24.70 17.83
C ILE D 455 6.46 23.41 18.60
N ASN D 456 6.77 22.26 18.02
CA ASN D 456 6.50 20.99 18.69
C ASN D 456 7.34 20.85 19.95
N GLU D 457 8.63 21.18 19.88
CA GLU D 457 9.48 21.07 21.05
C GLU D 457 9.13 22.15 22.08
N LEU D 458 8.65 23.31 21.64
CA LEU D 458 8.16 24.31 22.58
C LEU D 458 6.94 23.80 23.33
N LEU D 459 6.02 23.14 22.63
CA LEU D 459 4.86 22.55 23.30
C LEU D 459 5.29 21.47 24.28
N ARG D 460 6.26 20.65 23.89
CA ARG D 460 6.76 19.62 24.81
C ARG D 460 7.41 20.24 26.04
N ASP D 461 8.14 21.35 25.85
CA ASP D 461 8.76 22.03 26.98
C ASP D 461 7.71 22.61 27.91
N LYS D 462 6.66 23.22 27.35
CA LYS D 462 5.57 23.73 28.18
C LYS D 462 4.91 22.59 28.95
N TRP D 463 4.69 21.47 28.27
CA TRP D 463 4.17 20.27 28.92
C TRP D 463 5.01 19.91 30.13
N ARG D 464 6.29 19.60 29.90
CA ARG D 464 7.20 19.18 30.97
C ARG D 464 7.25 20.20 32.10
N LYS D 465 7.20 21.49 31.76
CA LYS D 465 7.31 22.53 32.78
C LYS D 465 6.08 22.57 33.68
N PHE D 466 4.91 22.82 33.10
CA PHE D 466 3.70 22.98 33.90
C PHE D 466 2.48 22.23 33.38
N GLY D 467 2.47 22.00 32.07
CA GLY D 467 1.33 21.40 31.36
C GLY D 467 0.99 20.02 31.88
N ALA D 468 1.92 19.07 31.78
CA ALA D 468 1.60 17.70 32.22
C ALA D 468 1.25 17.72 33.71
N VAL D 469 2.01 18.44 34.51
CA VAL D 469 1.69 18.45 35.97
C VAL D 469 0.43 19.26 36.29
N SER D 470 0.03 20.25 35.49
CA SER D 470 -1.25 20.93 35.79
C SER D 470 -2.39 19.96 35.53
N PHE D 471 -2.29 19.19 34.45
CA PHE D 471 -3.33 18.23 34.03
C PHE D 471 -3.54 17.19 35.11
N TYR D 472 -2.46 16.63 35.66
CA TYR D 472 -2.60 15.60 36.72
C TYR D 472 -3.28 16.20 37.95
N ILE D 473 -2.92 17.42 38.32
CA ILE D 473 -3.61 18.10 39.46
C ILE D 473 -5.07 18.33 39.06
N ASN D 474 -5.30 18.72 37.81
CA ASN D 474 -6.63 18.98 37.22
C ASN D 474 -7.45 17.69 37.19
N VAL D 475 -6.83 16.55 36.85
CA VAL D 475 -7.63 15.28 36.77
C VAL D 475 -7.95 14.76 38.17
N VAL D 476 -6.95 14.57 39.03
CA VAL D 476 -7.18 14.03 40.37
C VAL D 476 -8.25 14.84 41.10
N SER D 477 -8.25 16.16 40.91
CA SER D 477 -9.27 16.99 41.53
C SER D 477 -10.66 16.65 40.99
N TYR D 478 -10.78 16.43 39.67
CA TYR D 478 -12.08 16.11 39.10
C TYR D 478 -12.56 14.74 39.55
N LEU D 479 -11.66 13.76 39.63
CA LEU D 479 -12.06 12.45 40.13
C LEU D 479 -12.51 12.53 41.57
N CYS D 480 -11.80 13.30 42.41
CA CYS D 480 -12.23 13.46 43.79
C CYS D 480 -13.58 14.14 43.88
N ALA D 481 -13.81 15.17 43.04
CA ALA D 481 -15.10 15.85 43.03
C ALA D 481 -16.21 14.91 42.59
N MET D 482 -15.94 14.06 41.59
CA MET D 482 -16.95 13.10 41.14
C MET D 482 -17.26 12.08 42.22
N VAL D 483 -16.25 11.62 42.95
CA VAL D 483 -16.50 10.69 44.06
C VAL D 483 -17.35 11.36 45.13
N ILE D 484 -17.03 12.62 45.45
CA ILE D 484 -17.81 13.35 46.45
C ILE D 484 -19.25 13.52 46.00
N PHE D 485 -19.45 13.84 44.71
CA PHE D 485 -20.80 14.01 44.19
C PHE D 485 -21.57 12.68 44.19
N THR D 486 -20.91 11.58 43.85
CA THR D 486 -21.56 10.27 43.94
C THR D 486 -21.96 9.96 45.37
N LEU D 487 -21.09 10.23 46.34
CA LEU D 487 -21.42 9.97 47.73
C LEU D 487 -22.58 10.86 48.19
N THR D 488 -22.61 12.11 47.74
CA THR D 488 -23.72 12.99 48.09
C THR D 488 -25.03 12.48 47.50
N ALA D 489 -24.99 12.01 46.25
CA ALA D 489 -26.19 11.49 45.60
C ALA D 489 -26.68 10.19 46.24
N TYR D 490 -25.76 9.36 46.73
CA TYR D 490 -26.15 8.09 47.34
C TYR D 490 -26.95 8.26 48.62
N TYR D 491 -26.97 9.46 49.21
CA TYR D 491 -27.67 9.70 50.46
C TYR D 491 -28.92 10.56 50.29
N GLN D 492 -29.43 10.70 49.07
CA GLN D 492 -30.61 11.54 48.83
C GLN D 492 -31.88 10.70 48.96
N VAL D 506 -24.60 13.74 59.40
CA VAL D 506 -24.39 13.08 58.10
C VAL D 506 -25.05 13.88 57.00
N ASP D 507 -26.24 14.41 57.26
CA ASP D 507 -26.87 15.31 56.30
C ASP D 507 -26.08 16.59 56.14
N TYR D 508 -25.41 17.05 57.19
CA TYR D 508 -24.53 18.21 57.06
C TYR D 508 -23.34 17.90 56.16
N LEU D 509 -22.75 16.72 56.31
CA LEU D 509 -21.64 16.32 55.44
C LEU D 509 -22.08 16.21 53.99
N ARG D 510 -23.26 15.63 53.75
CA ARG D 510 -23.72 15.51 52.37
C ARG D 510 -24.16 16.87 51.83
N LEU D 511 -24.58 17.79 52.70
CA LEU D 511 -24.84 19.16 52.26
C LEU D 511 -23.55 19.86 51.86
N ALA D 512 -22.46 19.62 52.60
CA ALA D 512 -21.16 20.14 52.19
C ALA D 512 -20.74 19.57 50.85
N GLY D 513 -20.98 18.27 50.65
CA GLY D 513 -20.70 17.67 49.35
C GLY D 513 -21.54 18.27 48.23
N GLU D 514 -22.81 18.55 48.52
CA GLU D 514 -23.68 19.21 47.54
C GLU D 514 -23.19 20.62 47.23
N VAL D 515 -22.69 21.34 48.24
CA VAL D 515 -22.13 22.66 48.03
C VAL D 515 -20.89 22.58 47.15
N ILE D 516 -20.05 21.56 47.38
CA ILE D 516 -18.88 21.35 46.53
C ILE D 516 -19.31 21.08 45.09
N THR D 517 -20.32 20.24 44.91
CA THR D 517 -20.82 19.94 43.56
C THR D 517 -21.37 21.19 42.89
N LEU D 518 -22.11 22.01 43.63
CA LEU D 518 -22.64 23.25 43.07
C LEU D 518 -21.50 24.20 42.71
N PHE D 519 -20.44 24.22 43.52
CA PHE D 519 -19.28 25.04 43.20
C PHE D 519 -18.64 24.59 41.90
N THR D 520 -18.47 23.29 41.72
CA THR D 520 -17.91 22.77 40.47
C THR D 520 -18.82 23.11 39.29
N GLY D 521 -20.13 22.96 39.47
CA GLY D 521 -21.07 23.27 38.39
C GLY D 521 -21.04 24.74 38.00
N VAL D 522 -21.00 25.62 38.99
CA VAL D 522 -20.96 27.06 38.69
C VAL D 522 -19.61 27.44 38.10
N LEU D 523 -18.54 26.75 38.50
CA LEU D 523 -17.23 26.99 37.88
C LEU D 523 -17.25 26.62 36.40
N PHE D 524 -17.83 25.46 36.08
CA PHE D 524 -17.95 25.07 34.68
C PHE D 524 -18.87 26.02 33.91
N PHE D 525 -19.95 26.47 34.55
CA PHE D 525 -20.87 27.41 33.90
C PHE D 525 -20.16 28.72 33.57
N PHE D 526 -19.41 29.27 34.53
CA PHE D 526 -18.67 30.50 34.29
C PHE D 526 -17.59 30.30 33.24
N THR D 527 -16.92 29.15 33.25
CA THR D 527 -15.89 28.89 32.24
C THR D 527 -16.50 28.85 30.85
N ASN D 528 -17.67 28.22 30.70
CA ASN D 528 -18.30 28.12 29.39
C ASN D 528 -18.87 29.47 28.94
N ILE D 529 -19.47 30.23 29.85
CA ILE D 529 -20.07 31.51 29.48
C ILE D 529 -18.97 32.53 29.15
N LYS D 530 -17.90 32.55 29.93
CA LYS D 530 -16.84 33.53 29.74
C LYS D 530 -16.18 33.42 28.37
N ASP D 531 -16.28 32.27 27.71
CA ASP D 531 -15.71 32.12 26.38
C ASP D 531 -16.41 32.98 25.35
N LEU D 532 -17.64 33.43 25.63
CA LEU D 532 -18.37 34.26 24.67
C LEU D 532 -17.65 35.57 24.42
N PHE D 533 -17.14 36.20 25.47
CA PHE D 533 -16.38 37.43 25.34
C PHE D 533 -14.92 37.19 24.96
N MET D 534 -14.59 35.96 24.58
CA MET D 534 -13.24 35.56 24.19
C MET D 534 -13.34 34.83 22.86
N LYS D 535 -12.28 34.11 22.48
CA LYS D 535 -12.27 33.34 21.25
C LYS D 535 -13.41 32.32 21.27
N LYS D 536 -14.40 32.51 20.41
CA LYS D 536 -15.55 31.62 20.32
C LYS D 536 -16.27 31.90 19.01
N CYS D 537 -17.46 31.29 18.87
CA CYS D 537 -18.33 31.33 17.69
C CYS D 537 -17.63 30.84 16.42
N PRO D 538 -16.95 29.67 16.43
CA PRO D 538 -16.71 28.96 15.17
C PRO D 538 -17.83 27.98 14.90
N GLY D 539 -17.71 27.19 13.84
CA GLY D 539 -18.63 26.08 13.65
C GLY D 539 -18.30 24.92 14.57
N VAL D 540 -18.18 25.20 15.86
CA VAL D 540 -17.76 24.17 16.84
C VAL D 540 -19.03 23.48 17.31
N ASN D 541 -19.48 22.52 16.50
CA ASN D 541 -20.53 21.59 16.88
C ASN D 541 -20.05 20.17 16.65
N SER D 542 -19.12 20.01 15.70
CA SER D 542 -18.58 18.72 15.35
C SER D 542 -17.09 18.57 15.65
N LEU D 543 -16.40 19.66 15.98
CA LEU D 543 -14.96 19.58 16.22
C LEU D 543 -14.66 18.84 17.52
N PHE D 544 -13.64 17.99 17.48
CA PHE D 544 -13.17 17.22 18.64
C PHE D 544 -11.90 17.82 19.21
N ILE D 545 -11.85 19.15 19.29
CA ILE D 545 -10.66 19.89 19.72
C ILE D 545 -11.04 20.55 21.04
N ASP D 546 -11.83 19.84 21.84
CA ASP D 546 -12.50 20.24 23.09
C ASP D 546 -13.78 21.02 22.80
N GLY D 547 -14.10 21.27 21.53
CA GLY D 547 -15.42 21.81 21.22
C GLY D 547 -16.53 20.83 21.49
N SER D 548 -16.30 19.55 21.15
CA SER D 548 -17.29 18.52 21.41
C SER D 548 -17.52 18.33 22.91
N PHE D 549 -16.44 18.34 23.70
CA PHE D 549 -16.59 18.20 25.14
C PHE D 549 -17.05 19.48 25.81
N GLN D 550 -16.94 20.62 25.13
CA GLN D 550 -17.42 21.87 25.72
C GLN D 550 -18.94 21.86 25.89
N LEU D 551 -19.66 21.36 24.90
CA LEU D 551 -21.11 21.27 25.03
C LEU D 551 -21.50 20.28 26.12
N LEU D 552 -20.72 19.20 26.27
CA LEU D 552 -20.98 18.26 27.36
C LEU D 552 -20.75 18.94 28.72
N TYR D 553 -19.68 19.74 28.82
CA TYR D 553 -19.45 20.52 30.02
C TYR D 553 -20.65 21.39 30.35
N PHE D 554 -21.12 22.14 29.35
CA PHE D 554 -22.23 23.07 29.56
C PHE D 554 -23.50 22.33 29.94
N ILE D 555 -23.77 21.19 29.28
CA ILE D 555 -24.98 20.44 29.58
C ILE D 555 -24.92 19.89 31.00
N TYR D 556 -23.76 19.37 31.42
CA TYR D 556 -23.62 18.89 32.79
C TYR D 556 -23.83 20.02 33.80
N SER D 557 -23.23 21.19 33.54
CA SER D 557 -23.39 22.32 34.45
C SER D 557 -24.84 22.78 34.51
N VAL D 558 -25.51 22.83 33.35
CA VAL D 558 -26.92 23.23 33.31
C VAL D 558 -27.78 22.23 34.05
N LEU D 559 -27.48 20.94 33.91
CA LEU D 559 -28.22 19.93 34.66
C LEU D 559 -28.04 20.10 36.16
N VAL D 560 -26.81 20.37 36.61
CA VAL D 560 -26.58 20.59 38.03
C VAL D 560 -27.33 21.82 38.52
N ILE D 561 -27.29 22.90 37.74
CA ILE D 561 -27.94 24.14 38.15
C ILE D 561 -29.46 23.96 38.19
N VAL D 562 -30.02 23.28 37.19
CA VAL D 562 -31.46 23.04 37.17
C VAL D 562 -31.87 22.12 38.31
N SER D 563 -31.03 21.14 38.64
CA SER D 563 -31.31 20.29 39.79
C SER D 563 -31.34 21.10 41.08
N ALA D 564 -30.38 22.01 41.25
CA ALA D 564 -30.40 22.87 42.43
C ALA D 564 -31.63 23.76 42.45
N ALA D 565 -32.00 24.32 41.30
CA ALA D 565 -33.17 25.19 41.23
C ALA D 565 -34.43 24.44 41.60
N LEU D 566 -34.64 23.26 41.03
CA LEU D 566 -35.82 22.45 41.37
C LEU D 566 -35.74 21.98 42.82
N TYR D 567 -34.53 21.80 43.35
CA TYR D 567 -34.36 21.52 44.78
C TYR D 567 -34.77 22.72 45.62
N LEU D 568 -34.75 23.92 45.06
CA LEU D 568 -35.24 25.10 45.75
C LEU D 568 -36.61 25.56 45.27
N ALA D 569 -37.05 25.15 44.09
CA ALA D 569 -38.35 25.55 43.56
C ALA D 569 -39.47 24.57 43.91
N GLY D 570 -39.14 23.42 44.50
CA GLY D 570 -40.14 22.45 44.90
C GLY D 570 -40.54 21.44 43.85
N ILE D 571 -40.02 21.55 42.63
CA ILE D 571 -40.35 20.59 41.58
C ILE D 571 -39.75 19.24 41.94
N GLU D 572 -40.56 18.19 41.79
CA GLU D 572 -40.15 16.85 42.20
C GLU D 572 -39.21 16.17 41.20
N ALA D 573 -39.02 16.75 40.02
CA ALA D 573 -38.14 16.19 39.01
C ALA D 573 -36.69 16.63 39.19
N TYR D 574 -36.34 17.13 40.37
CA TYR D 574 -34.95 17.55 40.62
C TYR D 574 -34.00 16.35 40.56
N LEU D 575 -34.41 15.22 41.14
CA LEU D 575 -33.48 14.11 41.31
C LEU D 575 -33.18 13.42 39.98
N ALA D 576 -34.15 13.36 39.07
CA ALA D 576 -33.87 12.82 37.75
C ALA D 576 -32.78 13.62 37.05
N VAL D 577 -32.90 14.95 37.09
CA VAL D 577 -31.90 15.80 36.46
C VAL D 577 -30.57 15.69 37.16
N MET D 578 -30.57 15.55 38.49
CA MET D 578 -29.31 15.45 39.22
C MET D 578 -28.59 14.14 38.91
N VAL D 579 -29.34 13.03 38.80
CA VAL D 579 -28.71 11.76 38.46
C VAL D 579 -28.24 11.77 37.01
N PHE D 580 -29.00 12.41 36.11
CA PHE D 580 -28.51 12.60 34.75
C PHE D 580 -27.22 13.41 34.76
N ALA D 581 -27.13 14.41 35.64
CA ALA D 581 -25.91 15.19 35.77
C ALA D 581 -24.75 14.31 36.25
N LEU D 582 -25.02 13.41 37.19
CA LEU D 582 -23.96 12.52 37.69
C LEU D 582 -23.46 11.60 36.59
N VAL D 583 -24.38 11.01 35.82
CA VAL D 583 -23.95 10.08 34.78
C VAL D 583 -23.21 10.83 33.67
N LEU D 584 -23.69 12.02 33.31
CA LEU D 584 -22.98 12.84 32.33
C LEU D 584 -21.65 13.31 32.90
N GLY D 585 -21.54 13.45 34.21
CA GLY D 585 -20.28 13.83 34.82
C GLY D 585 -19.27 12.71 34.79
N TRP D 586 -19.71 11.46 34.87
CA TRP D 586 -18.76 10.36 34.67
C TRP D 586 -18.35 10.24 33.21
N MET D 587 -19.31 10.38 32.28
CA MET D 587 -18.91 10.44 30.87
C MET D 587 -18.01 11.66 30.61
N ASN D 588 -18.10 12.69 31.45
CA ASN D 588 -17.17 13.81 31.38
C ASN D 588 -15.82 13.43 31.94
N ALA D 589 -15.78 12.70 33.06
CA ALA D 589 -14.52 12.22 33.60
C ALA D 589 -13.78 11.35 32.60
N LEU D 590 -14.51 10.80 31.63
CA LEU D 590 -13.85 10.16 30.49
C LEU D 590 -12.96 11.13 29.70
N TYR D 591 -13.18 12.44 29.85
CA TYR D 591 -12.39 13.46 29.14
C TYR D 591 -10.89 13.31 29.38
N PHE D 592 -10.50 13.05 30.62
CA PHE D 592 -9.13 13.24 31.06
C PHE D 592 -8.18 12.12 30.64
N THR D 593 -8.54 11.34 29.63
CA THR D 593 -7.61 10.37 29.06
C THR D 593 -6.79 10.95 27.90
N ARG D 594 -6.79 12.28 27.74
CA ARG D 594 -5.99 12.91 26.69
C ARG D 594 -4.52 12.97 27.05
N GLY D 595 -4.15 12.65 28.30
CA GLY D 595 -2.76 12.75 28.73
C GLY D 595 -1.82 11.79 28.05
N LEU D 596 -2.33 10.70 27.48
CA LEU D 596 -1.51 9.73 26.77
C LEU D 596 -2.11 9.48 25.40
N LYS D 597 -1.25 9.31 24.40
CA LYS D 597 -1.73 9.03 23.04
C LYS D 597 -2.50 7.72 22.99
N LEU D 598 -2.00 6.70 23.68
CA LEU D 598 -2.69 5.41 23.70
C LEU D 598 -4.09 5.51 24.29
N THR D 599 -4.31 6.47 25.19
CA THR D 599 -5.64 6.73 25.74
C THR D 599 -6.34 7.89 25.05
N GLY D 600 -5.58 8.85 24.53
CA GLY D 600 -6.20 9.94 23.78
C GLY D 600 -6.88 9.46 22.51
N THR D 601 -6.25 8.53 21.80
CA THR D 601 -6.88 7.95 20.61
C THR D 601 -8.14 7.18 20.99
N TYR D 602 -8.09 6.43 22.09
CA TYR D 602 -9.28 5.72 22.56
C TYR D 602 -10.42 6.68 22.88
N SER D 603 -10.10 7.78 23.58
CA SER D 603 -11.12 8.78 23.89
C SER D 603 -11.68 9.41 22.63
N ILE D 604 -10.81 9.71 21.67
CA ILE D 604 -11.25 10.33 20.42
C ILE D 604 -12.21 9.41 19.68
N MET D 605 -11.85 8.12 19.59
CA MET D 605 -12.72 7.18 18.89
C MET D 605 -14.05 6.99 19.61
N ILE D 606 -14.03 6.85 20.94
CA ILE D 606 -15.26 6.62 21.67
C ILE D 606 -16.15 7.87 21.60
N GLN D 607 -15.54 9.06 21.61
CA GLN D 607 -16.33 10.27 21.47
C GLN D 607 -16.85 10.44 20.06
N LYS D 608 -16.10 10.01 19.05
CA LYS D 608 -16.61 10.00 17.69
C LYS D 608 -17.85 9.12 17.58
N ILE D 609 -17.79 7.94 18.19
CA ILE D 609 -18.96 7.04 18.12
C ILE D 609 -20.14 7.63 18.89
N LEU D 610 -19.89 8.19 20.08
CA LEU D 610 -20.97 8.80 20.85
C LEU D 610 -21.61 9.96 20.08
N PHE D 611 -20.78 10.81 19.47
CA PHE D 611 -21.22 11.89 18.60
C PHE D 611 -21.86 11.39 17.32
N LYS D 612 -21.69 10.12 16.99
CA LYS D 612 -22.33 9.52 15.81
C LYS D 612 -23.48 8.59 16.18
N ASP D 613 -23.24 7.64 17.08
CA ASP D 613 -24.16 6.53 17.27
C ASP D 613 -25.53 7.01 17.73
N LEU D 614 -25.56 7.94 18.70
CA LEU D 614 -26.83 8.35 19.29
C LEU D 614 -27.60 9.35 18.43
N PHE D 615 -26.94 9.98 17.46
CA PHE D 615 -27.53 11.02 16.62
C PHE D 615 -28.29 10.49 15.40
N ARG D 616 -28.33 11.34 14.37
CA ARG D 616 -29.33 11.29 13.29
C ARG D 616 -29.82 9.91 12.89
N PHE D 617 -28.94 8.93 12.67
CA PHE D 617 -29.46 7.65 12.18
C PHE D 617 -30.21 6.90 13.28
N LEU D 618 -29.73 6.98 14.53
CA LEU D 618 -30.51 6.41 15.63
C LEU D 618 -31.78 7.21 15.89
N LEU D 619 -31.71 8.53 15.72
CA LEU D 619 -32.90 9.37 15.93
C LEU D 619 -33.98 9.02 14.92
N VAL D 620 -33.62 8.89 13.65
CA VAL D 620 -34.58 8.50 12.63
C VAL D 620 -34.92 7.02 12.73
N TYR D 621 -34.10 6.23 13.43
CA TYR D 621 -34.50 4.86 13.76
C TYR D 621 -35.64 4.85 14.78
N LEU D 622 -35.55 5.72 15.79
CA LEU D 622 -36.68 5.91 16.70
C LEU D 622 -37.90 6.42 15.95
N LEU D 623 -37.70 7.39 15.05
CA LEU D 623 -38.81 7.86 14.23
C LEU D 623 -39.35 6.78 13.31
N PHE D 624 -38.50 5.85 12.89
CA PHE D 624 -38.93 4.71 12.08
C PHE D 624 -39.82 3.78 12.89
N MET D 625 -39.44 3.52 14.14
CA MET D 625 -40.36 2.82 15.04
C MET D 625 -41.70 3.55 15.16
N ILE D 626 -41.65 4.87 15.32
CA ILE D 626 -42.88 5.65 15.41
C ILE D 626 -43.73 5.45 14.17
N GLY D 627 -43.12 5.60 12.99
CA GLY D 627 -43.87 5.52 11.75
C GLY D 627 -44.45 4.14 11.49
N TYR D 628 -43.65 3.09 11.73
CA TYR D 628 -44.17 1.75 11.49
C TYR D 628 -45.18 1.33 12.53
N ALA D 629 -45.07 1.84 13.77
CA ALA D 629 -46.14 1.62 14.73
C ALA D 629 -47.43 2.28 14.27
N SER D 630 -47.34 3.52 13.77
CA SER D 630 -48.53 4.20 13.27
C SER D 630 -49.12 3.46 12.08
N ALA D 631 -48.27 2.90 11.22
CA ALA D 631 -48.77 2.13 10.08
C ALA D 631 -49.40 0.83 10.52
N LEU D 632 -48.85 0.19 11.56
CA LEU D 632 -49.29 -1.14 11.94
C LEU D 632 -50.56 -1.12 12.79
N VAL D 633 -50.77 -0.04 13.57
CA VAL D 633 -51.88 -0.03 14.50
C VAL D 633 -53.21 -0.05 13.75
N SER D 634 -54.08 -0.98 14.14
CA SER D 634 -55.49 -1.01 13.76
C SER D 634 -55.72 -1.03 12.24
N LEU D 635 -55.30 -2.10 11.59
CA LEU D 635 -55.62 -2.28 10.17
C LEU D 635 -57.06 -2.74 10.02
N GLU D 664 -55.25 5.00 23.21
CA GLU D 664 -54.03 4.73 23.97
C GLU D 664 -53.37 3.44 23.49
N THR D 665 -54.03 2.74 22.57
CA THR D 665 -53.48 1.50 22.05
C THR D 665 -52.19 1.73 21.26
N PHE D 666 -52.03 2.93 20.69
CA PHE D 666 -50.84 3.23 19.91
C PHE D 666 -49.58 3.14 20.77
N SER D 667 -49.60 3.79 21.94
CA SER D 667 -48.43 3.77 22.82
C SER D 667 -48.16 2.37 23.36
N THR D 668 -49.22 1.64 23.70
CA THR D 668 -49.04 0.27 24.21
C THR D 668 -48.41 -0.63 23.16
N PHE D 669 -48.91 -0.56 21.92
CA PHE D 669 -48.31 -1.37 20.86
C PHE D 669 -46.90 -0.91 20.54
N LEU D 670 -46.63 0.38 20.66
CA LEU D 670 -45.27 0.89 20.46
C LEU D 670 -44.32 0.29 21.48
N LEU D 671 -44.72 0.27 22.75
CA LEU D 671 -43.89 -0.32 23.79
C LEU D 671 -43.72 -1.82 23.56
N ASP D 672 -44.79 -2.51 23.17
CA ASP D 672 -44.69 -3.94 22.91
C ASP D 672 -43.73 -4.23 21.78
N LEU D 673 -43.80 -3.46 20.69
CA LEU D 673 -42.89 -3.66 19.57
C LEU D 673 -41.46 -3.30 19.93
N PHE D 674 -41.26 -2.26 20.75
CA PHE D 674 -39.93 -1.90 21.20
C PHE D 674 -39.31 -3.02 22.02
N LYS D 675 -40.12 -3.64 22.90
CA LYS D 675 -39.62 -4.79 23.66
C LYS D 675 -39.35 -5.98 22.75
N LEU D 676 -40.22 -6.19 21.76
CA LEU D 676 -40.06 -7.34 20.86
C LEU D 676 -38.79 -7.23 20.03
N THR D 677 -38.46 -6.03 19.57
CA THR D 677 -37.27 -5.85 18.74
C THR D 677 -36.01 -6.22 19.52
N ILE D 678 -35.92 -5.79 20.78
CA ILE D 678 -34.78 -6.18 21.61
C ILE D 678 -34.83 -7.67 21.93
N GLY D 679 -36.02 -8.21 22.14
CA GLY D 679 -36.20 -9.62 22.46
C GLY D 679 -36.99 -9.88 23.72
N MET D 680 -37.37 -8.87 24.49
CA MET D 680 -38.13 -9.06 25.72
C MET D 680 -39.63 -8.95 25.50
N GLY D 681 -40.07 -8.78 24.25
CA GLY D 681 -41.48 -8.66 23.95
C GLY D 681 -42.20 -9.99 23.80
N ASP D 682 -43.45 -9.91 23.41
CA ASP D 682 -44.31 -11.08 23.26
C ASP D 682 -45.04 -11.03 21.92
N LEU D 683 -45.46 -12.20 21.45
CA LEU D 683 -46.21 -12.33 20.21
C LEU D 683 -47.71 -12.49 20.43
N GLU D 684 -48.22 -11.99 21.57
CA GLU D 684 -49.63 -12.14 21.88
C GLU D 684 -50.54 -11.29 21.01
N MET D 685 -49.97 -10.37 20.22
CA MET D 685 -50.78 -9.47 19.41
C MET D 685 -51.38 -10.15 18.19
N LEU D 686 -50.86 -11.31 17.79
CA LEU D 686 -51.35 -11.96 16.58
C LEU D 686 -52.81 -12.40 16.71
N SER D 687 -53.25 -12.70 17.94
CA SER D 687 -54.62 -13.15 18.13
C SER D 687 -55.62 -12.04 17.79
N SER D 688 -55.32 -10.81 18.18
CA SER D 688 -56.22 -9.69 17.95
C SER D 688 -56.15 -9.13 16.54
N THR D 689 -55.23 -9.63 15.70
CA THR D 689 -55.10 -9.12 14.34
C THR D 689 -56.34 -9.45 13.52
N LYS D 690 -56.83 -8.45 12.78
CA LYS D 690 -57.98 -8.64 11.92
C LYS D 690 -57.64 -9.41 10.64
N TYR D 691 -56.37 -9.41 10.24
CA TYR D 691 -55.92 -10.13 9.05
C TYR D 691 -54.76 -11.04 9.45
N PRO D 692 -55.03 -12.32 9.71
CA PRO D 692 -53.93 -13.24 10.06
C PRO D 692 -52.87 -13.34 8.97
N VAL D 693 -53.28 -13.02 7.74
CA VAL D 693 -52.31 -12.94 6.60
C VAL D 693 -51.70 -11.53 6.57
N VAL D 694 -50.68 -11.31 5.74
CA VAL D 694 -49.94 -10.02 5.51
C VAL D 694 -48.98 -9.66 6.66
N PHE D 695 -49.48 -9.60 7.90
CA PHE D 695 -48.68 -9.20 9.08
C PHE D 695 -47.50 -10.15 9.29
N ILE D 696 -47.69 -11.46 9.11
CA ILE D 696 -46.63 -12.50 9.29
C ILE D 696 -45.34 -12.06 8.57
N ILE D 697 -45.39 -12.01 7.24
CA ILE D 697 -44.32 -11.56 6.35
C ILE D 697 -43.93 -10.12 6.70
N LEU D 698 -44.91 -9.28 7.05
CA LEU D 698 -44.61 -7.90 7.38
C LEU D 698 -43.75 -7.82 8.64
N LEU D 699 -44.07 -8.63 9.66
CA LEU D 699 -43.26 -8.66 10.87
C LEU D 699 -41.88 -9.23 10.60
N VAL D 700 -41.78 -10.23 9.71
CA VAL D 700 -40.47 -10.76 9.35
C VAL D 700 -39.62 -9.68 8.71
N THR D 701 -40.20 -8.93 7.78
CA THR D 701 -39.46 -7.85 7.13
C THR D 701 -39.08 -6.76 8.14
N TYR D 702 -40.01 -6.43 9.05
CA TYR D 702 -39.71 -5.43 10.08
C TYR D 702 -38.53 -5.86 10.93
N ILE D 703 -38.54 -7.12 11.38
CA ILE D 703 -37.43 -7.62 12.19
C ILE D 703 -36.13 -7.56 11.40
N ILE D 704 -36.17 -7.99 10.13
CA ILE D 704 -34.98 -7.97 9.28
C ILE D 704 -34.40 -6.56 9.24
N LEU D 705 -35.18 -5.60 8.77
CA LEU D 705 -34.66 -4.24 8.62
C LEU D 705 -34.21 -3.67 9.96
N THR D 706 -35.05 -3.79 11.00
CA THR D 706 -34.74 -3.15 12.27
C THR D 706 -33.47 -3.70 12.90
N PHE D 707 -33.28 -5.03 12.85
CA PHE D 707 -32.13 -5.61 13.52
C PHE D 707 -30.94 -5.75 12.58
N VAL D 708 -31.07 -6.57 11.54
CA VAL D 708 -29.90 -6.97 10.76
C VAL D 708 -29.35 -5.78 9.98
N LEU D 709 -30.22 -5.06 9.28
CA LEU D 709 -29.77 -3.96 8.42
C LEU D 709 -29.12 -2.84 9.25
N LEU D 710 -29.80 -2.41 10.31
CA LEU D 710 -29.25 -1.34 11.14
C LEU D 710 -27.98 -1.76 11.85
N LEU D 711 -27.92 -2.99 12.38
CA LEU D 711 -26.70 -3.44 13.02
C LEU D 711 -25.55 -3.48 12.02
N ASN D 712 -25.81 -3.98 10.81
CA ASN D 712 -24.77 -4.07 9.81
C ASN D 712 -24.26 -2.69 9.40
N MET D 713 -25.16 -1.74 9.16
CA MET D 713 -24.69 -0.42 8.73
C MET D 713 -24.00 0.31 9.88
N LEU D 714 -24.48 0.12 11.11
CA LEU D 714 -23.83 0.72 12.26
C LEU D 714 -22.40 0.21 12.40
N ILE D 715 -22.21 -1.11 12.34
CA ILE D 715 -20.87 -1.68 12.42
C ILE D 715 -20.01 -1.19 11.27
N ALA D 716 -20.59 -1.17 10.06
CA ALA D 716 -19.85 -0.70 8.90
C ALA D 716 -19.44 0.76 9.04
N LEU D 717 -20.16 1.54 9.85
CA LEU D 717 -19.77 2.93 10.05
C LEU D 717 -18.36 3.02 10.67
N MET D 718 -18.14 2.36 11.80
CA MET D 718 -16.79 2.36 12.36
C MET D 718 -15.83 1.58 11.47
N GLY D 719 -16.34 0.59 10.71
CA GLY D 719 -15.49 -0.08 9.75
C GLY D 719 -14.89 0.88 8.74
N GLU D 720 -15.71 1.78 8.19
CA GLU D 720 -15.18 2.83 7.32
C GLU D 720 -14.26 3.76 8.07
N THR D 721 -14.64 4.18 9.28
CA THR D 721 -13.86 5.20 9.98
C THR D 721 -12.44 4.72 10.25
N VAL D 722 -12.29 3.58 10.93
CA VAL D 722 -11.03 3.24 11.58
C VAL D 722 -9.86 3.23 10.59
N GLY D 723 -10.07 2.61 9.43
CA GLY D 723 -8.98 2.45 8.47
C GLY D 723 -8.42 3.78 8.00
N GLN D 724 -9.27 4.77 7.80
CA GLN D 724 -8.80 6.07 7.34
C GLN D 724 -8.43 6.99 8.49
N VAL D 725 -9.02 6.79 9.68
CA VAL D 725 -8.78 7.68 10.81
C VAL D 725 -7.67 7.20 11.73
N SER D 726 -7.00 6.10 11.38
CA SER D 726 -5.88 5.64 12.21
C SER D 726 -4.83 6.72 12.41
N LYS D 727 -4.69 7.66 11.47
CA LYS D 727 -3.69 8.73 11.57
C LYS D 727 -4.28 10.05 12.08
N GLU D 728 -5.42 10.49 11.58
CA GLU D 728 -5.96 11.71 12.17
C GLU D 728 -6.47 11.50 13.59
N SER D 729 -6.58 10.26 14.07
CA SER D 729 -6.80 10.06 15.49
C SER D 729 -5.69 10.71 16.30
N LYS D 730 -4.43 10.39 15.99
CA LYS D 730 -3.32 11.04 16.68
C LYS D 730 -3.16 12.49 16.25
N HIS D 731 -3.61 12.86 15.04
CA HIS D 731 -3.55 14.28 14.67
C HIS D 731 -4.42 15.15 15.57
N ILE D 732 -5.71 14.79 15.70
CA ILE D 732 -6.58 15.52 16.61
C ILE D 732 -6.19 15.27 18.07
N TRP D 733 -5.51 14.16 18.38
CA TRP D 733 -4.96 14.03 19.72
C TRP D 733 -3.91 15.10 19.99
N LYS D 734 -3.03 15.33 19.01
CA LYS D 734 -2.04 16.40 19.13
C LYS D 734 -2.71 17.75 19.28
N LEU D 735 -3.77 17.99 18.48
CA LEU D 735 -4.51 19.24 18.60
C LEU D 735 -5.11 19.40 19.99
N GLN D 736 -5.70 18.33 20.53
CA GLN D 736 -6.31 18.38 21.86
C GLN D 736 -5.25 18.65 22.92
N TRP D 737 -4.10 17.99 22.81
CA TRP D 737 -3.02 18.17 23.79
C TRP D 737 -2.50 19.60 23.77
N ALA D 738 -2.28 20.16 22.57
CA ALA D 738 -1.83 21.54 22.46
C ALA D 738 -2.86 22.50 23.00
N THR D 739 -4.15 22.26 22.69
CA THR D 739 -5.20 23.14 23.18
C THR D 739 -5.27 23.09 24.71
N THR D 740 -5.13 21.90 25.29
CA THR D 740 -5.13 21.79 26.75
C THR D 740 -3.95 22.54 27.36
N ILE D 741 -2.76 22.40 26.77
CA ILE D 741 -1.59 23.12 27.30
C ILE D 741 -1.81 24.62 27.25
N LEU D 742 -2.30 25.13 26.12
CA LEU D 742 -2.48 26.56 25.97
C LEU D 742 -3.58 27.09 26.90
N ASP D 743 -4.66 26.31 27.06
CA ASP D 743 -5.74 26.74 27.93
C ASP D 743 -5.31 26.74 29.38
N ILE D 744 -4.46 25.79 29.77
CA ILE D 744 -3.86 25.83 31.11
C ILE D 744 -2.98 27.06 31.26
N GLU D 745 -2.20 27.37 30.23
CA GLU D 745 -1.29 28.50 30.30
C GLU D 745 -2.04 29.83 30.45
N ARG D 746 -3.15 30.00 29.74
CA ARG D 746 -3.89 31.27 29.82
C ARG D 746 -4.39 31.55 31.22
N SER D 747 -4.94 30.53 31.90
CA SER D 747 -5.53 30.73 33.22
C SER D 747 -4.52 31.26 34.23
N PHE D 748 -3.23 31.04 34.00
CA PHE D 748 -2.21 31.57 34.89
C PHE D 748 -2.15 33.09 34.75
N PRO D 749 -1.79 33.79 35.83
CA PRO D 749 -1.54 35.23 35.72
C PRO D 749 -0.28 35.51 34.91
N VAL D 750 -0.12 36.78 34.54
CA VAL D 750 1.00 37.18 33.69
C VAL D 750 2.32 36.87 34.37
N PHE D 751 2.42 37.17 35.68
CA PHE D 751 3.66 36.89 36.40
C PHE D 751 3.94 35.40 36.47
N LEU D 752 2.89 34.58 36.57
CA LEU D 752 3.10 33.13 36.60
C LEU D 752 3.53 32.62 35.23
N ARG D 753 2.96 33.17 34.16
CA ARG D 753 3.38 32.79 32.82
C ARG D 753 4.84 33.17 32.58
N LYS D 754 5.24 34.36 33.04
CA LYS D 754 6.64 34.77 32.91
C LYS D 754 7.56 33.90 33.76
N ALA D 755 7.08 33.45 34.92
CA ALA D 755 7.88 32.55 35.75
C ALA D 755 8.11 31.22 35.04
N PHE D 756 7.08 30.70 34.38
CA PHE D 756 7.16 29.44 33.63
C PHE D 756 7.49 29.67 32.16
N ARG D 757 7.92 30.87 31.80
CA ARG D 757 8.25 31.17 30.41
C ARG D 757 9.37 30.26 29.92
N SER D 758 9.19 29.70 28.73
CA SER D 758 10.17 28.81 28.13
C SER D 758 11.27 29.60 27.45
N GLY D 759 12.38 28.92 27.17
CA GLY D 759 13.51 29.54 26.53
C GLY D 759 14.43 30.25 27.51
N GLU D 760 15.43 30.92 26.94
CA GLU D 760 16.42 31.63 27.73
C GLU D 760 16.87 32.88 27.01
N MET D 761 17.19 33.92 27.79
CA MET D 761 17.70 35.16 27.24
C MET D 761 19.12 34.97 26.74
N VAL D 762 19.39 35.34 25.48
CA VAL D 762 20.69 35.17 24.87
C VAL D 762 21.06 36.44 24.12
N THR D 763 22.31 36.87 24.27
CA THR D 763 22.87 37.96 23.45
C THR D 763 23.31 37.35 22.13
N VAL D 764 22.43 37.45 21.13
CA VAL D 764 22.68 36.79 19.84
C VAL D 764 23.52 37.63 18.89
N GLY D 765 23.75 38.90 19.19
CA GLY D 765 24.56 39.73 18.32
C GLY D 765 24.46 41.19 18.72
N LYS D 766 25.06 42.03 17.90
CA LYS D 766 25.09 43.47 18.10
C LYS D 766 24.09 44.17 17.21
N SER D 767 23.82 45.44 17.55
CA SER D 767 22.89 46.26 16.79
C SER D 767 23.46 47.67 16.73
N SER D 768 22.62 48.63 16.34
CA SER D 768 23.03 50.02 16.27
C SER D 768 23.41 50.53 17.66
N ASP D 769 24.44 51.38 17.71
CA ASP D 769 24.99 51.94 18.94
C ASP D 769 25.54 50.86 19.88
N GLY D 770 25.82 49.67 19.35
CA GLY D 770 26.38 48.62 20.16
C GLY D 770 25.43 47.94 21.11
N THR D 771 24.13 48.20 20.99
CA THR D 771 23.17 47.59 21.90
C THR D 771 23.03 46.11 21.61
N PRO D 772 23.26 45.23 22.59
CA PRO D 772 23.12 43.80 22.34
C PRO D 772 21.68 43.41 22.08
N ASP D 773 21.50 42.37 21.26
CA ASP D 773 20.19 41.82 20.95
C ASP D 773 19.83 40.80 22.03
N ARG D 774 18.98 41.20 22.96
CA ARG D 774 18.56 40.34 24.06
C ARG D 774 17.23 39.70 23.69
N ARG D 775 17.32 38.59 22.96
CA ARG D 775 16.15 37.90 22.44
C ARG D 775 15.88 36.65 23.26
N TRP D 776 14.62 36.44 23.64
CA TRP D 776 14.22 35.20 24.29
C TRP D 776 14.27 34.07 23.27
N CYS D 777 15.30 33.25 23.33
CA CYS D 777 15.55 32.22 22.34
C CYS D 777 15.36 30.83 22.96
N PHE D 778 15.24 29.83 22.11
CA PHE D 778 14.91 28.47 22.51
C PHE D 778 15.93 27.51 21.89
N ARG D 779 16.80 26.95 22.72
CA ARG D 779 17.87 26.09 22.23
C ARG D 779 17.35 24.71 21.82
N VAL D 780 17.81 24.24 20.66
CA VAL D 780 17.48 22.92 20.14
C VAL D 780 18.79 22.28 19.67
N ASP D 781 19.36 21.40 20.48
CA ASP D 781 20.59 20.72 20.09
C ASP D 781 20.31 19.71 18.99
N GLU D 782 21.22 19.64 18.02
CA GLU D 782 21.11 18.71 16.90
C GLU D 782 22.46 18.05 16.62
N VAL D 783 22.45 17.15 15.65
CA VAL D 783 23.62 16.39 15.24
C VAL D 783 23.50 16.09 13.76
N ASN D 784 24.62 16.19 13.03
CA ASN D 784 24.60 15.96 11.59
C ASN D 784 26.01 15.64 11.12
N TRP D 785 26.21 14.43 10.62
CA TRP D 785 27.48 14.01 10.04
C TRP D 785 27.51 14.20 8.53
N SER D 786 27.12 15.36 8.04
CA SER D 786 27.15 15.57 6.60
C SER D 786 27.87 16.86 6.21
N HIS D 787 27.72 17.93 6.97
CA HIS D 787 28.36 19.20 6.69
C HIS D 787 29.24 19.57 7.87
N TRP D 788 30.47 19.98 7.58
CA TRP D 788 31.45 20.28 8.62
C TRP D 788 31.85 21.75 8.61
N12 F9M E . 16.35 -29.13 28.37
C15 F9M E . 20.40 -32.72 24.23
C17 F9M E . 21.84 -32.78 23.72
C20 F9M E . 20.23 -35.48 23.62
C21 F9M E . 19.65 -33.72 26.48
C22 F9M E . 19.67 -34.83 21.23
C24 F9M E . 19.06 -31.99 28.36
C26 F9M E . 18.68 -35.40 18.98
C28 F9M E . 20.06 -35.53 18.41
C16 F9M E . 21.07 -34.78 24.66
C18 F9M E . 22.25 -34.13 23.98
C19 F9M E . 19.49 -33.00 23.05
C23 F9M E . 18.83 -32.54 27.00
C25 F9M E . 17.74 -31.94 26.10
C27 F9M E . 21.25 -35.31 19.29
C29 F9M E . 18.24 -30.83 28.83
C30 F9M E . 17.18 -30.23 27.92
C31 F9M E . 20.26 -35.89 16.94
C32 F9M E . 16.81 -27.79 28.67
C33 F9M E . 16.81 -25.40 29.06
C34 F9M E . 18.16 -25.82 29.31
C35 F9M E . 16.24 -23.98 29.14
C36 F9M E . 16.40 -23.06 30.23
C37 F9M E . 15.05 -21.92 28.56
C38 F9M E . 17.17 -23.30 31.52
C39 F9M E . 14.21 -20.89 27.81
F03 F9M E . 19.99 -34.80 16.17
F04 F9M E . 21.55 -36.28 16.75
F05 F9M E . 19.42 -36.91 16.61
N07 F9M E . 20.34 -33.72 25.20
N08 F9M E . 19.54 -34.50 22.63
N09 F9M E . 18.47 -35.03 20.37
N10 F9M E . 21.03 -34.97 20.68
N11 F9M E . 16.93 -30.79 26.56
N13 F9M E . 15.96 -26.65 28.66
N14 F9M E . 15.63 -21.74 29.85
O06 F9M E . 19.71 -34.70 27.16
S01 F9M E . 18.22 -27.32 29.08
S02 F9M E . 15.40 -23.32 28.08
N12 F9M F . -19.28 -35.93 -14.87
C15 F9M F . -20.40 -34.74 -21.31
C17 F9M F . -19.72 -34.80 -22.67
C20 F9M F . -22.85 -34.64 -22.74
C21 F9M F . -21.69 -36.72 -20.27
C22 F9M F . -22.48 -32.14 -22.97
C24 F9M F . -20.14 -37.64 -18.36
C26 F9M F . -23.37 -29.82 -23.42
C28 F9M F . -22.74 -29.85 -24.79
C16 F9M F . -21.85 -35.78 -22.64
C18 F9M F . -20.67 -35.45 -23.53
C19 F9M F . -21.09 -33.40 -21.20
C23 F9M F . -21.03 -36.59 -18.90
C25 F9M F . -21.33 -35.33 -18.09
C27 F9M F . -22.00 -31.06 -25.23
C29 F9M F . -19.53 -37.46 -16.99
C30 F9M F . -19.82 -36.18 -16.19
C31 F9M F . -22.87 -28.67 -25.73
C32 F9M F . -18.01 -36.40 -14.33
C33 F9M F . -16.05 -36.58 -12.91
C34 F9M F . -15.90 -37.61 -13.91
C35 F9M F . -15.10 -36.23 -11.78
C36 F9M F . -14.18 -37.11 -11.09
C37 F9M F . -13.91 -34.94 -10.05
C38 F9M F . -13.97 -38.61 -11.35
C39 F9M F . -13.46 -33.78 -9.18
F03 F9M F . -24.14 -28.62 -26.25
F04 F9M F . -22.62 -27.50 -25.04
F05 F9M F . -21.97 -28.79 -26.73
N07 F9M F . -21.32 -35.81 -21.34
N08 F9M F . -22.33 -33.31 -22.14
N09 F9M F . -23.22 -30.93 -22.50
N10 F9M F . -21.88 -32.18 -24.33
N11 F9M F . -20.71 -35.15 -16.75
N13 F9M F . -17.39 -35.82 -13.20
N14 F9M F . -13.44 -36.28 -9.99
O06 F9M F . -22.50 -37.56 -20.47
S01 F9M F . -17.10 -37.55 -14.83
S02 F9M F . -14.97 -34.86 -11.16
N12 F9M G . -38.96 17.87 -8.96
C15 F9M G . -37.14 24.38 -9.83
C17 F9M G . -36.72 25.36 -10.91
C20 F9M G . -38.00 26.63 -8.33
C21 F9M G . -39.61 23.78 -9.33
C22 F9M G . -35.62 26.88 -7.50
C24 F9M G . -40.36 21.38 -10.06
C26 F9M G . -33.97 27.78 -5.82
C28 F9M G . -33.53 28.82 -6.81
C16 F9M G . -38.55 26.08 -9.63
C18 F9M G . -37.62 26.48 -10.75
C19 F9M G . -36.28 24.64 -8.62
C23 F9M G . -39.46 22.27 -9.27
C25 F9M G . -38.40 21.66 -8.36
C27 F9M G . -34.16 28.87 -8.16
C29 F9M G . -40.19 19.90 -9.97
C30 F9M G . -39.11 19.31 -9.07
C31 F9M G . -32.44 29.82 -6.45
C32 F9M G . -38.55 16.96 -10.01
C33 F9M G . -37.68 15.01 -11.14
C34 F9M G . -38.09 15.91 -12.19
C35 F9M G . -37.05 13.63 -11.28
C36 F9M G . -37.52 12.54 -12.09
C37 F9M G . -35.52 11.72 -10.98
C38 F9M G . -38.75 12.57 -13.00
C39 F9M G . -34.35 10.86 -10.50
F03 F9M G . -31.22 29.20 -6.49
F04 F9M G . -32.45 30.84 -7.34
F05 F9M G . -32.66 30.30 -5.19
N07 F9M G . -38.49 24.68 -9.60
N08 F9M G . -36.67 25.97 -7.91
N09 F9M G . -34.99 26.80 -6.15
N10 F9M G . -35.19 27.92 -8.49
N11 F9M G . -38.23 20.19 -8.27
N13 F9M G . -37.97 15.69 -9.76
N14 F9M G . -36.54 11.33 -11.90
O06 F9M G . -40.68 24.27 -9.14
S01 F9M G . -38.65 17.16 -11.53
S02 F9M G . -35.80 13.17 -10.56
N12 F9M H . -5.60 23.57 36.00
C15 F9M H . 0.55 24.85 38.16
C17 F9M H . 1.71 25.83 37.95
C20 F9M H . 1.81 24.16 40.61
C21 F9M H . -1.35 25.25 39.85
C22 F9M H . 3.26 22.57 39.28
C24 F9M H . -3.46 25.91 38.40
C26 F9M H . 4.81 20.58 39.16
C28 F9M H . 5.98 21.49 39.00
C16 F9M H . 1.16 25.47 40.20
C18 F9M H . 2.11 26.21 39.29
C19 F9M H . 1.12 23.46 38.15
C23 F9M H . -2.46 24.90 38.86
C25 F9M H . -2.54 23.47 38.36
C27 F9M H . 5.77 22.96 38.99
C29 F9M H . -4.52 25.49 37.43
C30 F9M H . -4.58 24.05 36.93
C31 F9M H . 7.39 20.93 38.84
C32 F9M H . -6.27 24.33 34.97
C33 F9M H . -7.56 24.84 32.98
C34 F9M H . -7.22 26.12 33.55
C35 F9M H . -8.36 24.58 31.70
C36 F9M H . -9.38 25.40 31.12
C37 F9M H . -9.18 23.47 29.67
C38 F9M H . -9.90 26.75 31.64
C39 F9M H . -9.35 22.45 28.55
F03 F9M H . 7.85 20.49 40.05
F04 F9M H . 7.38 19.91 37.95
F05 F9M H . 8.22 21.92 38.38
N07 F9M H . 0.04 25.21 39.42
N08 F9M H . 1.97 23.17 39.43
N09 F9M H . 3.45 21.08 39.27
N10 F9M H . 4.43 23.48 39.14
N11 F9M H . -3.58 23.06 37.41
N13 F9M H . -6.96 23.72 33.89
N14 F9M H . -9.90 24.69 29.82
O06 F9M H . -1.62 25.56 40.96
S01 F9M H . -6.41 25.85 34.80
S02 F9M H . -8.19 23.36 30.84
#